data_2FLE
# 
_entry.id   2FLE 
# 
_audit_conform.dict_name       mmcif_pdbx.dic 
_audit_conform.dict_version    5.377 
_audit_conform.dict_location   http://mmcif.pdb.org/dictionaries/ascii/mmcif_pdbx.dic 
# 
loop_
_database_2.database_id 
_database_2.database_code 
_database_2.pdbx_database_accession 
_database_2.pdbx_DOI 
PDB   2FLE         pdb_00002fle 10.2210/pdb2fle/pdb 
RCSB  RCSB036017   ?            ?                   
WWPDB D_1000036017 ?            ?                   
# 
_pdbx_database_status.entry_id                        2FLE 
_pdbx_database_status.deposit_site                    RCSB 
_pdbx_database_status.process_site                    RCSB 
_pdbx_database_status.recvd_initial_deposition_date   2006-01-05 
_pdbx_database_status.status_code                     REL 
_pdbx_database_status.status_code_sf                  REL 
_pdbx_database_status.status_code_mr                  ? 
_pdbx_database_status.SG_entry                        ? 
_pdbx_database_status.pdb_format_compatible           Y 
_pdbx_database_status.status_code_cs                  ? 
_pdbx_database_status.methods_development_category    ? 
_pdbx_database_status.status_code_nmr_data            ? 
# 
loop_
_audit_author.name 
_audit_author.pdbx_ordinal 
'Clemente, J.C.' 1 
'Robbins, A.'    2 
'Dunn, B.M.'     3 
'Sussman, F.'    4 
# 
_citation.id                        primary 
_citation.title                     
;Design, synthesis, evaluation, and crystallographic-based structural studies of HIV-1 protease inhibitors with reduced response to the V82A mutation.
;
_citation.journal_abbrev            J.Med.Chem. 
_citation.journal_volume            51 
_citation.page_first                852 
_citation.page_last                 860 
_citation.year                      2008 
_citation.journal_id_ASTM           JMCMAR 
_citation.country                   US 
_citation.journal_id_ISSN           0022-2623 
_citation.journal_id_CSD            0151 
_citation.book_publisher            ? 
_citation.pdbx_database_id_PubMed   18215016 
_citation.pdbx_database_id_DOI      10.1021/jm701170f 
# 
loop_
_citation_author.citation_id 
_citation_author.name 
_citation_author.ordinal 
_citation_author.identifier_ORCID 
primary 'Clemente, J.C.'       1  ? 
primary 'Robbins, A.'          2  ? 
primary 'Grana, P.'            3  ? 
primary 'Paleo, M.R.'          4  ? 
primary 'Correa, J.F.'         5  ? 
primary 'Villaverde, M.C.'     6  ? 
primary 'Sardina, F.J.'        7  ? 
primary 'Govindasamy, L.'      8  ? 
primary 'Agbandje-McKenna, M.' 9  ? 
primary 'McKenna, R.'          10 ? 
primary 'Dunn, B.M.'           11 ? 
primary 'Sussman, F.'          12 ? 
# 
_cell.entry_id           2FLE 
_cell.length_a           62.195 
_cell.length_b           62.195 
_cell.length_c           82.752 
_cell.angle_alpha        90.00 
_cell.angle_beta         90.00 
_cell.angle_gamma        120.00 
_cell.Z_PDB              12 
_cell.pdbx_unique_axis   ? 
_cell.length_a_esd       ? 
_cell.length_b_esd       ? 
_cell.length_c_esd       ? 
_cell.angle_alpha_esd    ? 
_cell.angle_beta_esd     ? 
_cell.angle_gamma_esd    ? 
# 
_symmetry.entry_id                         2FLE 
_symmetry.space_group_name_H-M             'P 61' 
_symmetry.pdbx_full_space_group_name_H-M   ? 
_symmetry.cell_setting                     ? 
_symmetry.Int_Tables_number                169 
_symmetry.space_group_name_Hall            ? 
# 
loop_
_entity.id 
_entity.type 
_entity.src_method 
_entity.pdbx_description 
_entity.formula_weight 
_entity.pdbx_number_of_molecules 
_entity.pdbx_ec 
_entity.pdbx_mutation 
_entity.pdbx_fragment 
_entity.details 
1 polymer     man 'pol protein' 10747.688 2  ? V82A 'HIV-1 protease' ? 
2 non-polymer syn GLYCEROL 92.094    1  ? ?    ?                ? 
3 non-polymer syn 
;(2S,2'S)-N,N'-[(2S,3S,4S,5S)-1-CYCLOHEXYL-3,4-DIHYDROXY-6-PHENYLHEXANE-2,5-DIYL]BIS[3-METHYL-2-({[METHYL(PYRIDIN-2-YLMETHYL)AMINO]CARBONYL}AMINO)BUTANAMIDE]
;
801.029   1  ? ?    ?                ? 
4 water       nat water 18.015    77 ? ?    ?                ? 
# 
_entity_poly.entity_id                      1 
_entity_poly.type                           'polypeptide(L)' 
_entity_poly.nstd_linkage                   no 
_entity_poly.nstd_monomer                   no 
_entity_poly.pdbx_seq_one_letter_code       
;PQITLWQRPLVTIKIGGQLKEALLDTGADDTVLEEMSLPGKWKPKMIGGIGGFIKVRQYDQILIEICGHKAIGTVLVGPT
PANIIGRNLLTQIGCTLNF
;
_entity_poly.pdbx_seq_one_letter_code_can   
;PQITLWQRPLVTIKIGGQLKEALLDTGADDTVLEEMSLPGKWKPKMIGGIGGFIKVRQYDQILIEICGHKAIGTVLVGPT
PANIIGRNLLTQIGCTLNF
;
_entity_poly.pdbx_strand_id                 A,B 
_entity_poly.pdbx_target_identifier         ? 
# 
loop_
_entity_poly_seq.entity_id 
_entity_poly_seq.num 
_entity_poly_seq.mon_id 
_entity_poly_seq.hetero 
1 1  PRO n 
1 2  GLN n 
1 3  ILE n 
1 4  THR n 
1 5  LEU n 
1 6  TRP n 
1 7  GLN n 
1 8  ARG n 
1 9  PRO n 
1 10 LEU n 
1 11 VAL n 
1 12 THR n 
1 13 ILE n 
1 14 LYS n 
1 15 ILE n 
1 16 GLY n 
1 17 GLY n 
1 18 GLN n 
1 19 LEU n 
1 20 LYS n 
1 21 GLU n 
1 22 ALA n 
1 23 LEU n 
1 24 LEU n 
1 25 ASP n 
1 26 THR n 
1 27 GLY n 
1 28 ALA n 
1 29 ASP n 
1 30 ASP n 
1 31 THR n 
1 32 VAL n 
1 33 LEU n 
1 34 GLU n 
1 35 GLU n 
1 36 MET n 
1 37 SER n 
1 38 LEU n 
1 39 PRO n 
1 40 GLY n 
1 41 LYS n 
1 42 TRP n 
1 43 LYS n 
1 44 PRO n 
1 45 LYS n 
1 46 MET n 
1 47 ILE n 
1 48 GLY n 
1 49 GLY n 
1 50 ILE n 
1 51 GLY n 
1 52 GLY n 
1 53 PHE n 
1 54 ILE n 
1 55 LYS n 
1 56 VAL n 
1 57 ARG n 
1 58 GLN n 
1 59 TYR n 
1 60 ASP n 
1 61 GLN n 
1 62 ILE n 
1 63 LEU n 
1 64 ILE n 
1 65 GLU n 
1 66 ILE n 
1 67 CYS n 
1 68 GLY n 
1 69 HIS n 
1 70 LYS n 
1 71 ALA n 
1 72 ILE n 
1 73 GLY n 
1 74 THR n 
1 75 VAL n 
1 76 LEU n 
1 77 VAL n 
1 78 GLY n 
1 79 PRO n 
1 80 THR n 
1 81 PRO n 
1 82 ALA n 
1 83 ASN n 
1 84 ILE n 
1 85 ILE n 
1 86 GLY n 
1 87 ARG n 
1 88 ASN n 
1 89 LEU n 
1 90 LEU n 
1 91 THR n 
1 92 GLN n 
1 93 ILE n 
1 94 GLY n 
1 95 CYS n 
1 96 THR n 
1 97 LEU n 
1 98 ASN n 
1 99 PHE n 
# 
_entity_src_gen.entity_id                          1 
_entity_src_gen.pdbx_src_id                        1 
_entity_src_gen.pdbx_alt_source_flag               sample 
_entity_src_gen.pdbx_seq_type                      ? 
_entity_src_gen.pdbx_beg_seq_num                   ? 
_entity_src_gen.pdbx_end_seq_num                   ? 
_entity_src_gen.gene_src_common_name               ? 
_entity_src_gen.gene_src_genus                     Lentivirus 
_entity_src_gen.pdbx_gene_src_gene                 ? 
_entity_src_gen.gene_src_species                   ? 
_entity_src_gen.gene_src_strain                    ? 
_entity_src_gen.gene_src_tissue                    ? 
_entity_src_gen.gene_src_tissue_fraction           ? 
_entity_src_gen.gene_src_details                   ? 
_entity_src_gen.pdbx_gene_src_fragment             ? 
_entity_src_gen.pdbx_gene_src_scientific_name      'Human immunodeficiency virus 1' 
_entity_src_gen.pdbx_gene_src_ncbi_taxonomy_id     11676 
_entity_src_gen.pdbx_gene_src_variant              ? 
_entity_src_gen.pdbx_gene_src_cell_line            ? 
_entity_src_gen.pdbx_gene_src_atcc                 ? 
_entity_src_gen.pdbx_gene_src_organ                ? 
_entity_src_gen.pdbx_gene_src_organelle            ? 
_entity_src_gen.pdbx_gene_src_cell                 ? 
_entity_src_gen.pdbx_gene_src_cellular_location    ? 
_entity_src_gen.host_org_common_name               ? 
_entity_src_gen.pdbx_host_org_scientific_name      'Escherichia coli' 
_entity_src_gen.pdbx_host_org_ncbi_taxonomy_id     562 
_entity_src_gen.host_org_genus                     Escherichia 
_entity_src_gen.pdbx_host_org_gene                 ? 
_entity_src_gen.pdbx_host_org_organ                ? 
_entity_src_gen.host_org_species                   ? 
_entity_src_gen.pdbx_host_org_tissue               ? 
_entity_src_gen.pdbx_host_org_tissue_fraction      ? 
_entity_src_gen.pdbx_host_org_strain               'BL21 Star DE3 pLysS' 
_entity_src_gen.pdbx_host_org_variant              ? 
_entity_src_gen.pdbx_host_org_cell_line            ? 
_entity_src_gen.pdbx_host_org_atcc                 ? 
_entity_src_gen.pdbx_host_org_culture_collection   ? 
_entity_src_gen.pdbx_host_org_cell                 ? 
_entity_src_gen.pdbx_host_org_organelle            ? 
_entity_src_gen.pdbx_host_org_cellular_location    ? 
_entity_src_gen.pdbx_host_org_vector_type          plasmid 
_entity_src_gen.pdbx_host_org_vector               ? 
_entity_src_gen.host_org_details                   ? 
_entity_src_gen.expression_system_id               ? 
_entity_src_gen.plasmid_name                       pET23a 
_entity_src_gen.plasmid_details                    ? 
_entity_src_gen.pdbx_description                   ? 
# 
_struct_ref.id                         1 
_struct_ref.db_name                    GB 
_struct_ref.db_code                    AAO73975 
_struct_ref.pdbx_db_accession          33304696 
_struct_ref.entity_id                  1 
_struct_ref.pdbx_seq_one_letter_code   
;PQITLWQRPLVTIRIGGQLKEALLDTGADDTVLEEMSLPGKWKPKMIGGIGGFIKVRQYDQILIEICGHKAIGTVLVGPT
PVNIIGRNLLTQIGCTLNF
;
_struct_ref.pdbx_align_begin           7 
_struct_ref.pdbx_db_isoform            ? 
# 
loop_
_struct_ref_seq.align_id 
_struct_ref_seq.ref_id 
_struct_ref_seq.pdbx_PDB_id_code 
_struct_ref_seq.pdbx_strand_id 
_struct_ref_seq.seq_align_beg 
_struct_ref_seq.pdbx_seq_align_beg_ins_code 
_struct_ref_seq.seq_align_end 
_struct_ref_seq.pdbx_seq_align_end_ins_code 
_struct_ref_seq.pdbx_db_accession 
_struct_ref_seq.db_align_beg 
_struct_ref_seq.pdbx_db_align_beg_ins_code 
_struct_ref_seq.db_align_end 
_struct_ref_seq.pdbx_db_align_end_ins_code 
_struct_ref_seq.pdbx_auth_seq_align_beg 
_struct_ref_seq.pdbx_auth_seq_align_end 
1 1 2FLE A 1 ? 99 ? 33304696 7 ? 105 ? 1 99 
2 1 2FLE B 1 ? 99 ? 33304696 7 ? 105 ? 1 99 
# 
loop_
_struct_ref_seq_dif.align_id 
_struct_ref_seq_dif.pdbx_pdb_id_code 
_struct_ref_seq_dif.mon_id 
_struct_ref_seq_dif.pdbx_pdb_strand_id 
_struct_ref_seq_dif.seq_num 
_struct_ref_seq_dif.pdbx_pdb_ins_code 
_struct_ref_seq_dif.pdbx_seq_db_name 
_struct_ref_seq_dif.pdbx_seq_db_accession_code 
_struct_ref_seq_dif.db_mon_id 
_struct_ref_seq_dif.pdbx_seq_db_seq_num 
_struct_ref_seq_dif.details 
_struct_ref_seq_dif.pdbx_auth_seq_num 
_struct_ref_seq_dif.pdbx_ordinal 
1 2FLE ALA A 82 ? GB 33304696 VAL 88 'engineered mutation' 82 1 
2 2FLE ALA B 82 ? GB 33304696 VAL 88 'engineered mutation' 82 2 
# 
loop_
_chem_comp.id 
_chem_comp.type 
_chem_comp.mon_nstd_flag 
_chem_comp.name 
_chem_comp.pdbx_synonyms 
_chem_comp.formula 
_chem_comp.formula_weight 
AI  non-polymer         . 
;(2S,2'S)-N,N'-[(2S,3S,4S,5S)-1-CYCLOHEXYL-3,4-DIHYDROXY-6-PHENYLHEXANE-2,5-DIYL]BIS[3-METHYL-2-({[METHYL(PYRIDIN-2-YLMETHYL)AMINO]CARBONYL}AMINO)BUTANAMIDE]
;
?                               'C44 H64 N8 O6'  801.029 
ALA 'L-peptide linking' y ALANINE ?                               'C3 H7 N O2'     89.093  
ARG 'L-peptide linking' y ARGININE ?                               'C6 H15 N4 O2 1' 175.209 
ASN 'L-peptide linking' y ASPARAGINE ?                               'C4 H8 N2 O3'    132.118 
ASP 'L-peptide linking' y 'ASPARTIC ACID' ?                               'C4 H7 N O4'     133.103 
CYS 'L-peptide linking' y CYSTEINE ?                               'C3 H7 N O2 S'   121.158 
GLN 'L-peptide linking' y GLUTAMINE ?                               'C5 H10 N2 O3'   146.144 
GLU 'L-peptide linking' y 'GLUTAMIC ACID' ?                               'C5 H9 N O4'     147.129 
GLY 'peptide linking'   y GLYCINE ?                               'C2 H5 N O2'     75.067  
GOL non-polymer         . GLYCEROL 'GLYCERIN; PROPANE-1,2,3-TRIOL' 'C3 H8 O3'       92.094  
HIS 'L-peptide linking' y HISTIDINE ?                               'C6 H10 N3 O2 1' 156.162 
HOH non-polymer         . WATER ?                               'H2 O'           18.015  
ILE 'L-peptide linking' y ISOLEUCINE ?                               'C6 H13 N O2'    131.173 
LEU 'L-peptide linking' y LEUCINE ?                               'C6 H13 N O2'    131.173 
LYS 'L-peptide linking' y LYSINE ?                               'C6 H15 N2 O2 1' 147.195 
MET 'L-peptide linking' y METHIONINE ?                               'C5 H11 N O2 S'  149.211 
PHE 'L-peptide linking' y PHENYLALANINE ?                               'C9 H11 N O2'    165.189 
PRO 'L-peptide linking' y PROLINE ?                               'C5 H9 N O2'     115.130 
SER 'L-peptide linking' y SERINE ?                               'C3 H7 N O3'     105.093 
THR 'L-peptide linking' y THREONINE ?                               'C4 H9 N O3'     119.119 
TRP 'L-peptide linking' y TRYPTOPHAN ?                               'C11 H12 N2 O2'  204.225 
TYR 'L-peptide linking' y TYROSINE ?                               'C9 H11 N O3'    181.189 
VAL 'L-peptide linking' y VALINE ?                               'C5 H11 N O2'    117.146 
# 
_exptl.entry_id          2FLE 
_exptl.crystals_number   1 
_exptl.method            'X-RAY DIFFRACTION' 
# 
_exptl_crystal.id                    1 
_exptl_crystal.density_Matthews      2.14 
_exptl_crystal.density_meas          ? 
_exptl_crystal.density_percent_sol   42.59 
_exptl_crystal.description           ? 
_exptl_crystal.F_000                 ? 
_exptl_crystal.preparation           ? 
# 
_exptl_crystal_grow.crystal_id      1 
_exptl_crystal_grow.method          'VAPOR DIFFUSION' 
_exptl_crystal_grow.pH              6.5 
_exptl_crystal_grow.temp            298 
_exptl_crystal_grow.temp_details    ? 
_exptl_crystal_grow.pdbx_details    
;0.1 M Sodium Cacodylate pH 6.5, 0.2 M Magnesium Acetate tetrahydrate, 20% Polyethylene Glycol 8000. (Hampton Research Crystal Screen Solution #18), VAPOR DIFFUSION, temperature 298K
;
_exptl_crystal_grow.pdbx_pH_range   . 
# 
_diffrn.id                     1 
_diffrn.ambient_temp           100 
_diffrn.ambient_temp_details   ? 
_diffrn.crystal_id             1 
# 
_diffrn_detector.diffrn_id              1 
_diffrn_detector.detector               CCD 
_diffrn_detector.type                   'ADSC QUANTUM 315' 
_diffrn_detector.pdbx_collection_date   2005-06-22 
_diffrn_detector.details                ? 
# 
_diffrn_radiation.diffrn_id                        1 
_diffrn_radiation.wavelength_id                    1 
_diffrn_radiation.pdbx_diffrn_protocol             'SINGLE WAVELENGTH' 
_diffrn_radiation.monochromator                    ? 
_diffrn_radiation.pdbx_monochromatic_or_laue_m_l   M 
_diffrn_radiation.pdbx_scattering_type             x-ray 
# 
_diffrn_radiation_wavelength.id           1 
_diffrn_radiation_wavelength.wavelength   1.0 
_diffrn_radiation_wavelength.wt           1.0 
# 
_diffrn_source.diffrn_id                   1 
_diffrn_source.source                      SYNCHROTRON 
_diffrn_source.type                        'NSLS BEAMLINE X29A' 
_diffrn_source.pdbx_wavelength             ? 
_diffrn_source.pdbx_wavelength_list        1.0 
_diffrn_source.pdbx_synchrotron_site       NSLS 
_diffrn_source.pdbx_synchrotron_beamline   X29A 
# 
_reflns.entry_id                     2FLE 
_reflns.d_resolution_low             40 
_reflns.d_resolution_high            1.90 
_reflns.number_obs                   14371 
_reflns.percent_possible_obs         99.900 
_reflns.pdbx_Rmerge_I_obs            0.075 
_reflns.pdbx_chi_squared             1.240 
_reflns.pdbx_redundancy              5.300 
_reflns.pdbx_scaling_rejects         ? 
_reflns.pdbx_netI_over_sigmaI        22.6 
_reflns.pdbx_Rsym_value              ? 
_reflns.observed_criterion_sigma_F   2 
_reflns.observed_criterion_sigma_I   2 
_reflns.number_all                   14460 
_reflns.B_iso_Wilson_estimate        36.4 
_reflns.R_free_details               ? 
_reflns.limit_h_max                  ? 
_reflns.limit_h_min                  ? 
_reflns.limit_k_max                  ? 
_reflns.limit_k_min                  ? 
_reflns.limit_l_max                  ? 
_reflns.limit_l_min                  ? 
_reflns.observed_criterion_F_max     ? 
_reflns.observed_criterion_F_min     ? 
_reflns.pdbx_ordinal                 1 
_reflns.pdbx_diffrn_id               1 
# 
_reflns_shell.d_res_low              1.97 
_reflns_shell.d_res_high             1.90 
_reflns_shell.number_unique_all      1424 
_reflns_shell.percent_possible_all   100.000 
_reflns_shell.Rmerge_I_obs           0.486 
_reflns_shell.pdbx_chi_squared       0.993 
_reflns_shell.pdbx_redundancy        5.300 
_reflns_shell.number_unique_obs      ? 
_reflns_shell.meanI_over_sigI_obs    2.8 
_reflns_shell.pdbx_Rsym_value        ? 
_reflns_shell.percent_possible_obs   ? 
_reflns_shell.number_measured_all    ? 
_reflns_shell.number_measured_obs    ? 
_reflns_shell.pdbx_ordinal           1 
_reflns_shell.pdbx_diffrn_id         1 
# 
_refine.ls_d_res_high                            1.900 
_refine.ls_d_res_low                             19.770 
_refine.pdbx_ls_sigma_F                          2.00 
_refine.pdbx_data_cutoff_high_absF               481957.719 
_refine.pdbx_data_cutoff_low_absF                0.000 
_refine.ls_percent_reflns_obs                    90.000 
_refine.ls_number_reflns_obs                     12939 
_refine.pdbx_ls_cross_valid_method               THROUGHOUT 
_refine.pdbx_R_Free_selection_details            RANDOM 
_refine.ls_R_factor_R_work                       0.199 
_refine.ls_R_factor_R_free                       0.2505 
_refine.ls_percent_reflns_R_free                 5.000 
_refine.ls_number_reflns_R_free                  652 
_refine.ls_R_factor_R_free_error                 0.009 
_refine.B_iso_mean                               33.500 
_refine.solvent_model_param_bsol                 57.034 
_refine.solvent_model_param_ksol                 0.409 
_refine.pdbx_isotropic_thermal_model             RESTRAINED 
_refine.aniso_B[1][1]                            0.300 
_refine.aniso_B[2][2]                            0.300 
_refine.aniso_B[3][3]                            -0.600 
_refine.aniso_B[1][2]                            0.610 
_refine.aniso_B[1][3]                            0.000 
_refine.aniso_B[2][3]                            0.000 
_refine.solvent_model_details                    'FLAT MODEL' 
_refine.entry_id                                 2FLE 
_refine.pdbx_ls_sigma_I                          2 
_refine.ls_number_reflns_all                     ? 
_refine.ls_R_factor_all                          ? 
_refine.ls_R_factor_obs                          0.207 
_refine.ls_redundancy_reflns_obs                 ? 
_refine.ls_number_parameters                     ? 
_refine.ls_number_restraints                     ? 
_refine.ls_R_factor_R_free_error_details         ? 
_refine.pdbx_method_to_determine_struct          'MOLECULAR REPLACEMENT' 
_refine.pdbx_starting_model                      1hxw 
_refine.pdbx_stereochem_target_val_spec_case     ? 
_refine.pdbx_stereochemistry_target_values       'Engh & Huber' 
_refine.occupancy_max                            ? 
_refine.occupancy_min                            ? 
_refine.details                                  ? 
_refine.B_iso_min                                ? 
_refine.B_iso_max                                ? 
_refine.correlation_coeff_Fo_to_Fc               ? 
_refine.correlation_coeff_Fo_to_Fc_free          ? 
_refine.pdbx_solvent_vdw_probe_radii             ? 
_refine.pdbx_solvent_ion_probe_radii             ? 
_refine.pdbx_solvent_shrinkage_radii             ? 
_refine.overall_SU_R_Cruickshank_DPI             ? 
_refine.overall_SU_R_free                        ? 
_refine.overall_SU_ML                            ? 
_refine.overall_SU_B                             ? 
_refine.pdbx_overall_ESU_R_Free                  ? 
_refine.pdbx_data_cutoff_high_rms_absF           ? 
_refine.pdbx_overall_ESU_R                       ? 
_refine.ls_wR_factor_R_free                      ? 
_refine.ls_wR_factor_R_work                      ? 
_refine.overall_FOM_free_R_set                   ? 
_refine.overall_FOM_work_R_set                   ? 
_refine.pdbx_refine_id                           'X-RAY DIFFRACTION' 
_refine.pdbx_diffrn_id                           1 
_refine.pdbx_TLS_residual_ADP_flag               ? 
_refine.pdbx_overall_phase_error                 ? 
_refine.pdbx_overall_SU_R_free_Cruickshank_DPI   ? 
_refine.pdbx_overall_SU_R_Blow_DPI               ? 
_refine.pdbx_overall_SU_R_free_Blow_DPI          ? 
# 
_refine_analyze.Luzzati_coordinate_error_obs    0.220 
_refine_analyze.Luzzati_sigma_a_obs             0.140 
_refine_analyze.Luzzati_d_res_low_obs           5.000 
_refine_analyze.Luzzati_coordinate_error_free   0.270 
_refine_analyze.Luzzati_sigma_a_free            0.190 
_refine_analyze.pdbx_refine_id                  'X-RAY DIFFRACTION' 
_refine_analyze.entry_id                        2FLE 
_refine_analyze.Luzzati_d_res_low_free          ? 
_refine_analyze.number_disordered_residues      ? 
_refine_analyze.occupancy_sum_hydrogen          ? 
_refine_analyze.occupancy_sum_non_hydrogen      ? 
# 
_refine_hist.pdbx_refine_id                   'X-RAY DIFFRACTION' 
_refine_hist.cycle_id                         LAST 
_refine_hist.pdbx_number_atoms_protein        1508 
_refine_hist.pdbx_number_atoms_nucleic_acid   0 
_refine_hist.pdbx_number_atoms_ligand         64 
_refine_hist.number_atoms_solvent             77 
_refine_hist.number_atoms_total               1649 
_refine_hist.d_res_high                       1.900 
_refine_hist.d_res_low                        19.770 
# 
loop_
_refine_ls_restr.type 
_refine_ls_restr.number 
_refine_ls_restr.dev_ideal 
_refine_ls_restr.dev_ideal_target 
_refine_ls_restr.weight 
_refine_ls_restr.pdbx_refine_id 
_refine_ls_restr.pdbx_restraint_function 
c_bond_d           ? 0.009  ? ?     'X-RAY DIFFRACTION' ? 
c_angle_deg        ? 1.500  ? ?     'X-RAY DIFFRACTION' ? 
c_dihedral_angle_d ? 25.800 ? ?     'X-RAY DIFFRACTION' ? 
c_improper_angle_d ? 0.870  ? ?     'X-RAY DIFFRACTION' ? 
c_mcbond_it        ? 1.910  ? 1.500 'X-RAY DIFFRACTION' ? 
c_mcangle_it       ? 2.780  ? 2.000 'X-RAY DIFFRACTION' ? 
c_scbond_it        ? 3.180  ? 2.000 'X-RAY DIFFRACTION' ? 
c_scangle_it       ? 4.620  ? 2.500 'X-RAY DIFFRACTION' ? 
# 
_refine_ls_shell.d_res_high                       1.900 
_refine_ls_shell.d_res_low                        2.020 
_refine_ls_shell.pdbx_total_number_of_bins_used   6 
_refine_ls_shell.percent_reflns_obs               75.800 
_refine_ls_shell.number_reflns_R_work             1724 
_refine_ls_shell.R_factor_all                     ? 
_refine_ls_shell.R_factor_R_work                  0.225 
_refine_ls_shell.R_factor_R_free                  0.268 
_refine_ls_shell.percent_reflns_R_free            4.900 
_refine_ls_shell.number_reflns_R_free             88 
_refine_ls_shell.R_factor_R_free_error            0.029 
_refine_ls_shell.number_reflns_all                ? 
_refine_ls_shell.number_reflns_obs                1812 
_refine_ls_shell.redundancy_reflns_obs            ? 
_refine_ls_shell.pdbx_refine_id                   'X-RAY DIFFRACTION' 
# 
loop_
_pdbx_xplor_file.serial_no 
_pdbx_xplor_file.param_file 
_pdbx_xplor_file.topol_file 
_pdbx_xplor_file.pdbx_refine_id 
1 protein.top    protein_rep.param 'X-RAY DIFFRACTION' 
2 water.top      water_rep.param   'X-RAY DIFFRACTION' 
3 INH1_sync2.top INH1_sync2.param  'X-RAY DIFFRACTION' 
4 GOL.top        GOL.param         'X-RAY DIFFRACTION' 
# 
_struct.entry_id                  2FLE 
_struct.title                     'Structural analysis of asymmetric inhibitor bound to the HIV-1 Protease V82A mutant' 
_struct.pdbx_model_details        ? 
_struct.pdbx_CASP_flag            ? 
_struct.pdbx_model_type_details   ? 
# 
_struct_keywords.entry_id        2FLE 
_struct_keywords.pdbx_keywords   'hydrolase/hydrolase inhibitor' 
_struct_keywords.text            'HIV-1 protease, inhibitor, resistance, induced fit, hydrolase-hydrolase inhibitor COMPLEX' 
# 
loop_
_struct_asym.id 
_struct_asym.pdbx_blank_PDB_chainid_flag 
_struct_asym.pdbx_modified 
_struct_asym.entity_id 
_struct_asym.details 
A N N 1 ? 
B N N 1 ? 
C N N 2 ? 
D N N 3 ? 
E N N 4 ? 
F N N 4 ? 
# 
_struct_biol.id                    1 
_struct_biol.details               'The asymetric unit consist of the HIV protease homodimer' 
_struct_biol.pdbx_parent_biol_id   ? 
# 
loop_
_struct_conf.conf_type_id 
_struct_conf.id 
_struct_conf.pdbx_PDB_helix_id 
_struct_conf.beg_label_comp_id 
_struct_conf.beg_label_asym_id 
_struct_conf.beg_label_seq_id 
_struct_conf.pdbx_beg_PDB_ins_code 
_struct_conf.end_label_comp_id 
_struct_conf.end_label_asym_id 
_struct_conf.end_label_seq_id 
_struct_conf.pdbx_end_PDB_ins_code 
_struct_conf.beg_auth_comp_id 
_struct_conf.beg_auth_asym_id 
_struct_conf.beg_auth_seq_id 
_struct_conf.end_auth_comp_id 
_struct_conf.end_auth_asym_id 
_struct_conf.end_auth_seq_id 
_struct_conf.pdbx_PDB_helix_class 
_struct_conf.details 
_struct_conf.pdbx_PDB_helix_length 
HELX_P HELX_P1 1 GLY A 86 ? THR A 91 ? GLY A 86 THR A 91 1 ? 6 
HELX_P HELX_P2 2 GLN A 92 ? GLY A 94 ? GLN A 92 GLY A 94 5 ? 3 
HELX_P HELX_P3 3 GLY B 86 ? THR B 91 ? GLY B 86 THR B 91 1 ? 6 
HELX_P HELX_P4 4 GLN B 92 ? GLY B 94 ? GLN B 92 GLY B 94 5 ? 3 
# 
_struct_conf_type.id          HELX_P 
_struct_conf_type.criteria    ? 
_struct_conf_type.reference   ? 
# 
loop_
_struct_sheet.id 
_struct_sheet.type 
_struct_sheet.number_strands 
_struct_sheet.details 
A ? 4 ? 
B ? 8 ? 
C ? 8 ? 
# 
loop_
_struct_sheet_order.sheet_id 
_struct_sheet_order.range_id_1 
_struct_sheet_order.range_id_2 
_struct_sheet_order.offset 
_struct_sheet_order.sense 
A 1 2 ? anti-parallel 
A 2 3 ? anti-parallel 
A 3 4 ? anti-parallel 
B 1 2 ? anti-parallel 
B 2 3 ? anti-parallel 
B 3 4 ? parallel      
B 4 5 ? anti-parallel 
B 5 6 ? parallel      
B 6 7 ? anti-parallel 
B 7 8 ? anti-parallel 
C 1 2 ? anti-parallel 
C 2 3 ? anti-parallel 
C 3 4 ? parallel      
C 4 5 ? anti-parallel 
C 5 6 ? parallel      
C 6 7 ? anti-parallel 
C 7 8 ? anti-parallel 
# 
loop_
_struct_sheet_range.sheet_id 
_struct_sheet_range.id 
_struct_sheet_range.beg_label_comp_id 
_struct_sheet_range.beg_label_asym_id 
_struct_sheet_range.beg_label_seq_id 
_struct_sheet_range.pdbx_beg_PDB_ins_code 
_struct_sheet_range.end_label_comp_id 
_struct_sheet_range.end_label_asym_id 
_struct_sheet_range.end_label_seq_id 
_struct_sheet_range.pdbx_end_PDB_ins_code 
_struct_sheet_range.beg_auth_comp_id 
_struct_sheet_range.beg_auth_asym_id 
_struct_sheet_range.beg_auth_seq_id 
_struct_sheet_range.end_auth_comp_id 
_struct_sheet_range.end_auth_asym_id 
_struct_sheet_range.end_auth_seq_id 
A 1 GLN A 2  ? ILE A 3  ? GLN A 2  ILE A 3  
A 2 THR B 96 ? ASN B 98 ? THR B 96 ASN B 98 
A 3 THR A 96 ? ASN A 98 ? THR A 96 ASN A 98 
A 4 GLN B 2  ? ILE B 3  ? GLN B 2  ILE B 3  
B 1 LYS A 43 ? GLY A 49 ? LYS A 43 GLY A 49 
B 2 GLY A 52 ? ILE A 66 ? GLY A 52 ILE A 66 
B 3 HIS A 69 ? VAL A 77 ? HIS A 69 VAL A 77 
B 4 VAL A 32 ? LEU A 33 ? VAL A 32 LEU A 33 
B 5 ILE A 84 ? ILE A 85 ? ILE A 84 ILE A 85 
B 6 GLN A 18 ? LEU A 24 ? GLN A 18 LEU A 24 
B 7 LEU A 10 ? ILE A 15 ? LEU A 10 ILE A 15 
B 8 GLY A 52 ? ILE A 66 ? GLY A 52 ILE A 66 
C 1 LYS B 43 ? GLY B 49 ? LYS B 43 GLY B 49 
C 2 GLY B 52 ? ILE B 66 ? GLY B 52 ILE B 66 
C 3 HIS B 69 ? VAL B 77 ? HIS B 69 VAL B 77 
C 4 VAL B 32 ? LEU B 33 ? VAL B 32 LEU B 33 
C 5 ILE B 84 ? ILE B 85 ? ILE B 84 ILE B 85 
C 6 GLN B 18 ? LEU B 24 ? GLN B 18 LEU B 24 
C 7 LEU B 10 ? ILE B 15 ? LEU B 10 ILE B 15 
C 8 GLY B 52 ? ILE B 66 ? GLY B 52 ILE B 66 
# 
loop_
_pdbx_struct_sheet_hbond.sheet_id 
_pdbx_struct_sheet_hbond.range_id_1 
_pdbx_struct_sheet_hbond.range_id_2 
_pdbx_struct_sheet_hbond.range_1_label_atom_id 
_pdbx_struct_sheet_hbond.range_1_label_comp_id 
_pdbx_struct_sheet_hbond.range_1_label_asym_id 
_pdbx_struct_sheet_hbond.range_1_label_seq_id 
_pdbx_struct_sheet_hbond.range_1_PDB_ins_code 
_pdbx_struct_sheet_hbond.range_1_auth_atom_id 
_pdbx_struct_sheet_hbond.range_1_auth_comp_id 
_pdbx_struct_sheet_hbond.range_1_auth_asym_id 
_pdbx_struct_sheet_hbond.range_1_auth_seq_id 
_pdbx_struct_sheet_hbond.range_2_label_atom_id 
_pdbx_struct_sheet_hbond.range_2_label_comp_id 
_pdbx_struct_sheet_hbond.range_2_label_asym_id 
_pdbx_struct_sheet_hbond.range_2_label_seq_id 
_pdbx_struct_sheet_hbond.range_2_PDB_ins_code 
_pdbx_struct_sheet_hbond.range_2_auth_atom_id 
_pdbx_struct_sheet_hbond.range_2_auth_comp_id 
_pdbx_struct_sheet_hbond.range_2_auth_asym_id 
_pdbx_struct_sheet_hbond.range_2_auth_seq_id 
A 1 2 N ILE A 3  ? N ILE A 3  O LEU B 97 ? O LEU B 97 
A 2 3 O ASN B 98 ? O ASN B 98 N THR A 96 ? N THR A 96 
A 3 4 N LEU A 97 ? N LEU A 97 O ILE B 3  ? O ILE B 3  
B 1 2 N LYS A 43 ? N LYS A 43 O GLN A 58 ? O GLN A 58 
B 2 3 N ARG A 57 ? N ARG A 57 O VAL A 77 ? O VAL A 77 
B 3 4 O LEU A 76 ? O LEU A 76 N LEU A 33 ? N LEU A 33 
B 4 5 N VAL A 32 ? N VAL A 32 O ILE A 84 ? O ILE A 84 
B 5 6 O ILE A 85 ? O ILE A 85 N LEU A 23 ? N LEU A 23 
B 6 7 O LYS A 20 ? O LYS A 20 N ILE A 13 ? N ILE A 13 
B 7 8 N LYS A 14 ? N LYS A 14 O GLU A 65 ? O GLU A 65 
C 1 2 N LYS B 45 ? N LYS B 45 O VAL B 56 ? O VAL B 56 
C 2 3 N TYR B 59 ? N TYR B 59 O VAL B 75 ? O VAL B 75 
C 3 4 O LEU B 76 ? O LEU B 76 N LEU B 33 ? N LEU B 33 
C 4 5 N VAL B 32 ? N VAL B 32 O ILE B 84 ? O ILE B 84 
C 5 6 O ILE B 85 ? O ILE B 85 N LEU B 23 ? N LEU B 23 
C 6 7 O LYS B 20 ? O LYS B 20 N ILE B 13 ? N ILE B 13 
C 7 8 N LYS B 14 ? N LYS B 14 O GLU B 65 ? O GLU B 65 
# 
loop_
_struct_site.id 
_struct_site.pdbx_evidence_code 
_struct_site.pdbx_auth_asym_id 
_struct_site.pdbx_auth_comp_id 
_struct_site.pdbx_auth_seq_id 
_struct_site.pdbx_auth_ins_code 
_struct_site.pdbx_num_residues 
_struct_site.details 
AC1 Software B AI  845 ? 25 'BINDING SITE FOR RESIDUE AI B 845'  
AC2 Software A GOL 300 ? 5  'BINDING SITE FOR RESIDUE GOL A 300' 
# 
loop_
_struct_site_gen.id 
_struct_site_gen.site_id 
_struct_site_gen.pdbx_num_res 
_struct_site_gen.label_comp_id 
_struct_site_gen.label_asym_id 
_struct_site_gen.label_seq_id 
_struct_site_gen.pdbx_auth_ins_code 
_struct_site_gen.auth_comp_id 
_struct_site_gen.auth_asym_id 
_struct_site_gen.auth_seq_id 
_struct_site_gen.label_atom_id 
_struct_site_gen.label_alt_id 
_struct_site_gen.symmetry 
_struct_site_gen.details 
1  AC1 25 ARG A 8  ? ARG A 8   . ? 1_555 ? 
2  AC1 25 LEU A 23 ? LEU A 23  . ? 1_555 ? 
3  AC1 25 ASP A 25 ? ASP A 25  . ? 1_555 ? 
4  AC1 25 GLY A 27 ? GLY A 27  . ? 1_555 ? 
5  AC1 25 ALA A 28 ? ALA A 28  . ? 1_555 ? 
6  AC1 25 ASP A 29 ? ASP A 29  . ? 1_555 ? 
7  AC1 25 ILE A 47 ? ILE A 47  . ? 1_555 ? 
8  AC1 25 GLY A 48 ? GLY A 48  . ? 1_555 ? 
9  AC1 25 GLY A 49 ? GLY A 49  . ? 1_555 ? 
10 AC1 25 ILE A 50 ? ILE A 50  . ? 1_555 ? 
11 AC1 25 ALA A 82 ? ALA A 82  . ? 1_555 ? 
12 AC1 25 ILE A 84 ? ILE A 84  . ? 1_555 ? 
13 AC1 25 ARG B 8  ? ARG B 8   . ? 1_555 ? 
14 AC1 25 LEU B 23 ? LEU B 23  . ? 1_555 ? 
15 AC1 25 ASP B 25 ? ASP B 25  . ? 1_555 ? 
16 AC1 25 GLY B 27 ? GLY B 27  . ? 1_555 ? 
17 AC1 25 ALA B 28 ? ALA B 28  . ? 1_555 ? 
18 AC1 25 ASP B 29 ? ASP B 29  . ? 1_555 ? 
19 AC1 25 ILE B 47 ? ILE B 47  . ? 1_555 ? 
20 AC1 25 GLY B 48 ? GLY B 48  . ? 1_555 ? 
21 AC1 25 GLY B 49 ? GLY B 49  . ? 1_555 ? 
22 AC1 25 ILE B 50 ? ILE B 50  . ? 1_555 ? 
23 AC1 25 ALA B 82 ? ALA B 82  . ? 1_555 ? 
24 AC1 25 ILE B 84 ? ILE B 84  . ? 1_555 ? 
25 AC1 25 HOH F .  ? HOH B 846 . ? 1_555 ? 
26 AC2 5  ASP A 29 ? ASP A 29  . ? 1_555 ? 
27 AC2 5  ARG A 87 ? ARG A 87  . ? 1_555 ? 
28 AC2 5  ASN A 88 ? ASN A 88  . ? 1_555 ? 
29 AC2 5  HOH E .  ? HOH A 330 . ? 1_555 ? 
30 AC2 5  TRP B 6  ? TRP B 6   . ? 1_555 ? 
# 
_atom_sites.entry_id                    2FLE 
_atom_sites.fract_transf_matrix[1][1]   0.01167002 
_atom_sites.fract_transf_matrix[1][2]   0.01387926 
_atom_sites.fract_transf_matrix[1][3]   0.00398157 
_atom_sites.fract_transf_matrix[2][1]   0.01628004 
_atom_sites.fract_transf_matrix[2][2]   0.00126358 
_atom_sites.fract_transf_matrix[2][3]   -0.00883515 
_atom_sites.fract_transf_matrix[3][1]   -0.00516777 
_atom_sites.fract_transf_matrix[3][2]   0.00679798 
_atom_sites.fract_transf_matrix[3][3]   -0.00855013 
_atom_sites.fract_transf_vector[1]      0.000127 
_atom_sites.fract_transf_vector[2]      -0.628472 
_atom_sites.fract_transf_vector[3]      0.170854 
# 
loop_
_atom_type.symbol 
C 
N 
O 
S 
# 
loop_
_atom_site.group_PDB 
_atom_site.id 
_atom_site.type_symbol 
_atom_site.label_atom_id 
_atom_site.label_alt_id 
_atom_site.label_comp_id 
_atom_site.label_asym_id 
_atom_site.label_entity_id 
_atom_site.label_seq_id 
_atom_site.pdbx_PDB_ins_code 
_atom_site.Cartn_x 
_atom_site.Cartn_y 
_atom_site.Cartn_z 
_atom_site.occupancy 
_atom_site.B_iso_or_equiv 
_atom_site.pdbx_formal_charge 
_atom_site.auth_seq_id 
_atom_site.auth_comp_id 
_atom_site.auth_asym_id 
_atom_site.auth_atom_id 
_atom_site.pdbx_PDB_model_num 
ATOM   1    N N   . PRO A 1 1  ? 7.084   -14.172 -10.657 1.00 39.67 ? 1   PRO A N   1 
ATOM   2    C CA  . PRO A 1 1  ? 6.484   -13.558 -11.856 1.00 38.38 ? 1   PRO A CA  1 
ATOM   3    C C   . PRO A 1 1  ? 6.547   -12.041 -11.778 1.00 37.06 ? 1   PRO A C   1 
ATOM   4    O O   . PRO A 1 1  ? 6.824   -11.473 -10.724 1.00 35.64 ? 1   PRO A O   1 
ATOM   5    C CB  . PRO A 1 1  ? 5.038   -14.014 -11.893 1.00 40.20 ? 1   PRO A CB  1 
ATOM   6    C CG  . PRO A 1 1  ? 4.743   -14.127 -10.406 1.00 40.69 ? 1   PRO A CG  1 
ATOM   7    C CD  . PRO A 1 1  ? 6.023   -14.758 -9.817  1.00 40.08 ? 1   PRO A CD  1 
ATOM   8    N N   . GLN A 1 2  ? 6.297   -11.391 -12.908 1.00 36.06 ? 2   GLN A N   1 
ATOM   9    C CA  . GLN A 1 2  ? 6.282   -9.940  -12.962 1.00 37.02 ? 2   GLN A CA  1 
ATOM   10   C C   . GLN A 1 2  ? 4.814   -9.551  -12.974 1.00 35.35 ? 2   GLN A C   1 
ATOM   11   O O   . GLN A 1 2  ? 4.011   -10.165 -13.678 1.00 36.73 ? 2   GLN A O   1 
ATOM   12   C CB  . GLN A 1 2  ? 6.968   -9.433  -14.230 1.00 39.12 ? 2   GLN A CB  1 
ATOM   13   C CG  . GLN A 1 2  ? 7.012   -7.919  -14.334 1.00 45.60 ? 2   GLN A CG  1 
ATOM   14   C CD  . GLN A 1 2  ? 7.896   -7.442  -15.467 1.00 48.47 ? 2   GLN A CD  1 
ATOM   15   O OE1 . GLN A 1 2  ? 7.672   -7.782  -16.628 1.00 53.21 ? 2   GLN A OE1 1 
ATOM   16   N NE2 . GLN A 1 2  ? 8.911   -6.652  -15.134 1.00 48.71 ? 2   GLN A NE2 1 
ATOM   17   N N   . ILE A 1 3  ? 4.469   -8.535  -12.194 1.00 30.08 ? 3   ILE A N   1 
ATOM   18   C CA  . ILE A 1 3  ? 3.090   -8.080  -12.089 1.00 29.65 ? 3   ILE A CA  1 
ATOM   19   C C   . ILE A 1 3  ? 2.952   -6.596  -12.443 1.00 28.92 ? 3   ILE A C   1 
ATOM   20   O O   . ILE A 1 3  ? 3.620   -5.753  -11.847 1.00 26.55 ? 3   ILE A O   1 
ATOM   21   C CB  . ILE A 1 3  ? 2.577   -8.302  -10.636 1.00 31.75 ? 3   ILE A CB  1 
ATOM   22   C CG1 . ILE A 1 3  ? 2.560   -9.802  -10.316 1.00 37.54 ? 3   ILE A CG1 1 
ATOM   23   C CG2 . ILE A 1 3  ? 1.206   -7.700  -10.455 1.00 30.53 ? 3   ILE A CG2 1 
ATOM   24   C CD1 . ILE A 1 3  ? 2.121   -10.128 -8.897  1.00 37.87 ? 3   ILE A CD1 1 
ATOM   25   N N   . THR A 1 4  ? 2.103   -6.278  -13.418 1.00 28.99 ? 4   THR A N   1 
ATOM   26   C CA  . THR A 1 4  ? 1.871   -4.876  -13.774 1.00 27.86 ? 4   THR A CA  1 
ATOM   27   C C   . THR A 1 4  ? 0.822   -4.387  -12.777 1.00 29.46 ? 4   THR A C   1 
ATOM   28   O O   . THR A 1 4  ? 0.231   -5.196  -12.059 1.00 26.65 ? 4   THR A O   1 
ATOM   29   C CB  . THR A 1 4  ? 1.348   -4.710  -15.221 1.00 32.10 ? 4   THR A CB  1 
ATOM   30   O OG1 . THR A 1 4  ? 0.198   -5.537  -15.423 1.00 35.43 ? 4   THR A OG1 1 
ATOM   31   C CG2 . THR A 1 4  ? 2.434   -5.079  -16.215 1.00 34.89 ? 4   THR A CG2 1 
ATOM   32   N N   . LEU A 1 5  ? 0.565   -3.085  -12.740 1.00 24.30 ? 5   LEU A N   1 
ATOM   33   C CA  . LEU A 1 5  ? -0.374  -2.562  -11.755 1.00 24.36 ? 5   LEU A CA  1 
ATOM   34   C C   . LEU A 1 5  ? -1.681  -1.977  -12.285 1.00 25.42 ? 5   LEU A C   1 
ATOM   35   O O   . LEU A 1 5  ? -2.338  -1.175  -11.610 1.00 21.25 ? 5   LEU A O   1 
ATOM   36   C CB  . LEU A 1 5  ? 0.360   -1.541  -10.874 1.00 22.38 ? 5   LEU A CB  1 
ATOM   37   C CG  . LEU A 1 5  ? 1.539   -2.162  -10.112 1.00 21.66 ? 5   LEU A CG  1 
ATOM   38   C CD1 . LEU A 1 5  ? 2.510   -1.083  -9.644  1.00 22.33 ? 5   LEU A CD1 1 
ATOM   39   C CD2 . LEU A 1 5  ? 1.000   -2.966  -8.926  1.00 23.69 ? 5   LEU A CD2 1 
ATOM   40   N N   . TRP A 1 6  ? -2.081  -2.397  -13.484 1.00 24.07 ? 6   TRP A N   1 
ATOM   41   C CA  . TRP A 1 6  ? -3.324  -1.897  -14.046 1.00 24.56 ? 6   TRP A CA  1 
ATOM   42   C C   . TRP A 1 6  ? -4.495  -2.445  -13.233 1.00 24.11 ? 6   TRP A C   1 
ATOM   43   O O   . TRP A 1 6  ? -5.590  -1.893  -13.245 1.00 27.19 ? 6   TRP A O   1 
ATOM   44   C CB  . TRP A 1 6  ? -3.425  -2.289  -15.519 1.00 27.78 ? 6   TRP A CB  1 
ATOM   45   C CG  . TRP A 1 6  ? -2.268  -1.743  -16.306 1.00 27.34 ? 6   TRP A CG  1 
ATOM   46   C CD1 . TRP A 1 6  ? -1.062  -2.343  -16.516 1.00 26.47 ? 6   TRP A CD1 1 
ATOM   47   C CD2 . TRP A 1 6  ? -2.179  -0.445  -16.898 1.00 26.50 ? 6   TRP A CD2 1 
ATOM   48   N NE1 . TRP A 1 6  ? -0.224  -1.497  -17.202 1.00 28.72 ? 6   TRP A NE1 1 
ATOM   49   C CE2 . TRP A 1 6  ? -0.886  -0.325  -17.450 1.00 28.33 ? 6   TRP A CE2 1 
ATOM   50   C CE3 . TRP A 1 6  ? -3.069  0.633   -17.014 1.00 30.33 ? 6   TRP A CE3 1 
ATOM   51   C CZ2 . TRP A 1 6  ? -0.457  0.831   -18.110 1.00 33.66 ? 6   TRP A CZ2 1 
ATOM   52   C CZ3 . TRP A 1 6  ? -2.643  1.785   -17.669 1.00 28.57 ? 6   TRP A CZ3 1 
ATOM   53   C CH2 . TRP A 1 6  ? -1.348  1.873   -18.209 1.00 30.70 ? 6   TRP A CH2 1 
ATOM   54   N N   . GLN A 1 7  ? -4.252  -3.529  -12.510 1.00 23.47 ? 7   GLN A N   1 
ATOM   55   C CA  . GLN A 1 7  ? -5.281  -4.112  -11.653 1.00 23.80 ? 7   GLN A CA  1 
ATOM   56   C C   . GLN A 1 7  ? -4.663  -4.278  -10.270 1.00 22.00 ? 7   GLN A C   1 
ATOM   57   O O   . GLN A 1 7  ? -3.449  -4.142  -10.117 1.00 23.81 ? 7   GLN A O   1 
ATOM   58   C CB  . GLN A 1 7  ? -5.715  -5.476  -12.192 1.00 28.61 ? 7   GLN A CB  1 
ATOM   59   C CG  . GLN A 1 7  ? -6.381  -5.433  -13.563 1.00 39.61 ? 7   GLN A CG  1 
ATOM   60   C CD  . GLN A 1 7  ? -7.800  -4.877  -13.533 1.00 46.85 ? 7   GLN A CD  1 
ATOM   61   O OE1 . GLN A 1 7  ? -8.638  -5.316  -12.738 1.00 49.67 ? 7   GLN A OE1 1 
ATOM   62   N NE2 . GLN A 1 7  ? -8.080  -3.917  -14.414 1.00 47.69 ? 7   GLN A NE2 1 
ATOM   63   N N   . ARG A 1 8  ? -5.483  -4.557  -9.261  1.00 22.82 ? 8   ARG A N   1 
ATOM   64   C CA  . ARG A 1 8  ? -4.943  -4.750  -7.915  1.00 23.26 ? 8   ARG A CA  1 
ATOM   65   C C   . ARG A 1 8  ? -4.037  -5.974  -7.932  1.00 23.04 ? 8   ARG A C   1 
ATOM   66   O O   . ARG A 1 8  ? -4.404  -7.017  -8.483  1.00 21.97 ? 8   ARG A O   1 
ATOM   67   C CB  . ARG A 1 8  ? -6.077  -4.939  -6.904  1.00 25.13 ? 8   ARG A CB  1 
ATOM   68   C CG  . ARG A 1 8  ? -6.882  -3.672  -6.689  1.00 31.80 ? 8   ARG A CG  1 
ATOM   69   C CD  . ARG A 1 8  ? -8.118  -3.886  -5.838  1.00 31.76 ? 8   ARG A CD  1 
ATOM   70   N NE  . ARG A 1 8  ? -8.903  -2.655  -5.782  1.00 40.08 ? 8   ARG A NE  1 
ATOM   71   C CZ  . ARG A 1 8  ? -10.156 -2.571  -5.344  1.00 45.07 ? 8   ARG A CZ  1 
ATOM   72   N NH1 . ARG A 1 8  ? -10.792 -3.653  -4.911  1.00 43.43 ? 8   ARG A NH1 1 
ATOM   73   N NH2 . ARG A 1 8  ? -10.780 -1.400  -5.354  1.00 45.47 ? 8   ARG A NH2 1 
ATOM   74   N N   . PRO A 1 9  ? -2.831  -5.858  -7.344  1.00 20.71 ? 9   PRO A N   1 
ATOM   75   C CA  . PRO A 1 9  ? -1.889  -6.976  -7.306  1.00 19.67 ? 9   PRO A CA  1 
ATOM   76   C C   . PRO A 1 9  ? -2.282  -8.019  -6.266  1.00 20.53 ? 9   PRO A C   1 
ATOM   77   O O   . PRO A 1 9  ? -1.714  -8.082  -5.171  1.00 22.56 ? 9   PRO A O   1 
ATOM   78   C CB  . PRO A 1 9  ? -0.565  -6.292  -6.993  1.00 21.22 ? 9   PRO A CB  1 
ATOM   79   C CG  . PRO A 1 9  ? -0.982  -5.196  -6.085  1.00 19.61 ? 9   PRO A CG  1 
ATOM   80   C CD  . PRO A 1 9  ? -2.215  -4.643  -6.772  1.00 20.74 ? 9   PRO A CD  1 
ATOM   81   N N   . LEU A 1 10 ? -3.255  -8.846  -6.629  1.00 22.03 ? 10  LEU A N   1 
ATOM   82   C CA  . LEU A 1 10 ? -3.752  -9.892  -5.746  1.00 21.90 ? 10  LEU A CA  1 
ATOM   83   C C   . LEU A 1 10 ? -3.051  -11.221 -6.007  1.00 24.62 ? 10  LEU A C   1 
ATOM   84   O O   . LEU A 1 10 ? -2.718  -11.542 -7.151  1.00 25.57 ? 10  LEU A O   1 
ATOM   85   C CB  . LEU A 1 10 ? -5.264  -10.067 -5.944  1.00 25.44 ? 10  LEU A CB  1 
ATOM   86   C CG  . LEU A 1 10 ? -6.143  -8.835  -5.702  1.00 31.31 ? 10  LEU A CG  1 
ATOM   87   C CD1 . LEU A 1 10 ? -7.598  -9.171  -6.017  1.00 34.57 ? 10  LEU A CD1 1 
ATOM   88   C CD2 . LEU A 1 10 ? -6.003  -8.372  -4.263  1.00 32.06 ? 10  LEU A CD2 1 
ATOM   89   N N   . VAL A 1 11 ? -2.798  -11.974 -4.941  1.00 18.63 ? 11  VAL A N   1 
ATOM   90   C CA  . VAL A 1 11 ? -2.181  -13.284 -5.069  1.00 21.31 ? 11  VAL A CA  1 
ATOM   91   C C   . VAL A 1 11 ? -2.894  -14.224 -4.119  1.00 21.99 ? 11  VAL A C   1 
ATOM   92   O O   . VAL A 1 11 ? -3.634  -13.790 -3.234  1.00 22.77 ? 11  VAL A O   1 
ATOM   93   C CB  . VAL A 1 11 ? -0.669  -13.285 -4.708  1.00 24.81 ? 11  VAL A CB  1 
ATOM   94   C CG1 . VAL A 1 11 ? 0.096   -12.412 -5.687  1.00 31.18 ? 11  VAL A CG1 1 
ATOM   95   C CG2 . VAL A 1 11 ? -0.467  -12.816 -3.268  1.00 24.37 ? 11  VAL A CG2 1 
ATOM   96   N N   . THR A 1 12 ? -2.688  -15.518 -4.310  1.00 23.40 ? 12  THR A N   1 
ATOM   97   C CA  . THR A 1 12 ? -3.318  -16.480 -3.432  1.00 26.95 ? 12  THR A CA  1 
ATOM   98   C C   . THR A 1 12 ? -2.309  -16.866 -2.361  1.00 27.12 ? 12  THR A C   1 
ATOM   99   O O   . THR A 1 12 ? -1.130  -17.066 -2.646  1.00 29.76 ? 12  THR A O   1 
ATOM   100  C CB  . THR A 1 12 ? -3.756  -17.744 -4.198  1.00 29.87 ? 12  THR A CB  1 
ATOM   101  O OG1 . THR A 1 12 ? -4.683  -17.385 -5.227  1.00 34.62 ? 12  THR A OG1 1 
ATOM   102  C CG2 . THR A 1 12 ? -4.434  -18.715 -3.253  1.00 35.89 ? 12  THR A CG2 1 
ATOM   103  N N   . ILE A 1 13 ? -2.768  -16.949 -1.123  1.00 22.72 ? 13  ILE A N   1 
ATOM   104  C CA  . ILE A 1 13 ? -1.895  -17.330 -0.034  1.00 23.65 ? 13  ILE A CA  1 
ATOM   105  C C   . ILE A 1 13 ? -2.558  -18.461 0.731   1.00 24.21 ? 13  ILE A C   1 
ATOM   106  O O   . ILE A 1 13 ? -3.774  -18.651 0.654   1.00 24.41 ? 13  ILE A O   1 
ATOM   107  C CB  . ILE A 1 13 ? -1.675  -16.173 0.962   1.00 25.13 ? 13  ILE A CB  1 
ATOM   108  C CG1 . ILE A 1 13 ? -2.996  -15.847 1.659   1.00 23.65 ? 13  ILE A CG1 1 
ATOM   109  C CG2 . ILE A 1 13 ? -1.145  -14.946 0.235   1.00 27.03 ? 13  ILE A CG2 1 
ATOM   110  C CD1 . ILE A 1 13 ? -2.892  -14.812 2.729   1.00 23.46 ? 13  ILE A CD1 1 
ATOM   111  N N   . LYS A 1 14 ? -1.752  -19.233 1.440   1.00 25.00 ? 14  LYS A N   1 
ATOM   112  C CA  . LYS A 1 14 ? -2.293  -20.297 2.273   1.00 22.73 ? 14  LYS A CA  1 
ATOM   113  C C   . LYS A 1 14 ? -1.709  -20.024 3.641   1.00 23.71 ? 14  LYS A C   1 
ATOM   114  O O   . LYS A 1 14 ? -0.496  -19.894 3.789   1.00 25.98 ? 14  LYS A O   1 
ATOM   115  C CB  . LYS A 1 14 ? -1.868  -21.678 1.790   1.00 22.62 ? 14  LYS A CB  1 
ATOM   116  C CG  . LYS A 1 14 ? -2.429  -22.797 2.666   1.00 23.31 ? 14  LYS A CG  1 
ATOM   117  C CD  . LYS A 1 14 ? -2.015  -24.163 2.143   1.00 32.06 ? 14  LYS A CD  1 
ATOM   118  C CE  . LYS A 1 14 ? -2.580  -25.284 3.008   1.00 29.38 ? 14  LYS A CE  1 
ATOM   119  N NZ  . LYS A 1 14 ? -2.109  -26.608 2.518   1.00 32.43 ? 14  LYS A NZ  1 
ATOM   120  N N   . ILE A 1 15 ? -2.580  -19.903 4.634   1.00 24.71 ? 15  ILE A N   1 
ATOM   121  C CA  . ILE A 1 15 ? -2.149  -19.635 5.993   1.00 26.30 ? 15  ILE A CA  1 
ATOM   122  C C   . ILE A 1 15 ? -3.139  -20.292 6.943   1.00 28.95 ? 15  ILE A C   1 
ATOM   123  O O   . ILE A 1 15 ? -4.349  -20.226 6.729   1.00 28.43 ? 15  ILE A O   1 
ATOM   124  C CB  . ILE A 1 15 ? -2.100  -18.109 6.262   1.00 24.38 ? 15  ILE A CB  1 
ATOM   125  C CG1 . ILE A 1 15 ? -1.698  -17.842 7.717   1.00 30.81 ? 15  ILE A CG1 1 
ATOM   126  C CG2 . ILE A 1 15 ? -3.442  -17.484 5.926   1.00 23.59 ? 15  ILE A CG2 1 
ATOM   127  C CD1 . ILE A 1 15 ? -1.599  -16.361 8.065   1.00 28.35 ? 15  ILE A CD1 1 
ATOM   128  N N   . GLY A 1 16 ? -2.623  -20.934 7.985   1.00 30.78 ? 16  GLY A N   1 
ATOM   129  C CA  . GLY A 1 16 ? -3.503  -21.586 8.940   1.00 31.55 ? 16  GLY A CA  1 
ATOM   130  C C   . GLY A 1 16 ? -4.363  -22.630 8.259   1.00 31.31 ? 16  GLY A C   1 
ATOM   131  O O   . GLY A 1 16 ? -5.503  -22.864 8.659   1.00 29.88 ? 16  GLY A O   1 
ATOM   132  N N   . GLY A 1 17 ? -3.809  -23.247 7.217   1.00 30.26 ? 17  GLY A N   1 
ATOM   133  C CA  . GLY A 1 17 ? -4.516  -24.280 6.479   1.00 28.69 ? 17  GLY A CA  1 
ATOM   134  C C   . GLY A 1 17 ? -5.659  -23.786 5.613   1.00 26.93 ? 17  GLY A C   1 
ATOM   135  O O   . GLY A 1 17 ? -6.393  -24.593 5.051   1.00 26.54 ? 17  GLY A O   1 
ATOM   136  N N   . GLN A 1 18 ? -5.804  -22.466 5.494   1.00 23.02 ? 18  GLN A N   1 
ATOM   137  C CA  . GLN A 1 18 ? -6.885  -21.867 4.712   1.00 24.08 ? 18  GLN A CA  1 
ATOM   138  C C   . GLN A 1 18 ? -6.363  -21.076 3.517   1.00 22.18 ? 18  GLN A C   1 
ATOM   139  O O   . GLN A 1 18 ? -5.251  -20.535 3.548   1.00 23.37 ? 18  GLN A O   1 
ATOM   140  C CB  . GLN A 1 18 ? -7.703  -20.935 5.597   1.00 24.83 ? 18  GLN A CB  1 
ATOM   141  C CG  . GLN A 1 18 ? -8.240  -21.591 6.848   1.00 27.83 ? 18  GLN A CG  1 
ATOM   142  C CD  . GLN A 1 18 ? -8.549  -20.577 7.921   1.00 27.48 ? 18  GLN A CD  1 
ATOM   143  O OE1 . GLN A 1 18 ? -9.424  -19.738 7.754   1.00 29.51 ? 18  GLN A OE1 1 
ATOM   144  N NE2 . GLN A 1 18 ? -7.815  -20.638 9.030   1.00 27.49 ? 18  GLN A NE2 1 
ATOM   145  N N   . LEU A 1 19 ? -7.182  -20.989 2.476   1.00 21.12 ? 19  LEU A N   1 
ATOM   146  C CA  . LEU A 1 19 ? -6.792  -20.265 1.272   1.00 21.60 ? 19  LEU A CA  1 
ATOM   147  C C   . LEU A 1 19 ? -7.447  -18.899 1.239   1.00 24.11 ? 19  LEU A C   1 
ATOM   148  O O   . LEU A 1 19 ? -8.640  -18.760 1.512   1.00 23.89 ? 19  LEU A O   1 
ATOM   149  C CB  . LEU A 1 19 ? -7.198  -21.055 0.025   1.00 20.73 ? 19  LEU A CB  1 
ATOM   150  C CG  . LEU A 1 19 ? -6.752  -22.516 0.018   1.00 19.18 ? 19  LEU A CG  1 
ATOM   151  C CD1 . LEU A 1 19 ? -7.224  -23.183 -1.280  1.00 24.34 ? 19  LEU A CD1 1 
ATOM   152  C CD2 . LEU A 1 19 ? -5.237  -22.592 0.156   1.00 24.20 ? 19  LEU A CD2 1 
ATOM   153  N N   . LYS A 1 20 ? -6.668  -17.888 0.888   1.00 21.61 ? 20  LYS A N   1 
ATOM   154  C CA  . LYS A 1 20 ? -7.192  -16.535 0.829   1.00 22.95 ? 20  LYS A CA  1 
ATOM   155  C C   . LYS A 1 20 ? -6.505  -15.745 -0.268  1.00 21.27 ? 20  LYS A C   1 
ATOM   156  O O   . LYS A 1 20 ? -5.453  -16.150 -0.764  1.00 23.87 ? 20  LYS A O   1 
ATOM   157  C CB  . LYS A 1 20 ? -6.970  -15.837 2.171   1.00 27.00 ? 20  LYS A CB  1 
ATOM   158  C CG  . LYS A 1 20 ? -7.767  -16.426 3.321   1.00 32.18 ? 20  LYS A CG  1 
ATOM   159  C CD  . LYS A 1 20 ? -7.460  -15.713 4.623   1.00 39.49 ? 20  LYS A CD  1 
ATOM   160  C CE  . LYS A 1 20 ? -8.409  -16.154 5.731   1.00 37.65 ? 20  LYS A CE  1 
ATOM   161  N NZ  . LYS A 1 20 ? -9.821  -15.800 5.415   1.00 41.76 ? 20  LYS A NZ  1 
ATOM   162  N N   . GLU A 1 21 ? -7.127  -14.643 -0.677  1.00 18.34 ? 21  GLU A N   1 
ATOM   163  C CA  . GLU A 1 21 ? -6.533  -13.761 -1.677  1.00 20.56 ? 21  GLU A CA  1 
ATOM   164  C C   . GLU A 1 21 ? -6.049  -12.551 -0.886  1.00 22.13 ? 21  GLU A C   1 
ATOM   165  O O   . GLU A 1 21 ? -6.755  -12.055 -0.001  1.00 23.21 ? 21  GLU A O   1 
ATOM   166  C CB  . GLU A 1 21 ? -7.550  -13.308 -2.723  1.00 25.94 ? 21  GLU A CB  1 
ATOM   167  C CG  . GLU A 1 21 ? -7.704  -14.261 -3.893  1.00 38.56 ? 21  GLU A CG  1 
ATOM   168  C CD  . GLU A 1 21 ? -8.295  -13.582 -5.120  1.00 41.96 ? 21  GLU A CD  1 
ATOM   169  O OE1 . GLU A 1 21 ? -9.408  -13.022 -5.021  1.00 45.63 ? 21  GLU A OE1 1 
ATOM   170  O OE2 . GLU A 1 21 ? -7.643  -13.608 -6.183  1.00 41.74 ? 21  GLU A OE2 1 
ATOM   171  N N   . ALA A 1 22 ? -4.847  -12.086 -1.194  1.00 19.40 ? 22  ALA A N   1 
ATOM   172  C CA  . ALA A 1 22 ? -4.277  -10.952 -0.480  1.00 18.00 ? 22  ALA A CA  1 
ATOM   173  C C   . ALA A 1 22 ? -3.608  -9.980  -1.438  1.00 18.74 ? 22  ALA A C   1 
ATOM   174  O O   . ALA A 1 22 ? -3.159  -10.350 -2.528  1.00 20.80 ? 22  ALA A O   1 
ATOM   175  C CB  . ALA A 1 22 ? -3.276  -11.449 0.553   1.00 19.21 ? 22  ALA A CB  1 
ATOM   176  N N   . LEU A 1 23 ? -3.540  -8.730  -1.011  1.00 20.29 ? 23  LEU A N   1 
ATOM   177  C CA  . LEU A 1 23 ? -2.963  -7.654  -1.793  1.00 19.99 ? 23  LEU A CA  1 
ATOM   178  C C   . LEU A 1 23 ? -1.454  -7.519  -1.537  1.00 23.45 ? 23  LEU A C   1 
ATOM   179  O O   . LEU A 1 23 ? -1.038  -7.448  -0.383  1.00 24.29 ? 23  LEU A O   1 
ATOM   180  C CB  . LEU A 1 23 ? -3.677  -6.362  -1.390  1.00 25.94 ? 23  LEU A CB  1 
ATOM   181  C CG  . LEU A 1 23 ? -3.548  -5.062  -2.173  1.00 32.30 ? 23  LEU A CG  1 
ATOM   182  C CD1 . LEU A 1 23 ? -4.358  -5.143  -3.463  1.00 30.43 ? 23  LEU A CD1 1 
ATOM   183  C CD2 . LEU A 1 23 ? -4.066  -3.924  -1.295  1.00 32.50 ? 23  LEU A CD2 1 
ATOM   184  N N   . LEU A 1 24 ? -0.635  -7.516  -2.592  1.00 18.52 ? 24  LEU A N   1 
ATOM   185  C CA  . LEU A 1 24 ? 0.812   -7.305  -2.415  1.00 20.63 ? 24  LEU A CA  1 
ATOM   186  C C   . LEU A 1 24 ? 0.884   -5.792  -2.241  1.00 22.16 ? 24  LEU A C   1 
ATOM   187  O O   . LEU A 1 24 ? 0.663   -5.031  -3.192  1.00 24.47 ? 24  LEU A O   1 
ATOM   188  C CB  . LEU A 1 24 ? 1.595   -7.742  -3.648  1.00 23.90 ? 24  LEU A CB  1 
ATOM   189  C CG  . LEU A 1 24 ? 1.540   -9.252  -3.903  1.00 27.07 ? 24  LEU A CG  1 
ATOM   190  C CD1 . LEU A 1 24 ? 2.379   -9.600  -5.118  1.00 27.39 ? 24  LEU A CD1 1 
ATOM   191  C CD2 . LEU A 1 24 ? 2.034   -9.993  -2.679  1.00 22.07 ? 24  LEU A CD2 1 
ATOM   192  N N   . ASP A 1 25 ? 1.201   -5.366  -1.024  1.00 17.48 ? 25  ASP A N   1 
ATOM   193  C CA  . ASP A 1 25 ? 1.186   -3.949  -0.668  1.00 19.12 ? 25  ASP A CA  1 
ATOM   194  C C   . ASP A 1 25 ? 2.522   -3.339  -0.220  1.00 20.36 ? 25  ASP A C   1 
ATOM   195  O O   . ASP A 1 25 ? 2.906   -3.444  0.945   1.00 19.60 ? 25  ASP A O   1 
ATOM   196  C CB  . ASP A 1 25 ? 0.141   -3.787  0.442   1.00 19.35 ? 25  ASP A CB  1 
ATOM   197  C CG  . ASP A 1 25 ? -0.231  -2.352  0.701   1.00 27.73 ? 25  ASP A CG  1 
ATOM   198  O OD1 . ASP A 1 25 ? 0.596   -1.461  0.437   1.00 23.89 ? 25  ASP A OD1 1 
ATOM   199  O OD2 . ASP A 1 25 ? -1.357  -2.127  1.189   1.00 31.22 ? 25  ASP A OD2 1 
ATOM   200  N N   . THR A 1 26 ? 3.200   -2.660  -1.139  1.00 20.27 ? 26  THR A N   1 
ATOM   201  C CA  . THR A 1 26 ? 4.491   -2.044  -0.832  1.00 20.39 ? 26  THR A CA  1 
ATOM   202  C C   . THR A 1 26 ? 4.390   -0.881  0.138   1.00 20.47 ? 26  THR A C   1 
ATOM   203  O O   . THR A 1 26 ? 5.382   -0.499  0.756   1.00 22.16 ? 26  THR A O   1 
ATOM   204  C CB  . THR A 1 26 ? 5.196   -1.559  -2.117  1.00 19.41 ? 26  THR A CB  1 
ATOM   205  O OG1 . THR A 1 26 ? 4.339   -0.657  -2.838  1.00 19.19 ? 26  THR A OG1 1 
ATOM   206  C CG2 . THR A 1 26 ? 5.519   -2.752  -3.012  1.00 22.00 ? 26  THR A CG2 1 
ATOM   207  N N   . GLY A 1 27 ? 3.195   -0.317  0.283   1.00 20.59 ? 27  GLY A N   1 
ATOM   208  C CA  . GLY A 1 27 ? 3.042   0.803   1.194   1.00 20.65 ? 27  GLY A CA  1 
ATOM   209  C C   . GLY A 1 27 ? 2.838   0.412   2.647   1.00 25.14 ? 27  GLY A C   1 
ATOM   210  O O   . GLY A 1 27 ? 2.886   1.267   3.530   1.00 26.32 ? 27  GLY A O   1 
ATOM   211  N N   . ALA A 1 28 ? 2.625   -0.878  2.905   1.00 21.26 ? 28  ALA A N   1 
ATOM   212  C CA  . ALA A 1 28 ? 2.370   -1.362  4.260   1.00 21.27 ? 28  ALA A CA  1 
ATOM   213  C C   . ALA A 1 28 ? 3.584   -1.961  4.976   1.00 22.95 ? 28  ALA A C   1 
ATOM   214  O O   . ALA A 1 28 ? 4.249   -2.848  4.446   1.00 22.27 ? 28  ALA A O   1 
ATOM   215  C CB  . ALA A 1 28 ? 1.239   -2.394  4.217   1.00 21.96 ? 28  ALA A CB  1 
ATOM   216  N N   . ASP A 1 29 ? 3.864   -1.480  6.187   1.00 25.62 ? 29  ASP A N   1 
ATOM   217  C CA  . ASP A 1 29 ? 4.980   -2.003  6.971   1.00 23.75 ? 29  ASP A CA  1 
ATOM   218  C C   . ASP A 1 29 ? 4.646   -3.414  7.419   1.00 25.90 ? 29  ASP A C   1 
ATOM   219  O O   . ASP A 1 29 ? 5.519   -4.277  7.473   1.00 25.26 ? 29  ASP A O   1 
ATOM   220  C CB  . ASP A 1 29 ? 5.212   -1.183  8.246   1.00 25.67 ? 29  ASP A CB  1 
ATOM   221  C CG  . ASP A 1 29 ? 5.902   0.147   7.990   1.00 27.09 ? 29  ASP A CG  1 
ATOM   222  O OD1 . ASP A 1 29 ? 6.212   0.465   6.826   1.00 25.36 ? 29  ASP A OD1 1 
ATOM   223  O OD2 . ASP A 1 29 ? 6.130   0.876   8.978   1.00 26.87 ? 29  ASP A OD2 1 
ATOM   224  N N   . ASP A 1 30 ? 3.373   -3.630  7.749   1.00 25.14 ? 30  ASP A N   1 
ATOM   225  C CA  . ASP A 1 30 ? 2.902   -4.913  8.262   1.00 26.91 ? 30  ASP A CA  1 
ATOM   226  C C   . ASP A 1 30 ? 1.914   -5.671  7.375   1.00 25.14 ? 30  ASP A C   1 
ATOM   227  O O   . ASP A 1 30 ? 1.361   -5.133  6.421   1.00 26.70 ? 30  ASP A O   1 
ATOM   228  C CB  . ASP A 1 30 ? 2.245   -4.711  9.628   1.00 27.29 ? 30  ASP A CB  1 
ATOM   229  C CG  . ASP A 1 30 ? 3.091   -3.883  10.573  1.00 30.98 ? 30  ASP A CG  1 
ATOM   230  O OD1 . ASP A 1 30 ? 4.279   -4.212  10.744  1.00 29.21 ? 30  ASP A OD1 1 
ATOM   231  O OD2 . ASP A 1 30 ? 2.559   -2.909  11.148  1.00 35.59 ? 30  ASP A OD2 1 
ATOM   232  N N   . THR A 1 31 ? 1.698   -6.934  7.732   1.00 25.79 ? 31  THR A N   1 
ATOM   233  C CA  . THR A 1 31 ? 0.775   -7.819  7.031   1.00 23.13 ? 31  THR A CA  1 
ATOM   234  C C   . THR A 1 31 ? -0.464  -7.952  7.912   1.00 26.16 ? 31  THR A C   1 
ATOM   235  O O   . THR A 1 31 ? -0.363  -8.350  9.072   1.00 27.98 ? 31  THR A O   1 
ATOM   236  C CB  . THR A 1 31 ? 1.427   -9.207  6.813   1.00 23.70 ? 31  THR A CB  1 
ATOM   237  O OG1 . THR A 1 31 ? 2.480   -9.086  5.851   1.00 21.75 ? 31  THR A OG1 1 
ATOM   238  C CG2 . THR A 1 31 ? 0.403   -10.233 6.326   1.00 23.13 ? 31  THR A CG2 1 
ATOM   239  N N   . VAL A 1 32 ? -1.626  -7.595  7.377   1.00 24.98 ? 32  VAL A N   1 
ATOM   240  C CA  . VAL A 1 32 ? -2.861  -7.682  8.149   1.00 27.24 ? 32  VAL A CA  1 
ATOM   241  C C   . VAL A 1 32 ? -3.934  -8.421  7.362   1.00 26.71 ? 32  VAL A C   1 
ATOM   242  O O   . VAL A 1 32 ? -4.215  -8.098  6.208   1.00 25.14 ? 32  VAL A O   1 
ATOM   243  C CB  . VAL A 1 32 ? -3.396  -6.272  8.544   1.00 31.02 ? 32  VAL A CB  1 
ATOM   244  C CG1 . VAL A 1 32 ? -3.695  -5.457  7.315   1.00 34.24 ? 32  VAL A CG1 1 
ATOM   245  C CG2 . VAL A 1 32 ? -4.648  -6.410  9.395   1.00 31.89 ? 32  VAL A CG2 1 
ATOM   246  N N   . LEU A 1 33 ? -4.531  -9.417  8.002   1.00 24.87 ? 33  LEU A N   1 
ATOM   247  C CA  . LEU A 1 33 ? -5.559  -10.224 7.368   1.00 28.50 ? 33  LEU A CA  1 
ATOM   248  C C   . LEU A 1 33 ? -6.908  -10.041 8.041   1.00 30.24 ? 33  LEU A C   1 
ATOM   249  O O   . LEU A 1 33 ? -6.978  -9.753  9.239   1.00 27.68 ? 33  LEU A O   1 
ATOM   250  C CB  . LEU A 1 33 ? -5.166  -11.701 7.439   1.00 28.75 ? 33  LEU A CB  1 
ATOM   251  C CG  . LEU A 1 33 ? -3.838  -12.124 6.797   1.00 29.88 ? 33  LEU A CG  1 
ATOM   252  C CD1 . LEU A 1 33 ? -3.642  -13.617 6.991   1.00 34.18 ? 33  LEU A CD1 1 
ATOM   253  C CD2 . LEU A 1 33 ? -3.842  -11.776 5.314   1.00 29.83 ? 33  LEU A CD2 1 
ATOM   254  N N   . GLU A 1 34 ? -7.974  -10.212 7.266   1.00 28.64 ? 34  GLU A N   1 
ATOM   255  C CA  . GLU A 1 34 ? -9.324  -10.096 7.799   1.00 31.25 ? 34  GLU A CA  1 
ATOM   256  C C   . GLU A 1 34 ? -9.528  -11.159 8.867   1.00 30.86 ? 34  GLU A C   1 
ATOM   257  O O   . GLU A 1 34 ? -8.770  -12.126 8.946   1.00 29.01 ? 34  GLU A O   1 
ATOM   258  C CB  . GLU A 1 34 ? -10.357 -10.289 6.694   1.00 34.77 ? 34  GLU A CB  1 
ATOM   259  C CG  . GLU A 1 34 ? -10.363 -9.191  5.656   1.00 43.41 ? 34  GLU A CG  1 
ATOM   260  C CD  . GLU A 1 34 ? -11.514 -9.327  4.686   1.00 50.12 ? 34  GLU A CD  1 
ATOM   261  O OE1 . GLU A 1 34 ? -11.516 -10.291 3.890   1.00 52.82 ? 34  GLU A OE1 1 
ATOM   262  O OE2 . GLU A 1 34 ? -12.424 -8.471  4.726   1.00 56.17 ? 34  GLU A OE2 1 
ATOM   263  N N   . GLU A 1 35 ? -10.554 -10.975 9.690   1.00 30.89 ? 35  GLU A N   1 
ATOM   264  C CA  . GLU A 1 35 ? -10.853 -11.917 10.757  1.00 33.11 ? 35  GLU A CA  1 
ATOM   265  C C   . GLU A 1 35 ? -10.796 -13.354 10.239  1.00 32.34 ? 35  GLU A C   1 
ATOM   266  O O   . GLU A 1 35 ? -11.483 -13.714 9.282   1.00 32.08 ? 35  GLU A O   1 
ATOM   267  C CB  . GLU A 1 35 ? -12.236 -11.625 11.346  1.00 36.72 ? 35  GLU A CB  1 
ATOM   268  C CG  . GLU A 1 35 ? -12.495 -12.339 12.658  1.00 43.03 ? 35  GLU A CG  1 
ATOM   269  C CD  . GLU A 1 35 ? -11.418 -12.048 13.684  1.00 44.77 ? 35  GLU A CD  1 
ATOM   270  O OE1 . GLU A 1 35 ? -10.810 -13.011 14.192  1.00 48.32 ? 35  GLU A OE1 1 
ATOM   271  O OE2 . GLU A 1 35 ? -11.175 -10.857 13.982  1.00 48.07 ? 35  GLU A OE2 1 
ATOM   272  N N   . MET A 1 36 ? -9.959  -14.165 10.870  1.00 30.61 ? 36  MET A N   1 
ATOM   273  C CA  . MET A 1 36 ? -9.814  -15.555 10.473  1.00 33.33 ? 36  MET A CA  1 
ATOM   274  C C   . MET A 1 36 ? -9.377  -16.387 11.667  1.00 33.61 ? 36  MET A C   1 
ATOM   275  O O   . MET A 1 36 ? -8.969  -15.853 12.699  1.00 33.95 ? 36  MET A O   1 
ATOM   276  C CB  . MET A 1 36 ? -8.770  -15.688 9.367   1.00 31.05 ? 36  MET A CB  1 
ATOM   277  C CG  . MET A 1 36 ? -7.350  -15.462 9.855   1.00 35.95 ? 36  MET A CG  1 
ATOM   278  S SD  . MET A 1 36 ? -6.156  -15.812 8.568   1.00 37.93 ? 36  MET A SD  1 
ATOM   279  C CE  . MET A 1 36 ? -6.265  -17.630 8.493   1.00 38.38 ? 36  MET A CE  1 
ATOM   280  N N   . SER A 1 37 ? -9.448  -17.702 11.502  1.00 34.79 ? 37  SER A N   1 
ATOM   281  C CA  . SER A 1 37 ? -9.074  -18.635 12.548  1.00 35.65 ? 37  SER A CA  1 
ATOM   282  C C   . SER A 1 37 ? -7.595  -19.027 12.492  1.00 34.97 ? 37  SER A C   1 
ATOM   283  O O   . SER A 1 37 ? -7.162  -19.726 11.573  1.00 35.98 ? 37  SER A O   1 
ATOM   284  C CB  . SER A 1 37 ? -9.949  -19.888 12.439  1.00 38.45 ? 37  SER A CB  1 
ATOM   285  O OG  . SER A 1 37 ? -9.506  -20.909 13.314  1.00 43.96 ? 37  SER A OG  1 
ATOM   286  N N   . LEU A 1 38 ? -6.823  -18.567 13.476  1.00 33.72 ? 38  LEU A N   1 
ATOM   287  C CA  . LEU A 1 38 ? -5.402  -18.896 13.565  1.00 35.21 ? 38  LEU A CA  1 
ATOM   288  C C   . LEU A 1 38 ? -5.135  -19.485 14.946  1.00 38.30 ? 38  LEU A C   1 
ATOM   289  O O   . LEU A 1 38 ? -5.779  -19.107 15.923  1.00 37.53 ? 38  LEU A O   1 
ATOM   290  C CB  . LEU A 1 38 ? -4.526  -17.658 13.365  1.00 38.19 ? 38  LEU A CB  1 
ATOM   291  C CG  . LEU A 1 38 ? -4.401  -17.046 11.967  1.00 38.04 ? 38  LEU A CG  1 
ATOM   292  C CD1 . LEU A 1 38 ? -3.371  -15.924 12.021  1.00 38.93 ? 38  LEU A CD1 1 
ATOM   293  C CD2 . LEU A 1 38 ? -3.974  -18.097 10.958  1.00 33.65 ? 38  LEU A CD2 1 
ATOM   294  N N   . PRO A 1 39 ? -4.186  -20.430 15.043  1.00 39.12 ? 39  PRO A N   1 
ATOM   295  C CA  . PRO A 1 39 ? -3.859  -21.059 16.323  1.00 42.99 ? 39  PRO A CA  1 
ATOM   296  C C   . PRO A 1 39 ? -2.717  -20.380 17.067  1.00 45.36 ? 39  PRO A C   1 
ATOM   297  O O   . PRO A 1 39 ? -1.884  -19.698 16.468  1.00 44.79 ? 39  PRO A O   1 
ATOM   298  C CB  . PRO A 1 39 ? -3.480  -22.468 15.910  1.00 41.45 ? 39  PRO A CB  1 
ATOM   299  C CG  . PRO A 1 39 ? -2.704  -22.202 14.653  1.00 40.44 ? 39  PRO A CG  1 
ATOM   300  C CD  . PRO A 1 39 ? -3.567  -21.175 13.930  1.00 39.47 ? 39  PRO A CD  1 
ATOM   301  N N   . GLY A 1 40 ? -2.687  -20.579 18.380  1.00 48.07 ? 40  GLY A N   1 
ATOM   302  C CA  . GLY A 1 40 ? -1.613  -20.023 19.177  1.00 48.94 ? 40  GLY A CA  1 
ATOM   303  C C   . GLY A 1 40 ? -1.925  -18.775 19.965  1.00 49.81 ? 40  GLY A C   1 
ATOM   304  O O   . GLY A 1 40 ? -3.046  -18.254 19.957  1.00 49.44 ? 40  GLY A O   1 
ATOM   305  N N   . LYS A 1 41 ? -0.905  -18.295 20.662  1.00 48.33 ? 41  LYS A N   1 
ATOM   306  C CA  . LYS A 1 41 ? -1.053  -17.101 21.462  1.00 50.23 ? 41  LYS A CA  1 
ATOM   307  C C   . LYS A 1 41 ? -0.947  -15.871 20.584  1.00 47.88 ? 41  LYS A C   1 
ATOM   308  O O   . LYS A 1 41 ? -0.366  -15.915 19.499  1.00 43.76 ? 41  LYS A O   1 
ATOM   309  C CB  . LYS A 1 41 ? 0.027   -17.044 22.541  1.00 53.29 ? 41  LYS A CB  1 
ATOM   310  C CG  . LYS A 1 41 ? -0.050  -18.191 23.528  1.00 59.95 ? 41  LYS A CG  1 
ATOM   311  C CD  . LYS A 1 41 ? 0.896   -17.996 24.702  1.00 64.12 ? 41  LYS A CD  1 
ATOM   312  C CE  . LYS A 1 41 ? 0.787   -19.162 25.676  1.00 67.22 ? 41  LYS A CE  1 
ATOM   313  N NZ  . LYS A 1 41 ? 1.673   -18.989 26.864  1.00 69.76 ? 41  LYS A NZ  1 
ATOM   314  N N   . TRP A 1 42 ? -1.521  -14.772 21.051  1.00 49.81 ? 42  TRP A N   1 
ATOM   315  C CA  . TRP A 1 42 ? -1.451  -13.523 20.311  1.00 51.16 ? 42  TRP A CA  1 
ATOM   316  C C   . TRP A 1 42 ? -1.542  -12.372 21.304  1.00 52.33 ? 42  TRP A C   1 
ATOM   317  O O   . TRP A 1 42 ? -2.042  -12.523 22.402  1.00 52.19 ? 42  TRP A O   1 
ATOM   318  C CB  . TRP A 1 42 ? -2.609  -13.413 19.328  1.00 51.23 ? 42  TRP A CB  1 
ATOM   319  C CG  . TRP A 1 42 ? -3.929  -13.559 19.986  1.00 54.28 ? 42  TRP A CG  1 
ATOM   320  C CD1 . TRP A 1 42 ? -4.612  -14.719 20.186  1.00 55.67 ? 42  TRP A CD1 1 
ATOM   321  C CD2 . TRP A 1 42 ? -4.712  -12.519 20.585  1.00 55.57 ? 42  TRP A CD2 1 
ATOM   322  N NE1 . TRP A 1 42 ? -5.775  -14.471 20.874  1.00 57.16 ? 42  TRP A NE1 1 
ATOM   323  C CE2 . TRP A 1 42 ? -5.860  -13.129 21.133  1.00 56.62 ? 42  TRP A CE2 1 
ATOM   324  C CE3 . TRP A 1 42 ? -4.553  -11.132 20.714  1.00 57.00 ? 42  TRP A CE3 1 
ATOM   325  C CZ2 . TRP A 1 42 ? -6.851  -12.403 21.804  1.00 56.48 ? 42  TRP A CZ2 1 
ATOM   326  C CZ3 . TRP A 1 42 ? -5.542  -10.405 21.384  1.00 58.40 ? 42  TRP A CZ3 1 
ATOM   327  C CH2 . TRP A 1 42 ? -6.675  -11.048 21.920  1.00 57.84 ? 42  TRP A CH2 1 
ATOM   328  N N   . LYS A 1 43 ? -1.053  -11.211 20.911  1.00 52.89 ? 43  LYS A N   1 
ATOM   329  C CA  . LYS A 1 43 ? -1.108  -10.036 21.762  1.00 53.79 ? 43  LYS A CA  1 
ATOM   330  C C   . LYS A 1 43 ? -1.972  -8.948  21.119  1.00 52.61 ? 43  LYS A C   1 
ATOM   331  O O   . LYS A 1 43 ? -2.194  -8.926  19.902  1.00 52.35 ? 43  LYS A O   1 
ATOM   332  C CB  . LYS A 1 43 ? 0.311   -9.475  21.955  1.00 52.73 ? 43  LYS A CB  1 
ATOM   333  C CG  . LYS A 1 43 ? 1.349   -10.529 22.293  1.00 57.70 ? 43  LYS A CG  1 
ATOM   334  C CD  . LYS A 1 43 ? 2.768   -9.973  22.198  1.00 59.26 ? 43  LYS A CD  1 
ATOM   335  C CE  . LYS A 1 43 ? 3.764   -10.936 22.832  1.00 63.46 ? 43  LYS A CE  1 
ATOM   336  N NZ  . LYS A 1 43 ? 5.149   -10.410 22.737  1.00 67.88 ? 43  LYS A NZ  1 
ATOM   337  N N   . PRO A 1 44 ? -2.496  -8.042  21.946  1.00 51.39 ? 44  PRO A N   1 
ATOM   338  C CA  . PRO A 1 44 ? -3.309  -6.960  21.396  1.00 49.28 ? 44  PRO A CA  1 
ATOM   339  C C   . PRO A 1 44 ? -2.363  -5.903  20.825  1.00 47.12 ? 44  PRO A C   1 
ATOM   340  O O   . PRO A 1 44 ? -1.305  -5.630  21.400  1.00 46.57 ? 44  PRO A O   1 
ATOM   341  C CB  . PRO A 1 44 ? -4.064  -6.456  22.615  1.00 49.56 ? 44  PRO A CB  1 
ATOM   342  C CG  . PRO A 1 44 ? -4.230  -7.706  23.425  1.00 51.36 ? 44  PRO A CG  1 
ATOM   343  C CD  . PRO A 1 44 ? -2.839  -8.261  23.361  1.00 50.60 ? 44  PRO A CD  1 
ATOM   344  N N   . LYS A 1 45 ? -2.739  -5.314  19.697  1.00 46.24 ? 45  LYS A N   1 
ATOM   345  C CA  . LYS A 1 45 ? -1.908  -4.292  19.076  1.00 45.10 ? 45  LYS A CA  1 
ATOM   346  C C   . LYS A 1 45 ? -2.794  -3.355  18.271  1.00 44.53 ? 45  LYS A C   1 
ATOM   347  O O   . LYS A 1 45 ? -3.891  -3.731  17.850  1.00 44.37 ? 45  LYS A O   1 
ATOM   348  C CB  . LYS A 1 45 ? -0.869  -4.951  18.158  1.00 48.19 ? 45  LYS A CB  1 
ATOM   349  C CG  . LYS A 1 45 ? 0.163   -4.005  17.540  1.00 50.21 ? 45  LYS A CG  1 
ATOM   350  C CD  . LYS A 1 45 ? 0.967   -4.715  16.444  1.00 54.79 ? 45  LYS A CD  1 
ATOM   351  C CE  . LYS A 1 45 ? 2.067   -3.835  15.841  1.00 57.71 ? 45  LYS A CE  1 
ATOM   352  N NZ  . LYS A 1 45 ? 3.221   -3.641  16.766  1.00 58.53 ? 45  LYS A NZ  1 
ATOM   353  N N   . MET A 1 46 ? -2.331  -2.124  18.076  1.00 41.84 ? 46  MET A N   1 
ATOM   354  C CA  . MET A 1 46 ? -3.085  -1.156  17.292  1.00 40.91 ? 46  MET A CA  1 
ATOM   355  C C   . MET A 1 46 ? -2.221  -0.689  16.139  1.00 35.71 ? 46  MET A C   1 
ATOM   356  O O   . MET A 1 46 ? -1.057  -0.349  16.330  1.00 38.07 ? 46  MET A O   1 
ATOM   357  C CB  . MET A 1 46 ? -3.491  0.051   18.139  1.00 44.54 ? 46  MET A CB  1 
ATOM   358  C CG  . MET A 1 46 ? -4.420  -0.285  19.282  1.00 52.56 ? 46  MET A CG  1 
ATOM   359  S SD  . MET A 1 46 ? -5.292  1.162   19.889  1.00 62.66 ? 46  MET A SD  1 
ATOM   360  C CE  . MET A 1 46 ? -6.811  1.022   18.960  1.00 59.11 ? 46  MET A CE  1 
ATOM   361  N N   . ILE A 1 47 ? -2.784  -0.688  14.939  1.00 32.15 ? 47  ILE A N   1 
ATOM   362  C CA  . ILE A 1 47 ? -2.043  -0.242  13.769  1.00 31.11 ? 47  ILE A CA  1 
ATOM   363  C C   . ILE A 1 47 ? -2.786  0.920   13.145  1.00 29.74 ? 47  ILE A C   1 
ATOM   364  O O   . ILE A 1 47 ? -4.009  1.012   13.244  1.00 31.19 ? 47  ILE A O   1 
ATOM   365  C CB  . ILE A 1 47 ? -1.892  -1.359  12.713  1.00 31.66 ? 47  ILE A CB  1 
ATOM   366  C CG1 . ILE A 1 47 ? -3.273  -1.852  12.281  1.00 33.23 ? 47  ILE A CG1 1 
ATOM   367  C CG2 . ILE A 1 47 ? -1.051  -2.488  13.273  1.00 33.41 ? 47  ILE A CG2 1 
ATOM   368  C CD1 . ILE A 1 47 ? -3.232  -2.920  11.220  1.00 37.16 ? 47  ILE A CD1 1 
ATOM   369  N N   . GLY A 1 48 ? -2.041  1.805   12.497  1.00 31.04 ? 48  GLY A N   1 
ATOM   370  C CA  . GLY A 1 48 ? -2.660  2.959   11.879  1.00 31.29 ? 48  GLY A CA  1 
ATOM   371  C C   . GLY A 1 48 ? -2.795  2.849   10.378  1.00 30.25 ? 48  GLY A C   1 
ATOM   372  O O   . GLY A 1 48 ? -2.113  2.052   9.726   1.00 29.83 ? 48  GLY A O   1 
ATOM   373  N N   . GLY A 1 49 ? -3.693  3.659   9.835   1.00 29.61 ? 49  GLY A N   1 
ATOM   374  C CA  . GLY A 1 49 ? -3.928  3.673   8.406   1.00 32.97 ? 49  GLY A CA  1 
ATOM   375  C C   . GLY A 1 49 ? -4.417  5.038   7.969   1.00 33.36 ? 49  GLY A C   1 
ATOM   376  O O   . GLY A 1 49 ? -4.349  6.006   8.725   1.00 34.37 ? 49  GLY A O   1 
ATOM   377  N N   . ILE A 1 50 ? -4.930  5.111   6.751   1.00 33.62 ? 50  ILE A N   1 
ATOM   378  C CA  . ILE A 1 50 ? -5.417  6.360   6.201   1.00 35.45 ? 50  ILE A CA  1 
ATOM   379  C C   . ILE A 1 50 ? -6.541  6.997   7.026   1.00 36.51 ? 50  ILE A C   1 
ATOM   380  O O   . ILE A 1 50 ? -6.567  8.215   7.202   1.00 43.89 ? 50  ILE A O   1 
ATOM   381  C CB  . ILE A 1 50 ? -5.887  6.152   4.732   1.00 36.89 ? 50  ILE A CB  1 
ATOM   382  C CG1 . ILE A 1 50 ? -5.629  7.419   3.918   1.00 41.88 ? 50  ILE A CG1 1 
ATOM   383  C CG2 . ILE A 1 50 ? -7.363  5.797   4.682   1.00 37.57 ? 50  ILE A CG2 1 
ATOM   384  C CD1 . ILE A 1 50 ? -4.159  7.724   3.722   1.00 41.79 ? 50  ILE A CD1 1 
ATOM   385  N N   . GLY A 1 51 ? -7.454  6.184   7.552   1.00 35.49 ? 51  GLY A N   1 
ATOM   386  C CA  . GLY A 1 51 ? -8.567  6.737   8.317   1.00 34.42 ? 51  GLY A CA  1 
ATOM   387  C C   . GLY A 1 51 ? -8.533  6.640   9.836   1.00 35.24 ? 51  GLY A C   1 
ATOM   388  O O   . GLY A 1 51 ? -9.521  6.944   10.505  1.00 33.18 ? 51  GLY A O   1 
ATOM   389  N N   . GLY A 1 52 ? -7.408  6.220   10.395  1.00 33.34 ? 52  GLY A N   1 
ATOM   390  C CA  . GLY A 1 52 ? -7.323  6.104   11.836  1.00 31.32 ? 52  GLY A CA  1 
ATOM   391  C C   . GLY A 1 52 ? -6.637  4.826   12.265  1.00 31.70 ? 52  GLY A C   1 
ATOM   392  O O   . GLY A 1 52 ? -5.767  4.319   11.562  1.00 32.86 ? 52  GLY A O   1 
ATOM   393  N N   . PHE A 1 53 ? -7.045  4.294   13.411  1.00 31.03 ? 53  PHE A N   1 
ATOM   394  C CA  . PHE A 1 53 ? -6.445  3.081   13.956  1.00 33.28 ? 53  PHE A CA  1 
ATOM   395  C C   . PHE A 1 53 ? -7.455  1.961   14.165  1.00 35.07 ? 53  PHE A C   1 
ATOM   396  O O   . PHE A 1 53 ? -8.636  2.210   14.394  1.00 36.57 ? 53  PHE A O   1 
ATOM   397  C CB  . PHE A 1 53 ? -5.794  3.390   15.310  1.00 35.20 ? 53  PHE A CB  1 
ATOM   398  C CG  . PHE A 1 53 ? -4.535  4.215   15.216  1.00 41.43 ? 53  PHE A CG  1 
ATOM   399  C CD1 . PHE A 1 53 ? -3.283  3.605   15.269  1.00 43.28 ? 53  PHE A CD1 1 
ATOM   400  C CD2 . PHE A 1 53 ? -4.600  5.600   15.083  1.00 43.30 ? 53  PHE A CD2 1 
ATOM   401  C CE1 . PHE A 1 53 ? -2.115  4.362   15.195  1.00 43.85 ? 53  PHE A CE1 1 
ATOM   402  C CE2 . PHE A 1 53 ? -3.436  6.367   15.007  1.00 42.50 ? 53  PHE A CE2 1 
ATOM   403  C CZ  . PHE A 1 53 ? -2.192  5.747   15.063  1.00 44.60 ? 53  PHE A CZ  1 
ATOM   404  N N   . ILE A 1 54 ? -6.988  0.723   14.072  1.00 32.55 ? 54  ILE A N   1 
ATOM   405  C CA  . ILE A 1 54 ? -7.853  -0.421  14.326  1.00 32.93 ? 54  ILE A CA  1 
ATOM   406  C C   . ILE A 1 54 ? -7.113  -1.335  15.282  1.00 32.09 ? 54  ILE A C   1 
ATOM   407  O O   . ILE A 1 54 ? -5.879  -1.358  15.313  1.00 33.66 ? 54  ILE A O   1 
ATOM   408  C CB  . ILE A 1 54 ? -8.219  -1.227  13.047  1.00 29.95 ? 54  ILE A CB  1 
ATOM   409  C CG1 . ILE A 1 54 ? -6.959  -1.777  12.377  1.00 31.18 ? 54  ILE A CG1 1 
ATOM   410  C CG2 . ILE A 1 54 ? -9.031  -0.357  12.108  1.00 34.20 ? 54  ILE A CG2 1 
ATOM   411  C CD1 . ILE A 1 54 ? -7.247  -2.903  11.393  1.00 28.95 ? 54  ILE A CD1 1 
ATOM   412  N N   . LYS A 1 55 ? -7.873  -2.071  16.077  1.00 34.03 ? 55  LYS A N   1 
ATOM   413  C CA  . LYS A 1 55 ? -7.285  -2.989  17.033  1.00 37.95 ? 55  LYS A CA  1 
ATOM   414  C C   . LYS A 1 55 ? -7.198  -4.337  16.329  1.00 35.57 ? 55  LYS A C   1 
ATOM   415  O O   . LYS A 1 55 ? -8.124  -4.735  15.624  1.00 35.43 ? 55  LYS A O   1 
ATOM   416  C CB  . LYS A 1 55 ? -8.173  -3.086  18.279  1.00 41.90 ? 55  LYS A CB  1 
ATOM   417  C CG  . LYS A 1 55 ? -7.509  -3.744  19.481  1.00 49.47 ? 55  LYS A CG  1 
ATOM   418  C CD  . LYS A 1 55 ? -6.401  -2.869  20.052  1.00 54.87 ? 55  LYS A CD  1 
ATOM   419  C CE  . LYS A 1 55 ? -5.801  -3.482  21.312  1.00 56.25 ? 55  LYS A CE  1 
ATOM   420  N NZ  . LYS A 1 55 ? -4.769  -2.603  21.935  1.00 58.19 ? 55  LYS A NZ  1 
ATOM   421  N N   . VAL A 1 56 ? -6.077  -5.023  16.503  1.00 36.29 ? 56  VAL A N   1 
ATOM   422  C CA  . VAL A 1 56 ? -5.878  -6.323  15.877  1.00 37.58 ? 56  VAL A CA  1 
ATOM   423  C C   . VAL A 1 56 ? -5.175  -7.277  16.827  1.00 38.77 ? 56  VAL A C   1 
ATOM   424  O O   . VAL A 1 56 ? -4.693  -6.873  17.886  1.00 39.35 ? 56  VAL A O   1 
ATOM   425  C CB  . VAL A 1 56 ? -5.012  -6.207  14.603  1.00 35.57 ? 56  VAL A CB  1 
ATOM   426  C CG1 . VAL A 1 56 ? -5.669  -5.258  13.616  1.00 34.19 ? 56  VAL A CG1 1 
ATOM   427  C CG2 . VAL A 1 56 ? -3.603  -5.727  14.966  1.00 33.32 ? 56  VAL A CG2 1 
ATOM   428  N N   . ARG A 1 57 ? -5.123  -8.547  16.436  1.00 36.88 ? 57  ARG A N   1 
ATOM   429  C CA  . ARG A 1 57 ? -4.445  -9.561  17.225  1.00 36.55 ? 57  ARG A CA  1 
ATOM   430  C C   . ARG A 1 57 ? -3.133  -9.834  16.507  1.00 36.36 ? 57  ARG A C   1 
ATOM   431  O O   . ARG A 1 57 ? -3.110  -10.026 15.289  1.00 38.76 ? 57  ARG A O   1 
ATOM   432  C CB  . ARG A 1 57 ? -5.289  -10.839 17.299  1.00 36.80 ? 57  ARG A CB  1 
ATOM   433  C CG  . ARG A 1 57 ? -6.713  -10.624 17.799  1.00 37.99 ? 57  ARG A CG  1 
ATOM   434  C CD  . ARG A 1 57 ? -7.318  -11.913 18.350  1.00 39.73 ? 57  ARG A CD  1 
ATOM   435  N NE  . ARG A 1 57 ? -7.371  -12.991 17.367  1.00 45.59 ? 57  ARG A NE  1 
ATOM   436  C CZ  . ARG A 1 57 ? -8.225  -13.039 16.347  1.00 47.47 ? 57  ARG A CZ  1 
ATOM   437  N NH1 . ARG A 1 57 ? -9.108  -12.065 16.169  1.00 45.78 ? 57  ARG A NH1 1 
ATOM   438  N NH2 . ARG A 1 57 ? -8.193  -14.061 15.500  1.00 46.16 ? 57  ARG A NH2 1 
ATOM   439  N N   . GLN A 1 58 ? -2.035  -9.839  17.250  1.00 35.43 ? 58  GLN A N   1 
ATOM   440  C CA  . GLN A 1 58 ? -0.735  -10.079 16.651  1.00 35.36 ? 58  GLN A CA  1 
ATOM   441  C C   . GLN A 1 58 ? -0.214  -11.497 16.855  1.00 37.94 ? 58  GLN A C   1 
ATOM   442  O O   . GLN A 1 58 ? -0.032  -11.951 17.986  1.00 38.60 ? 58  GLN A O   1 
ATOM   443  C CB  . GLN A 1 58 ? 0.283   -9.092  17.200  1.00 33.87 ? 58  GLN A CB  1 
ATOM   444  C CG  . GLN A 1 58 ? 1.654   -9.234  16.577  1.00 38.73 ? 58  GLN A CG  1 
ATOM   445  C CD  . GLN A 1 58 ? 2.670   -8.322  17.212  1.00 38.68 ? 58  GLN A CD  1 
ATOM   446  O OE1 . GLN A 1 58 ? 2.426   -7.132  17.377  1.00 43.19 ? 58  GLN A OE1 1 
ATOM   447  N NE2 . GLN A 1 58 ? 3.824   -8.874  17.570  1.00 40.82 ? 58  GLN A NE2 1 
ATOM   448  N N   . TYR A 1 59 ? 0.017   -12.192 15.744  1.00 35.99 ? 59  TYR A N   1 
ATOM   449  C CA  . TYR A 1 59 ? 0.547   -13.552 15.771  1.00 34.92 ? 59  TYR A CA  1 
ATOM   450  C C   . TYR A 1 59 ? 1.964   -13.500 15.225  1.00 34.98 ? 59  TYR A C   1 
ATOM   451  O O   . TYR A 1 59 ? 2.196   -12.977 14.128  1.00 33.55 ? 59  TYR A O   1 
ATOM   452  C CB  . TYR A 1 59 ? -0.304  -14.473 14.895  1.00 35.12 ? 59  TYR A CB  1 
ATOM   453  C CG  . TYR A 1 59 ? -1.683  -14.737 15.440  1.00 35.81 ? 59  TYR A CG  1 
ATOM   454  C CD1 . TYR A 1 59 ? -1.938  -15.851 16.242  1.00 38.48 ? 59  TYR A CD1 1 
ATOM   455  C CD2 . TYR A 1 59 ? -2.734  -13.868 15.167  1.00 32.02 ? 59  TYR A CD2 1 
ATOM   456  C CE1 . TYR A 1 59 ? -3.213  -16.092 16.756  1.00 31.82 ? 59  TYR A CE1 1 
ATOM   457  C CE2 . TYR A 1 59 ? -4.007  -14.098 15.676  1.00 35.02 ? 59  TYR A CE2 1 
ATOM   458  C CZ  . TYR A 1 59 ? -4.239  -15.212 16.469  1.00 36.13 ? 59  TYR A CZ  1 
ATOM   459  O OH  . TYR A 1 59 ? -5.504  -15.432 16.963  1.00 35.17 ? 59  TYR A OH  1 
ATOM   460  N N   . ASP A 1 60 ? 2.917   -14.020 15.989  1.00 36.35 ? 60  ASP A N   1 
ATOM   461  C CA  . ASP A 1 60 ? 4.304   -14.014 15.550  1.00 39.90 ? 60  ASP A CA  1 
ATOM   462  C C   . ASP A 1 60 ? 4.707   -15.370 14.993  1.00 39.71 ? 60  ASP A C   1 
ATOM   463  O O   . ASP A 1 60 ? 4.080   -16.390 15.284  1.00 39.54 ? 60  ASP A O   1 
ATOM   464  C CB  . ASP A 1 60 ? 5.234   -13.633 16.707  1.00 45.50 ? 60  ASP A CB  1 
ATOM   465  C CG  . ASP A 1 60 ? 4.953   -12.243 17.250  1.00 51.02 ? 60  ASP A CG  1 
ATOM   466  O OD1 . ASP A 1 60 ? 5.049   -11.266 16.475  1.00 49.31 ? 60  ASP A OD1 1 
ATOM   467  O OD2 . ASP A 1 60 ? 4.637   -12.128 18.456  1.00 54.30 ? 60  ASP A OD2 1 
ATOM   468  N N   . GLN A 1 61 ? 5.752   -15.364 14.175  1.00 39.03 ? 61  GLN A N   1 
ATOM   469  C CA  . GLN A 1 61 ? 6.277   -16.576 13.564  1.00 40.10 ? 61  GLN A CA  1 
ATOM   470  C C   . GLN A 1 61 ? 5.200   -17.445 12.913  1.00 37.85 ? 61  GLN A C   1 
ATOM   471  O O   . GLN A 1 61 ? 5.125   -18.653 13.148  1.00 37.87 ? 61  GLN A O   1 
ATOM   472  C CB  . GLN A 1 61 ? 7.061   -17.373 14.612  1.00 45.57 ? 61  GLN A CB  1 
ATOM   473  C CG  . GLN A 1 61 ? 8.129   -16.525 15.300  1.00 52.92 ? 61  GLN A CG  1 
ATOM   474  C CD  . GLN A 1 61 ? 8.899   -17.277 16.373  1.00 57.76 ? 61  GLN A CD  1 
ATOM   475  O OE1 . GLN A 1 61 ? 8.312   -17.830 17.306  1.00 60.03 ? 61  GLN A OE1 1 
ATOM   476  N NE2 . GLN A 1 61 ? 10.224  -17.294 16.248  1.00 55.67 ? 61  GLN A NE2 1 
ATOM   477  N N   . ILE A 1 62 ? 4.366   -16.820 12.086  1.00 31.53 ? 62  ILE A N   1 
ATOM   478  C CA  . ILE A 1 62 ? 3.310   -17.540 11.382  1.00 31.00 ? 62  ILE A CA  1 
ATOM   479  C C   . ILE A 1 62 ? 3.782   -17.897 9.977   1.00 30.65 ? 62  ILE A C   1 
ATOM   480  O O   . ILE A 1 62 ? 4.349   -17.062 9.268   1.00 24.98 ? 62  ILE A O   1 
ATOM   481  C CB  . ILE A 1 62 ? 2.025   -16.698 11.252  1.00 30.52 ? 62  ILE A CB  1 
ATOM   482  C CG1 . ILE A 1 62 ? 1.464   -16.370 12.634  1.00 34.50 ? 62  ILE A CG1 1 
ATOM   483  C CG2 . ILE A 1 62 ? 0.980   -17.470 10.450  1.00 31.61 ? 62  ILE A CG2 1 
ATOM   484  C CD1 . ILE A 1 62 ? 0.948   -17.577 13.393  1.00 39.78 ? 62  ILE A CD1 1 
ATOM   485  N N   . LEU A 1 63 ? 3.545   -19.143 9.579   1.00 28.78 ? 63  LEU A N   1 
ATOM   486  C CA  . LEU A 1 63 ? 3.936   -19.609 8.260   1.00 29.14 ? 63  LEU A CA  1 
ATOM   487  C C   . LEU A 1 63 ? 2.884   -19.221 7.235   1.00 28.65 ? 63  LEU A C   1 
ATOM   488  O O   . LEU A 1 63 ? 1.689   -19.430 7.444   1.00 30.35 ? 63  LEU A O   1 
ATOM   489  C CB  . LEU A 1 63 ? 4.105   -21.132 8.260   1.00 29.71 ? 63  LEU A CB  1 
ATOM   490  C CG  . LEU A 1 63 ? 4.398   -21.755 6.896   1.00 31.56 ? 63  LEU A CG  1 
ATOM   491  C CD1 . LEU A 1 63 ? 5.745   -21.267 6.387   1.00 33.08 ? 63  LEU A CD1 1 
ATOM   492  C CD2 . LEU A 1 63 ? 4.393   -23.270 7.013   1.00 33.62 ? 63  LEU A CD2 1 
ATOM   493  N N   . ILE A 1 64 ? 3.335   -18.652 6.128   1.00 27.96 ? 64  ILE A N   1 
ATOM   494  C CA  . ILE A 1 64 ? 2.440   -18.242 5.061   1.00 31.26 ? 64  ILE A CA  1 
ATOM   495  C C   . ILE A 1 64 ? 3.052   -18.639 3.734   1.00 30.84 ? 64  ILE A C   1 
ATOM   496  O O   . ILE A 1 64 ? 4.262   -18.521 3.545   1.00 32.57 ? 64  ILE A O   1 
ATOM   497  C CB  . ILE A 1 64 ? 2.241   -16.711 5.041   1.00 33.80 ? 64  ILE A CB  1 
ATOM   498  C CG1 . ILE A 1 64 ? 1.627   -16.241 6.355   1.00 39.33 ? 64  ILE A CG1 1 
ATOM   499  C CG2 . ILE A 1 64 ? 1.353   -16.315 3.874   1.00 35.22 ? 64  ILE A CG2 1 
ATOM   500  C CD1 . ILE A 1 64 ? 1.319   -14.757 6.377   1.00 47.85 ? 64  ILE A CD1 1 
ATOM   501  N N   . GLU A 1 65 ? 2.230   -19.131 2.819   1.00 30.42 ? 65  GLU A N   1 
ATOM   502  C CA  . GLU A 1 65 ? 2.740   -19.475 1.508   1.00 36.71 ? 65  GLU A CA  1 
ATOM   503  C C   . GLU A 1 65 ? 2.074   -18.508 0.543   1.00 38.02 ? 65  GLU A C   1 
ATOM   504  O O   . GLU A 1 65 ? 0.875   -18.600 0.277   1.00 35.63 ? 65  GLU A O   1 
ATOM   505  C CB  . GLU A 1 65 ? 2.425   -20.923 1.139   1.00 40.37 ? 65  GLU A CB  1 
ATOM   506  C CG  . GLU A 1 65 ? 3.200   -21.375 -0.087  1.00 50.88 ? 65  GLU A CG  1 
ATOM   507  C CD  . GLU A 1 65 ? 3.087   -22.858 -0.348  1.00 55.34 ? 65  GLU A CD  1 
ATOM   508  O OE1 . GLU A 1 65 ? 3.380   -23.647 0.576   1.00 58.96 ? 65  GLU A OE1 1 
ATOM   509  O OE2 . GLU A 1 65 ? 2.713   -23.232 -1.481  1.00 59.39 ? 65  GLU A OE2 1 
ATOM   510  N N   . ILE A 1 66 ? 2.869   -17.560 0.052   1.00 39.70 ? 66  ILE A N   1 
ATOM   511  C CA  . ILE A 1 66 ? 2.405   -16.520 -0.864  1.00 40.92 ? 66  ILE A CA  1 
ATOM   512  C C   . ILE A 1 66 ? 2.762   -16.859 -2.297  1.00 41.06 ? 66  ILE A C   1 
ATOM   513  O O   . ILE A 1 66 ? 3.937   -16.913 -2.656  1.00 38.98 ? 66  ILE A O   1 
ATOM   514  C CB  . ILE A 1 66 ? 3.050   -15.152 -0.514  1.00 42.43 ? 66  ILE A CB  1 
ATOM   515  C CG1 . ILE A 1 66 ? 2.628   -14.717 0.891   1.00 45.95 ? 66  ILE A CG1 1 
ATOM   516  C CG2 . ILE A 1 66 ? 2.648   -14.100 -1.535  1.00 42.73 ? 66  ILE A CG2 1 
ATOM   517  C CD1 . ILE A 1 66 ? 3.292   -13.436 1.357   1.00 44.26 ? 66  ILE A CD1 1 
ATOM   518  N N   . CYS A 1 67 ? 1.737   -17.080 -3.112  1.00 44.25 ? 67  CYS A N   1 
ATOM   519  C CA  . CYS A 1 67 ? 1.912   -17.414 -4.520  1.00 47.62 ? 67  CYS A CA  1 
ATOM   520  C C   . CYS A 1 67 ? 2.999   -18.467 -4.748  1.00 49.13 ? 67  CYS A C   1 
ATOM   521  O O   . CYS A 1 67 ? 3.740   -18.395 -5.728  1.00 50.99 ? 67  CYS A O   1 
ATOM   522  C CB  . CYS A 1 67 ? 2.235   -16.146 -5.323  1.00 50.54 ? 67  CYS A CB  1 
ATOM   523  S SG  . CYS A 1 67 ? 2.210   -16.353 -7.131  1.00 55.63 ? 67  CYS A SG  1 
ATOM   524  N N   . GLY A 1 68 ? 3.099   -19.439 -3.842  1.00 47.88 ? 68  GLY A N   1 
ATOM   525  C CA  . GLY A 1 68 ? 4.090   -20.489 -4.005  1.00 49.51 ? 68  GLY A CA  1 
ATOM   526  C C   . GLY A 1 68 ? 5.412   -20.276 -3.289  1.00 50.05 ? 68  GLY A C   1 
ATOM   527  O O   . GLY A 1 68 ? 6.336   -21.079 -3.432  1.00 51.45 ? 68  GLY A O   1 
ATOM   528  N N   . HIS A 1 69 ? 5.515   -19.194 -2.525  1.00 46.08 ? 69  HIS A N   1 
ATOM   529  C CA  . HIS A 1 69 ? 6.739   -18.905 -1.785  1.00 42.28 ? 69  HIS A CA  1 
ATOM   530  C C   . HIS A 1 69 ? 6.427   -18.924 -0.297  1.00 41.80 ? 69  HIS A C   1 
ATOM   531  O O   . HIS A 1 69 ? 5.494   -18.257 0.158   1.00 41.14 ? 69  HIS A O   1 
ATOM   532  C CB  . HIS A 1 69 ? 7.292   -17.528 -2.169  1.00 40.24 ? 69  HIS A CB  1 
ATOM   533  C CG  . HIS A 1 69 ? 7.643   -17.396 -3.618  1.00 39.59 ? 69  HIS A CG  1 
ATOM   534  N ND1 . HIS A 1 69 ? 6.699   -17.449 -4.621  1.00 41.56 ? 69  HIS A ND1 1 
ATOM   535  C CD2 . HIS A 1 69 ? 8.833   -17.205 -4.232  1.00 40.79 ? 69  HIS A CD2 1 
ATOM   536  C CE1 . HIS A 1 69 ? 7.293   -17.295 -5.791  1.00 39.88 ? 69  HIS A CE1 1 
ATOM   537  N NE2 . HIS A 1 69 ? 8.588   -17.144 -5.583  1.00 42.24 ? 69  HIS A NE2 1 
ATOM   538  N N   . LYS A 1 70 ? 7.205   -19.683 0.464   1.00 37.11 ? 70  LYS A N   1 
ATOM   539  C CA  . LYS A 1 70 ? 6.988   -19.769 1.895   1.00 33.44 ? 70  LYS A CA  1 
ATOM   540  C C   . LYS A 1 70 ? 7.727   -18.662 2.634   1.00 34.03 ? 70  LYS A C   1 
ATOM   541  O O   . LYS A 1 70 ? 8.824   -18.266 2.254   1.00 34.11 ? 70  LYS A O   1 
ATOM   542  C CB  . LYS A 1 70 ? 7.442   -21.132 2.415   1.00 35.66 ? 70  LYS A CB  1 
ATOM   543  C CG  . LYS A 1 70 ? 6.600   -22.286 1.902   1.00 42.32 ? 70  LYS A CG  1 
ATOM   544  C CD  . LYS A 1 70 ? 7.166   -23.622 2.346   1.00 47.42 ? 70  LYS A CD  1 
ATOM   545  C CE  . LYS A 1 70 ? 6.407   -24.779 1.718   1.00 50.01 ? 70  LYS A CE  1 
ATOM   546  N NZ  . LYS A 1 70 ? 7.053   -26.082 2.042   1.00 57.48 ? 70  LYS A NZ  1 
ATOM   547  N N   . ALA A 1 71 ? 7.100   -18.161 3.688   1.00 31.19 ? 71  ALA A N   1 
ATOM   548  C CA  . ALA A 1 71 ? 7.680   -17.114 4.508   1.00 31.40 ? 71  ALA A CA  1 
ATOM   549  C C   . ALA A 1 71 ? 7.127   -17.261 5.918   1.00 32.36 ? 71  ALA A C   1 
ATOM   550  O O   . ALA A 1 71 ? 6.006   -17.733 6.105   1.00 31.23 ? 71  ALA A O   1 
ATOM   551  C CB  . ALA A 1 71 ? 7.321   -15.741 3.939   1.00 31.98 ? 71  ALA A CB  1 
ATOM   552  N N   . ILE A 1 72 ? 7.926   -16.885 6.910   1.00 29.37 ? 72  ILE A N   1 
ATOM   553  C CA  . ILE A 1 72 ? 7.490   -16.946 8.296   1.00 30.34 ? 72  ILE A CA  1 
ATOM   554  C C   . ILE A 1 72 ? 7.677   -15.559 8.876   1.00 31.01 ? 72  ILE A C   1 
ATOM   555  O O   . ILE A 1 72 ? 8.742   -14.956 8.744   1.00 30.39 ? 72  ILE A O   1 
ATOM   556  C CB  . ILE A 1 72 ? 8.312   -17.935 9.149   1.00 31.81 ? 72  ILE A CB  1 
ATOM   557  C CG1 . ILE A 1 72 ? 8.039   -19.374 8.714   1.00 36.03 ? 72  ILE A CG1 1 
ATOM   558  C CG2 . ILE A 1 72 ? 7.928   -17.787 10.616  1.00 30.29 ? 72  ILE A CG2 1 
ATOM   559  C CD1 . ILE A 1 72 ? 8.754   -20.406 9.570   1.00 39.74 ? 72  ILE A CD1 1 
ATOM   560  N N   . GLY A 1 73 ? 6.631   -15.050 9.508   1.00 27.66 ? 73  GLY A N   1 
ATOM   561  C CA  . GLY A 1 73 ? 6.713   -13.733 10.092  1.00 28.94 ? 73  GLY A CA  1 
ATOM   562  C C   . GLY A 1 73 ? 5.477   -13.389 10.885  1.00 30.42 ? 73  GLY A C   1 
ATOM   563  O O   . GLY A 1 73 ? 4.613   -14.234 11.135  1.00 27.29 ? 73  GLY A O   1 
ATOM   564  N N   . THR A 1 74 ? 5.396   -12.124 11.275  1.00 29.59 ? 74  THR A N   1 
ATOM   565  C CA  . THR A 1 74 ? 4.280   -11.626 12.058  1.00 29.29 ? 74  THR A CA  1 
ATOM   566  C C   . THR A 1 74 ? 3.068   -11.321 11.193  1.00 28.14 ? 74  THR A C   1 
ATOM   567  O O   . THR A 1 74 ? 3.182   -10.700 10.136  1.00 27.40 ? 74  THR A O   1 
ATOM   568  C CB  . THR A 1 74 ? 4.694   -10.348 12.806  1.00 32.56 ? 74  THR A CB  1 
ATOM   569  O OG1 . THR A 1 74 ? 5.805   -10.649 13.657  1.00 34.55 ? 74  THR A OG1 1 
ATOM   570  C CG2 . THR A 1 74 ? 3.541   -9.802  13.639  1.00 30.73 ? 74  THR A CG2 1 
ATOM   571  N N   . VAL A 1 75 ? 1.907   -11.762 11.654  1.00 23.44 ? 75  VAL A N   1 
ATOM   572  C CA  . VAL A 1 75 ? 0.671   -11.519 10.942  1.00 29.00 ? 75  VAL A CA  1 
ATOM   573  C C   . VAL A 1 75 ? -0.327  -10.908 11.902  1.00 29.83 ? 75  VAL A C   1 
ATOM   574  O O   . VAL A 1 75 ? -0.483  -11.374 13.033  1.00 32.56 ? 75  VAL A O   1 
ATOM   575  C CB  . VAL A 1 75 ? 0.077   -12.820 10.373  1.00 29.07 ? 75  VAL A CB  1 
ATOM   576  C CG1 . VAL A 1 75 ? -1.309  -12.556 9.817   1.00 31.05 ? 75  VAL A CG1 1 
ATOM   577  C CG2 . VAL A 1 75 ? 0.984   -13.361 9.282   1.00 30.64 ? 75  VAL A CG2 1 
ATOM   578  N N   . LEU A 1 76 ? -0.995  -9.854  11.453  1.00 28.22 ? 76  LEU A N   1 
ATOM   579  C CA  . LEU A 1 76 ? -1.987  -9.196  12.278  1.00 26.58 ? 76  LEU A CA  1 
ATOM   580  C C   . LEU A 1 76 ? -3.359  -9.602  11.760  1.00 28.10 ? 76  LEU A C   1 
ATOM   581  O O   . LEU A 1 76 ? -3.563  -9.743  10.555  1.00 30.34 ? 76  LEU A O   1 
ATOM   582  C CB  . LEU A 1 76 ? -1.803  -7.673  12.213  1.00 26.88 ? 76  LEU A CB  1 
ATOM   583  C CG  . LEU A 1 76 ? -0.358  -7.190  12.426  1.00 25.46 ? 76  LEU A CG  1 
ATOM   584  C CD1 . LEU A 1 76 ? -0.290  -5.662  12.306  1.00 27.06 ? 76  LEU A CD1 1 
ATOM   585  C CD2 . LEU A 1 76 ? 0.141   -7.639  13.788  1.00 30.66 ? 76  LEU A CD2 1 
ATOM   586  N N   . VAL A 1 77 ? -4.294  -9.814  12.675  1.00 26.36 ? 77  VAL A N   1 
ATOM   587  C CA  . VAL A 1 77 ? -5.645  -10.206 12.301  1.00 27.27 ? 77  VAL A CA  1 
ATOM   588  C C   . VAL A 1 77 ? -6.621  -9.238  12.954  1.00 30.53 ? 77  VAL A C   1 
ATOM   589  O O   . VAL A 1 77 ? -6.567  -9.012  14.167  1.00 32.76 ? 77  VAL A O   1 
ATOM   590  C CB  . VAL A 1 77 ? -5.954  -11.647 12.774  1.00 28.01 ? 77  VAL A CB  1 
ATOM   591  C CG1 . VAL A 1 77 ? -7.328  -12.064 12.294  1.00 28.17 ? 77  VAL A CG1 1 
ATOM   592  C CG2 . VAL A 1 77 ? -4.894  -12.603 12.249  1.00 31.63 ? 77  VAL A CG2 1 
ATOM   593  N N   . GLY A 1 78 ? -7.504  -8.660  12.150  1.00 30.15 ? 78  GLY A N   1 
ATOM   594  C CA  . GLY A 1 78 ? -8.460  -7.713  12.692  1.00 34.24 ? 78  GLY A CA  1 
ATOM   595  C C   . GLY A 1 78 ? -9.453  -7.219  11.663  1.00 35.97 ? 78  GLY A C   1 
ATOM   596  O O   . GLY A 1 78 ? -9.568  -7.802  10.583  1.00 38.51 ? 78  GLY A O   1 
ATOM   597  N N   . PRO A 1 79 ? -10.168 -6.120  11.960  1.00 38.56 ? 79  PRO A N   1 
ATOM   598  C CA  . PRO A 1 79 ? -11.172 -5.523  11.080  1.00 37.21 ? 79  PRO A CA  1 
ATOM   599  C C   . PRO A 1 79 ? -10.662 -4.776  9.852   1.00 39.28 ? 79  PRO A C   1 
ATOM   600  O O   . PRO A 1 79 ? -11.139 -3.684  9.545   1.00 40.52 ? 79  PRO A O   1 
ATOM   601  C CB  . PRO A 1 79 ? -11.946 -4.614  12.027  1.00 39.22 ? 79  PRO A CB  1 
ATOM   602  C CG  . PRO A 1 79 ? -10.867 -4.109  12.920  1.00 38.51 ? 79  PRO A CG  1 
ATOM   603  C CD  . PRO A 1 79 ? -10.068 -5.363  13.222  1.00 37.63 ? 79  PRO A CD  1 
ATOM   604  N N   . THR A 1 80 ? -9.697  -5.357  9.145   1.00 38.74 ? 80  THR A N   1 
ATOM   605  C CA  . THR A 1 80 ? -9.179  -4.725  7.938   1.00 35.86 ? 80  THR A CA  1 
ATOM   606  C C   . THR A 1 80 ? -10.166 -4.995  6.807   1.00 35.03 ? 80  THR A C   1 
ATOM   607  O O   . THR A 1 80 ? -10.750 -6.070  6.739   1.00 34.14 ? 80  THR A O   1 
ATOM   608  C CB  . THR A 1 80 ? -7.803  -5.295  7.536   1.00 34.73 ? 80  THR A CB  1 
ATOM   609  O OG1 . THR A 1 80 ? -7.419  -4.758  6.261   1.00 34.79 ? 80  THR A OG1 1 
ATOM   610  C CG2 . THR A 1 80 ? -7.856  -6.815  7.444   1.00 30.05 ? 80  THR A CG2 1 
ATOM   611  N N   . PRO A 1 81 ? -10.375 -4.014  5.913   1.00 37.36 ? 81  PRO A N   1 
ATOM   612  C CA  . PRO A 1 81 ? -11.301 -4.173  4.783   1.00 37.04 ? 81  PRO A CA  1 
ATOM   613  C C   . PRO A 1 81 ? -10.768 -5.150  3.727   1.00 37.74 ? 81  PRO A C   1 
ATOM   614  O O   . PRO A 1 81 ? -11.508 -5.592  2.848   1.00 36.99 ? 81  PRO A O   1 
ATOM   615  C CB  . PRO A 1 81 ? -11.421 -2.754  4.226   1.00 37.44 ? 81  PRO A CB  1 
ATOM   616  C CG  . PRO A 1 81 ? -11.102 -1.883  5.408   1.00 39.62 ? 81  PRO A CG  1 
ATOM   617  C CD  . PRO A 1 81 ? -9.947  -2.610  6.034   1.00 37.38 ? 81  PRO A CD  1 
ATOM   618  N N   . ALA A 1 82 ? -9.480  -5.477  3.810   1.00 34.47 ? 82  ALA A N   1 
ATOM   619  C CA  . ALA A 1 82 ? -8.875  -6.404  2.857   1.00 31.37 ? 82  ALA A CA  1 
ATOM   620  C C   . ALA A 1 82 ? -7.600  -7.020  3.404   1.00 27.96 ? 82  ALA A C   1 
ATOM   621  O O   . ALA A 1 82 ? -6.941  -6.434  4.262   1.00 26.77 ? 82  ALA A O   1 
ATOM   622  C CB  . ALA A 1 82 ? -8.577  -5.690  1.552   1.00 35.27 ? 82  ALA A CB  1 
ATOM   623  N N   . ASN A 1 83 ? -7.262  -8.209  2.909   1.00 25.36 ? 83  ASN A N   1 
ATOM   624  C CA  . ASN A 1 83 ? -6.053  -8.904  3.336   1.00 22.64 ? 83  ASN A CA  1 
ATOM   625  C C   . ASN A 1 83 ? -4.876  -8.204  2.678   1.00 21.74 ? 83  ASN A C   1 
ATOM   626  O O   . ASN A 1 83 ? -4.832  -8.065  1.457   1.00 19.99 ? 83  ASN A O   1 
ATOM   627  C CB  . ASN A 1 83 ? -6.079  -10.371 2.909   1.00 24.25 ? 83  ASN A CB  1 
ATOM   628  C CG  . ASN A 1 83 ? -7.276  -11.119 3.463   1.00 28.42 ? 83  ASN A CG  1 
ATOM   629  O OD1 . ASN A 1 83 ? -7.610  -10.991 4.640   1.00 29.97 ? 83  ASN A OD1 1 
ATOM   630  N ND2 . ASN A 1 83 ? -7.916  -11.917 2.618   1.00 22.25 ? 83  ASN A ND2 1 
ATOM   631  N N   . ILE A 1 84 ? -3.924  -7.780  3.500   1.00 22.30 ? 84  ILE A N   1 
ATOM   632  C CA  . ILE A 1 84 ? -2.744  -7.059  3.029   1.00 20.06 ? 84  ILE A CA  1 
ATOM   633  C C   . ILE A 1 84 ? -1.446  -7.788  3.348   1.00 18.89 ? 84  ILE A C   1 
ATOM   634  O O   . ILE A 1 84 ? -1.219  -8.170  4.491   1.00 21.70 ? 84  ILE A O   1 
ATOM   635  C CB  . ILE A 1 84 ? -2.658  -5.671  3.721   1.00 21.09 ? 84  ILE A CB  1 
ATOM   636  C CG1 . ILE A 1 84 ? -3.884  -4.836  3.365   1.00 27.05 ? 84  ILE A CG1 1 
ATOM   637  C CG2 . ILE A 1 84 ? -1.360  -4.960  3.330   1.00 21.24 ? 84  ILE A CG2 1 
ATOM   638  C CD1 . ILE A 1 84 ? -4.108  -3.680  4.304   1.00 30.89 ? 84  ILE A CD1 1 
ATOM   639  N N   . ILE A 1 85 ? -0.595  -7.986  2.347   1.00 17.61 ? 85  ILE A N   1 
ATOM   640  C CA  . ILE A 1 85 ? 0.709   -8.601  2.591   1.00 16.80 ? 85  ILE A CA  1 
ATOM   641  C C   . ILE A 1 85 ? 1.669   -7.410  2.585   1.00 18.49 ? 85  ILE A C   1 
ATOM   642  O O   . ILE A 1 85 ? 1.882   -6.798  1.533   1.00 19.52 ? 85  ILE A O   1 
ATOM   643  C CB  . ILE A 1 85 ? 1.135   -9.570  1.464   1.00 21.51 ? 85  ILE A CB  1 
ATOM   644  C CG1 . ILE A 1 85 ? 0.086   -10.670 1.289   1.00 23.37 ? 85  ILE A CG1 1 
ATOM   645  C CG2 . ILE A 1 85 ? 2.503   -10.172 1.790   1.00 19.57 ? 85  ILE A CG2 1 
ATOM   646  C CD1 . ILE A 1 85 ? -0.158  -11.493 2.534   1.00 27.01 ? 85  ILE A CD1 1 
ATOM   647  N N   . GLY A 1 86 ? 2.226   -7.077  3.749   1.00 18.12 ? 86  GLY A N   1 
ATOM   648  C CA  . GLY A 1 86 ? 3.131   -5.942  3.850   1.00 18.87 ? 86  GLY A CA  1 
ATOM   649  C C   . GLY A 1 86 ? 4.600   -6.270  3.651   1.00 21.18 ? 86  GLY A C   1 
ATOM   650  O O   . GLY A 1 86 ? 4.968   -7.420  3.423   1.00 19.84 ? 86  GLY A O   1 
ATOM   651  N N   . ARG A 1 87 ? 5.453   -5.256  3.769   1.00 21.39 ? 87  ARG A N   1 
ATOM   652  C CA  . ARG A 1 87 ? 6.883   -5.441  3.548   1.00 21.40 ? 87  ARG A CA  1 
ATOM   653  C C   . ARG A 1 87 ? 7.593   -6.472  4.415   1.00 21.42 ? 87  ARG A C   1 
ATOM   654  O O   . ARG A 1 87 ? 8.619   -7.011  3.999   1.00 23.08 ? 87  ARG A O   1 
ATOM   655  C CB  . ARG A 1 87 ? 7.614   -4.093  3.641   1.00 20.19 ? 87  ARG A CB  1 
ATOM   656  C CG  . ARG A 1 87 ? 7.266   -3.126  2.498   1.00 18.84 ? 87  ARG A CG  1 
ATOM   657  C CD  . ARG A 1 87 ? 8.114   -1.836  2.536   1.00 18.40 ? 87  ARG A CD  1 
ATOM   658  N NE  . ARG A 1 87 ? 8.003   -1.142  3.818   1.00 19.99 ? 87  ARG A NE  1 
ATOM   659  C CZ  . ARG A 1 87 ? 8.904   -1.214  4.796   1.00 23.29 ? 87  ARG A CZ  1 
ATOM   660  N NH1 . ARG A 1 87 ? 10.003  -1.940  4.646   1.00 24.58 ? 87  ARG A NH1 1 
ATOM   661  N NH2 . ARG A 1 87 ? 8.688   -0.581  5.938   1.00 23.29 ? 87  ARG A NH2 1 
ATOM   662  N N   . ASN A 1 88 ? 7.066   -6.770  5.599   1.00 21.01 ? 88  ASN A N   1 
ATOM   663  C CA  . ASN A 1 88 ? 7.731   -7.749  6.452   1.00 23.56 ? 88  ASN A CA  1 
ATOM   664  C C   . ASN A 1 88 ? 7.761   -9.124  5.801   1.00 24.46 ? 88  ASN A C   1 
ATOM   665  O O   . ASN A 1 88 ? 8.649   -9.930  6.080   1.00 24.90 ? 88  ASN A O   1 
ATOM   666  C CB  . ASN A 1 88 ? 7.070   -7.815  7.836   1.00 21.83 ? 88  ASN A CB  1 
ATOM   667  C CG  . ASN A 1 88 ? 5.687   -8.410  7.797   1.00 25.43 ? 88  ASN A CG  1 
ATOM   668  O OD1 . ASN A 1 88 ? 4.797   -7.910  7.105   1.00 27.27 ? 88  ASN A OD1 1 
ATOM   669  N ND2 . ASN A 1 88 ? 5.492   -9.485  8.548   1.00 23.43 ? 88  ASN A ND2 1 
ATOM   670  N N   . LEU A 1 89 ? 6.802   -9.384  4.916   1.00 23.47 ? 89  LEU A N   1 
ATOM   671  C CA  . LEU A 1 89 ? 6.746   -10.661 4.216   1.00 21.84 ? 89  LEU A CA  1 
ATOM   672  C C   . LEU A 1 89 ? 7.185   -10.519 2.763   1.00 21.15 ? 89  LEU A C   1 
ATOM   673  O O   . LEU A 1 89 ? 7.756   -11.447 2.194   1.00 23.01 ? 89  LEU A O   1 
ATOM   674  C CB  . LEU A 1 89 ? 5.332   -11.252 4.278   1.00 21.18 ? 89  LEU A CB  1 
ATOM   675  C CG  . LEU A 1 89 ? 4.827   -11.597 5.681   1.00 26.58 ? 89  LEU A CG  1 
ATOM   676  C CD1 . LEU A 1 89 ? 3.460   -12.266 5.582   1.00 28.60 ? 89  LEU A CD1 1 
ATOM   677  C CD2 . LEU A 1 89 ? 5.818   -12.518 6.372   1.00 30.15 ? 89  LEU A CD2 1 
ATOM   678  N N   . LEU A 1 90 ? 6.924   -9.366  2.155   1.00 20.40 ? 90  LEU A N   1 
ATOM   679  C CA  . LEU A 1 90 ? 7.339   -9.160  0.769   1.00 20.11 ? 90  LEU A CA  1 
ATOM   680  C C   . LEU A 1 90 ? 8.850   -9.344  0.621   1.00 21.96 ? 90  LEU A C   1 
ATOM   681  O O   . LEU A 1 90 ? 9.317   -9.921  -0.357  1.00 22.16 ? 90  LEU A O   1 
ATOM   682  C CB  . LEU A 1 90 ? 6.925   -7.763  0.279   1.00 19.91 ? 90  LEU A CB  1 
ATOM   683  C CG  . LEU A 1 90 ? 5.410   -7.551  0.214   1.00 22.14 ? 90  LEU A CG  1 
ATOM   684  C CD1 . LEU A 1 90 ? 5.104   -6.155  -0.324  1.00 22.79 ? 90  LEU A CD1 1 
ATOM   685  C CD2 . LEU A 1 90 ? 4.780   -8.632  -0.679  1.00 18.86 ? 90  LEU A CD2 1 
ATOM   686  N N   . THR A 1 91 ? 9.615   -8.862  1.595   1.00 23.31 ? 91  THR A N   1 
ATOM   687  C CA  . THR A 1 91 ? 11.067  -9.004  1.541   1.00 22.99 ? 91  THR A CA  1 
ATOM   688  C C   . THR A 1 91 ? 11.452  -10.485 1.548   1.00 25.68 ? 91  THR A C   1 
ATOM   689  O O   . THR A 1 91 ? 12.389  -10.890 0.867   1.00 25.42 ? 91  THR A O   1 
ATOM   690  C CB  . THR A 1 91 ? 11.751  -8.320  2.745   1.00 25.37 ? 91  THR A CB  1 
ATOM   691  O OG1 . THR A 1 91 ? 11.127  -8.752  3.961   1.00 24.18 ? 91  THR A OG1 1 
ATOM   692  C CG2 . THR A 1 91 ? 11.643  -6.808  2.634   1.00 22.99 ? 91  THR A CG2 1 
ATOM   693  N N   . GLN A 1 92 ? 10.717  -11.295 2.307   1.00 25.68 ? 92  GLN A N   1 
ATOM   694  C CA  . GLN A 1 92 ? 11.018  -12.723 2.383   1.00 29.69 ? 92  GLN A CA  1 
ATOM   695  C C   . GLN A 1 92 ? 10.784  -13.502 1.097   1.00 28.73 ? 92  GLN A C   1 
ATOM   696  O O   . GLN A 1 92 ? 11.416  -14.537 0.871   1.00 31.99 ? 92  GLN A O   1 
ATOM   697  C CB  . GLN A 1 92 ? 10.230  -13.383 3.508   1.00 29.30 ? 92  GLN A CB  1 
ATOM   698  C CG  . GLN A 1 92 ? 10.691  -12.987 4.890   1.00 37.15 ? 92  GLN A CG  1 
ATOM   699  C CD  . GLN A 1 92 ? 10.102  -13.888 5.953   1.00 39.25 ? 92  GLN A CD  1 
ATOM   700  O OE1 . GLN A 1 92 ? 10.319  -15.105 5.947   1.00 38.68 ? 92  GLN A OE1 1 
ATOM   701  N NE2 . GLN A 1 92 ? 9.347   -13.301 6.870   1.00 42.10 ? 92  GLN A NE2 1 
ATOM   702  N N   . ILE A 1 93 ? 9.881   -13.032 0.247   1.00 27.67 ? 93  ILE A N   1 
ATOM   703  C CA  . ILE A 1 93 ? 9.650   -13.753 -0.989  1.00 27.21 ? 93  ILE A CA  1 
ATOM   704  C C   . ILE A 1 93 ? 10.413  -13.111 -2.140  1.00 28.37 ? 93  ILE A C   1 
ATOM   705  O O   . ILE A 1 93 ? 10.219  -13.467 -3.304  1.00 29.15 ? 93  ILE A O   1 
ATOM   706  C CB  . ILE A 1 93 ? 8.146   -13.857 -1.315  1.00 30.24 ? 93  ILE A CB  1 
ATOM   707  C CG1 . ILE A 1 93 ? 7.564   -12.483 -1.645  1.00 29.44 ? 93  ILE A CG1 1 
ATOM   708  C CG2 . ILE A 1 93 ? 7.426   -14.476 -0.138  1.00 29.83 ? 93  ILE A CG2 1 
ATOM   709  C CD1 . ILE A 1 93 ? 6.093   -12.528 -1.998  1.00 31.00 ? 93  ILE A CD1 1 
ATOM   710  N N   . GLY A 1 94 ? 11.290  -12.171 -1.794  1.00 27.99 ? 94  GLY A N   1 
ATOM   711  C CA  . GLY A 1 94 ? 12.116  -11.496 -2.782  1.00 28.95 ? 94  GLY A CA  1 
ATOM   712  C C   . GLY A 1 94 ? 11.393  -10.542 -3.710  1.00 30.53 ? 94  GLY A C   1 
ATOM   713  O O   . GLY A 1 94 ? 11.798  -10.362 -4.856  1.00 31.30 ? 94  GLY A O   1 
ATOM   714  N N   . CYS A 1 95 ? 10.333  -9.914  -3.219  1.00 30.99 ? 95  CYS A N   1 
ATOM   715  C CA  . CYS A 1 95 ? 9.565   -8.988  -4.034  1.00 28.72 ? 95  CYS A CA  1 
ATOM   716  C C   . CYS A 1 95 ? 10.240  -7.624  -4.158  1.00 29.08 ? 95  CYS A C   1 
ATOM   717  O O   . CYS A 1 95 ? 10.674  -7.045  -3.163  1.00 28.00 ? 95  CYS A O   1 
ATOM   718  C CB  . CYS A 1 95 ? 8.167   -8.824  -3.441  1.00 31.20 ? 95  CYS A CB  1 
ATOM   719  S SG  . CYS A 1 95 ? 7.054   -7.834  -4.453  1.00 37.32 ? 95  CYS A SG  1 
ATOM   720  N N   . THR A 1 96 ? 10.326  -7.116  -5.387  1.00 28.47 ? 96  THR A N   1 
ATOM   721  C CA  . THR A 1 96 ? 10.927  -5.809  -5.640  1.00 26.24 ? 96  THR A CA  1 
ATOM   722  C C   . THR A 1 96 ? 10.048  -4.966  -6.571  1.00 28.55 ? 96  THR A C   1 
ATOM   723  O O   . THR A 1 96 ? 9.212   -5.494  -7.310  1.00 29.52 ? 96  THR A O   1 
ATOM   724  C CB  . THR A 1 96 ? 12.312  -5.937  -6.316  1.00 29.86 ? 96  THR A CB  1 
ATOM   725  O OG1 . THR A 1 96 ? 12.143  -6.507  -7.618  1.00 29.28 ? 96  THR A OG1 1 
ATOM   726  C CG2 . THR A 1 96 ? 13.242  -6.819  -5.495  1.00 29.58 ? 96  THR A CG2 1 
ATOM   727  N N   . LEU A 1 97 ? 10.238  -3.651  -6.518  1.00 26.55 ? 97  LEU A N   1 
ATOM   728  C CA  . LEU A 1 97 ? 9.516   -2.725  -7.378  1.00 27.08 ? 97  LEU A CA  1 
ATOM   729  C C   . LEU A 1 97 ? 10.502  -2.360  -8.476  1.00 28.38 ? 97  LEU A C   1 
ATOM   730  O O   . LEU A 1 97 ? 11.697  -2.234  -8.215  1.00 31.41 ? 97  LEU A O   1 
ATOM   731  C CB  . LEU A 1 97 ? 9.119   -1.462  -6.612  1.00 30.32 ? 97  LEU A CB  1 
ATOM   732  C CG  . LEU A 1 97 ? 7.861   -1.515  -5.748  1.00 28.76 ? 97  LEU A CG  1 
ATOM   733  C CD1 . LEU A 1 97 ? 7.763   -0.256  -4.886  1.00 27.70 ? 97  LEU A CD1 1 
ATOM   734  C CD2 . LEU A 1 97 ? 6.650   -1.640  -6.659  1.00 30.72 ? 97  LEU A CD2 1 
ATOM   735  N N   . ASN A 1 98 ? 10.013  -2.198  -9.698  1.00 29.22 ? 98  ASN A N   1 
ATOM   736  C CA  . ASN A 1 98 ? 10.885  -1.860  -10.811 1.00 33.32 ? 98  ASN A CA  1 
ATOM   737  C C   . ASN A 1 98 ? 10.239  -0.842  -11.741 1.00 34.63 ? 98  ASN A C   1 
ATOM   738  O O   . ASN A 1 98 ? 9.049   -0.938  -12.052 1.00 32.45 ? 98  ASN A O   1 
ATOM   739  C CB  . ASN A 1 98 ? 11.228  -3.117  -11.622 1.00 34.91 ? 98  ASN A CB  1 
ATOM   740  C CG  . ASN A 1 98 ? 11.926  -4.181  -10.797 1.00 41.13 ? 98  ASN A CG  1 
ATOM   741  O OD1 . ASN A 1 98 ? 11.384  -4.679  -9.809  1.00 48.41 ? 98  ASN A OD1 1 
ATOM   742  N ND2 . ASN A 1 98 ? 13.136  -4.543  -11.204 1.00 44.07 ? 98  ASN A ND2 1 
ATOM   743  N N   . PHE A 1 99 ? 11.025  0.134   -12.185 1.00 33.19 ? 99  PHE A N   1 
ATOM   744  C CA  . PHE A 1 99 ? 10.517  1.135   -13.114 1.00 36.29 ? 99  PHE A CA  1 
ATOM   745  C C   . PHE A 1 99 ? 11.639  1.922   -13.781 1.00 39.10 ? 99  PHE A C   1 
ATOM   746  O O   . PHE A 1 99 ? 12.817  1.612   -13.501 1.00 38.00 ? 99  PHE A O   1 
ATOM   747  C CB  . PHE A 1 99 ? 9.529   2.078   -12.411 1.00 34.46 ? 99  PHE A CB  1 
ATOM   748  C CG  . PHE A 1 99 ? 10.160  3.020   -11.425 1.00 38.58 ? 99  PHE A CG  1 
ATOM   749  C CD1 . PHE A 1 99 ? 10.656  4.256   -11.838 1.00 40.89 ? 99  PHE A CD1 1 
ATOM   750  C CD2 . PHE A 1 99 ? 10.218  2.696   -10.077 1.00 36.66 ? 99  PHE A CD2 1 
ATOM   751  C CE1 . PHE A 1 99 ? 11.196  5.151   -10.921 1.00 39.03 ? 99  PHE A CE1 1 
ATOM   752  C CE2 . PHE A 1 99 ? 10.756  3.584   -9.152  1.00 40.09 ? 99  PHE A CE2 1 
ATOM   753  C CZ  . PHE A 1 99 ? 11.244  4.816   -9.574  1.00 40.33 ? 99  PHE A CZ  1 
ATOM   754  O OXT . PHE A 1 99 ? 11.325  2.823   -14.590 1.00 42.52 ? 99  PHE A OXT 1 
ATOM   755  N N   . PRO B 1 1  ? 14.688  2.380   -11.972 1.00 38.84 ? 1   PRO B N   1 
ATOM   756  C CA  . PRO B 1 1  ? 15.548  1.612   -11.049 1.00 37.59 ? 1   PRO B CA  1 
ATOM   757  C C   . PRO B 1 1  ? 14.786  0.470   -10.386 1.00 36.70 ? 1   PRO B C   1 
ATOM   758  O O   . PRO B 1 1  ? 13.561  0.391   -10.474 1.00 34.00 ? 1   PRO B O   1 
ATOM   759  C CB  . PRO B 1 1  ? 16.029  2.590   -9.996  1.00 39.82 ? 1   PRO B CB  1 
ATOM   760  C CG  . PRO B 1 1  ? 14.856  3.558   -9.950  1.00 41.00 ? 1   PRO B CG  1 
ATOM   761  C CD  . PRO B 1 1  ? 14.456  3.728   -11.424 1.00 40.04 ? 1   PRO B CD  1 
ATOM   762  N N   . GLN B 1 2  ? 15.526  -0.418  -9.731  1.00 36.84 ? 2   GLN B N   1 
ATOM   763  C CA  . GLN B 1 2  ? 14.925  -1.533  -9.018  1.00 37.03 ? 2   GLN B CA  1 
ATOM   764  C C   . GLN B 1 2  ? 14.965  -1.165  -7.546  1.00 34.94 ? 2   GLN B C   1 
ATOM   765  O O   . GLN B 1 2  ? 15.962  -0.637  -7.056  1.00 38.11 ? 2   GLN B O   1 
ATOM   766  C CB  . GLN B 1 2  ? 15.703  -2.826  -9.248  1.00 39.15 ? 2   GLN B CB  1 
ATOM   767  C CG  . GLN B 1 2  ? 15.111  -4.008  -8.502  1.00 41.78 ? 2   GLN B CG  1 
ATOM   768  C CD  . GLN B 1 2  ? 15.756  -5.323  -8.876  1.00 46.85 ? 2   GLN B CD  1 
ATOM   769  O OE1 . GLN B 1 2  ? 16.965  -5.498  -8.729  1.00 52.48 ? 2   GLN B OE1 1 
ATOM   770  N NE2 . GLN B 1 2  ? 14.951  -6.262  -9.361  1.00 46.72 ? 2   GLN B NE2 1 
ATOM   771  N N   . ILE B 1 3  ? 13.882  -1.447  -6.841  1.00 30.49 ? 3   ILE B N   1 
ATOM   772  C CA  . ILE B 1 3  ? 13.796  -1.106  -5.431  1.00 31.41 ? 3   ILE B CA  1 
ATOM   773  C C   . ILE B 1 3  ? 13.408  -2.316  -4.585  1.00 29.12 ? 3   ILE B C   1 
ATOM   774  O O   . ILE B 1 3  ? 12.378  -2.943  -4.832  1.00 26.24 ? 3   ILE B O   1 
ATOM   775  C CB  . ILE B 1 3  ? 12.738  0.020   -5.227  1.00 33.01 ? 3   ILE B CB  1 
ATOM   776  C CG1 . ILE B 1 3  ? 13.139  1.261   -6.033  1.00 39.10 ? 3   ILE B CG1 1 
ATOM   777  C CG2 . ILE B 1 3  ? 12.598  0.374   -3.762  1.00 33.16 ? 3   ILE B CG2 1 
ATOM   778  C CD1 . ILE B 1 3  ? 12.101  2.375   -6.004  1.00 34.94 ? 3   ILE B CD1 1 
ATOM   779  N N   . THR B 1 4  ? 14.237  -2.652  -3.600  1.00 27.45 ? 4   THR B N   1 
ATOM   780  C CA  . THR B 1 4  ? 13.916  -3.762  -2.709  1.00 26.34 ? 4   THR B CA  1 
ATOM   781  C C   . THR B 1 4  ? 13.009  -3.171  -1.632  1.00 29.28 ? 4   THR B C   1 
ATOM   782  O O   . THR B 1 4  ? 12.835  -1.948  -1.562  1.00 27.64 ? 4   THR B O   1 
ATOM   783  C CB  . THR B 1 4  ? 15.174  -4.388  -2.075  1.00 30.16 ? 4   THR B CB  1 
ATOM   784  O OG1 . THR B 1 4  ? 15.969  -3.372  -1.451  1.00 32.08 ? 4   THR B OG1 1 
ATOM   785  C CG2 . THR B 1 4  ? 15.988  -5.104  -3.141  1.00 28.83 ? 4   THR B CG2 1 
ATOM   786  N N   . LEU B 1 5  ? 12.442  -4.015  -0.779  1.00 24.36 ? 5   LEU B N   1 
ATOM   787  C CA  . LEU B 1 5  ? 11.504  -3.509  0.208   1.00 24.30 ? 5   LEU B CA  1 
ATOM   788  C C   . LEU B 1 5  ? 11.885  -3.602  1.681   1.00 25.02 ? 5   LEU B C   1 
ATOM   789  O O   . LEU B 1 5  ? 11.014  -3.602  2.550   1.00 21.95 ? 5   LEU B O   1 
ATOM   790  C CB  . LEU B 1 5  ? 10.143  -4.173  -0.040  1.00 21.81 ? 5   LEU B CB  1 
ATOM   791  C CG  . LEU B 1 5  ? 9.594   -3.879  -1.444  1.00 22.22 ? 5   LEU B CG  1 
ATOM   792  C CD1 . LEU B 1 5  ? 8.498   -4.866  -1.813  1.00 23.30 ? 5   LEU B CD1 1 
ATOM   793  C CD2 . LEU B 1 5  ? 9.067   -2.444  -1.492  1.00 27.15 ? 5   LEU B CD2 1 
ATOM   794  N N   . TRP B 1 6  ? 13.183  -3.663  1.970   1.00 25.09 ? 6   TRP B N   1 
ATOM   795  C CA  . TRP B 1 6  ? 13.622  -3.731  3.357   1.00 22.97 ? 6   TRP B CA  1 
ATOM   796  C C   . TRP B 1 6  ? 13.362  -2.384  4.030   1.00 23.98 ? 6   TRP B C   1 
ATOM   797  O O   . TRP B 1 6  ? 13.305  -2.282  5.252   1.00 25.89 ? 6   TRP B O   1 
ATOM   798  C CB  . TRP B 1 6  ? 15.104  -4.096  3.422   1.00 26.84 ? 6   TRP B CB  1 
ATOM   799  C CG  . TRP B 1 6  ? 15.386  -5.393  2.725   1.00 27.83 ? 6   TRP B CG  1 
ATOM   800  C CD1 . TRP B 1 6  ? 15.694  -5.564  1.410   1.00 27.33 ? 6   TRP B CD1 1 
ATOM   801  C CD2 . TRP B 1 6  ? 15.295  -6.703  3.292   1.00 27.69 ? 6   TRP B CD2 1 
ATOM   802  N NE1 . TRP B 1 6  ? 15.797  -6.905  1.118   1.00 29.93 ? 6   TRP B NE1 1 
ATOM   803  C CE2 . TRP B 1 6  ? 15.556  -7.625  2.257   1.00 29.68 ? 6   TRP B CE2 1 
ATOM   804  C CE3 . TRP B 1 6  ? 15.010  -7.190  4.577   1.00 29.11 ? 6   TRP B CE3 1 
ATOM   805  C CZ2 . TRP B 1 6  ? 15.545  -9.010  2.465   1.00 33.64 ? 6   TRP B CZ2 1 
ATOM   806  C CZ3 . TRP B 1 6  ? 14.998  -8.567  4.783   1.00 28.17 ? 6   TRP B CZ3 1 
ATOM   807  C CH2 . TRP B 1 6  ? 15.263  -9.458  3.732   1.00 29.24 ? 6   TRP B CH2 1 
ATOM   808  N N   . GLN B 1 7  ? 13.189  -1.352  3.217   1.00 22.38 ? 7   GLN B N   1 
ATOM   809  C CA  . GLN B 1 7  ? 12.897  -0.013  3.720   1.00 23.81 ? 7   GLN B CA  1 
ATOM   810  C C   . GLN B 1 7  ? 11.682  0.483   2.961   1.00 22.40 ? 7   GLN B C   1 
ATOM   811  O O   . GLN B 1 7  ? 11.365  -0.048  1.897   1.00 22.78 ? 7   GLN B O   1 
ATOM   812  C CB  . GLN B 1 7  ? 14.071  0.931   3.450   1.00 26.76 ? 7   GLN B CB  1 
ATOM   813  C CG  . GLN B 1 7  ? 15.317  0.630   4.259   1.00 34.71 ? 7   GLN B CG  1 
ATOM   814  C CD  . GLN B 1 7  ? 15.456  1.532   5.473   1.00 45.25 ? 7   GLN B CD  1 
ATOM   815  O OE1 . GLN B 1 7  ? 14.624  1.509   6.381   1.00 47.30 ? 7   GLN B OE1 1 
ATOM   816  N NE2 . GLN B 1 7  ? 16.512  2.341   5.487   1.00 47.35 ? 7   GLN B NE2 1 
ATOM   817  N N   . ARG B 1 8  ? 11.005  1.498   3.494   1.00 21.45 ? 8   ARG B N   1 
ATOM   818  C CA  . ARG B 1 8  ? 9.836   2.053   2.811   1.00 22.95 ? 8   ARG B CA  1 
ATOM   819  C C   . ARG B 1 8  ? 10.279  2.548   1.440   1.00 22.40 ? 8   ARG B C   1 
ATOM   820  O O   . ARG B 1 8  ? 11.297  3.238   1.324   1.00 22.73 ? 8   ARG B O   1 
ATOM   821  C CB  . ARG B 1 8  ? 9.237   3.202   3.629   1.00 25.04 ? 8   ARG B CB  1 
ATOM   822  C CG  . ARG B 1 8  ? 8.531   2.735   4.890   1.00 30.55 ? 8   ARG B CG  1 
ATOM   823  C CD  . ARG B 1 8  ? 8.191   3.875   5.847   1.00 32.52 ? 8   ARG B CD  1 
ATOM   824  N NE  . ARG B 1 8  ? 7.657   3.346   7.101   1.00 37.93 ? 8   ARG B NE  1 
ATOM   825  C CZ  . ARG B 1 8  ? 7.436   4.066   8.199   1.00 42.69 ? 8   ARG B CZ  1 
ATOM   826  N NH1 . ARG B 1 8  ? 7.697   5.368   8.218   1.00 37.50 ? 8   ARG B NH1 1 
ATOM   827  N NH2 . ARG B 1 8  ? 6.959   3.477   9.289   1.00 42.33 ? 8   ARG B NH2 1 
ATOM   828  N N   . PRO B 1 9  ? 9.528   2.196   0.380   1.00 21.40 ? 9   PRO B N   1 
ATOM   829  C CA  . PRO B 1 9  ? 9.857   2.610   -0.985  1.00 19.89 ? 9   PRO B CA  1 
ATOM   830  C C   . PRO B 1 9  ? 9.506   4.071   -1.261  1.00 22.06 ? 9   PRO B C   1 
ATOM   831  O O   . PRO B 1 9  ? 8.519   4.380   -1.935  1.00 21.87 ? 9   PRO B O   1 
ATOM   832  C CB  . PRO B 1 9  ? 9.051   1.637   -1.838  1.00 21.14 ? 9   PRO B CB  1 
ATOM   833  C CG  . PRO B 1 9  ? 7.805   1.475   -1.033  1.00 23.67 ? 9   PRO B CG  1 
ATOM   834  C CD  . PRO B 1 9  ? 8.345   1.310   0.383   1.00 23.65 ? 9   PRO B CD  1 
ATOM   835  N N   . LEU B 1 10 ? 10.342  4.964   -0.744  1.00 21.34 ? 10  LEU B N   1 
ATOM   836  C CA  . LEU B 1 10 ? 10.136  6.399   -0.904  1.00 22.55 ? 10  LEU B CA  1 
ATOM   837  C C   . LEU B 1 10 ? 10.877  6.958   -2.111  1.00 25.67 ? 10  LEU B C   1 
ATOM   838  O O   . LEU B 1 10 ? 11.995  6.534   -2.419  1.00 25.72 ? 10  LEU B O   1 
ATOM   839  C CB  . LEU B 1 10 ? 10.598  7.133   0.358   1.00 25.45 ? 10  LEU B CB  1 
ATOM   840  C CG  . LEU B 1 10 ? 9.876   6.765   1.653   1.00 27.92 ? 10  LEU B CG  1 
ATOM   841  C CD1 . LEU B 1 10 ? 10.493  7.531   2.820   1.00 33.26 ? 10  LEU B CD1 1 
ATOM   842  C CD2 . LEU B 1 10 ? 8.389   7.085   1.521   1.00 33.13 ? 10  LEU B CD2 1 
ATOM   843  N N   . VAL B 1 11 ? 10.237  7.893   -2.808  1.00 20.26 ? 11  VAL B N   1 
ATOM   844  C CA  . VAL B 1 11 ? 10.848  8.542   -3.955  1.00 22.18 ? 11  VAL B CA  1 
ATOM   845  C C   . VAL B 1 11 ? 10.572  10.030  -3.844  1.00 21.06 ? 11  VAL B C   1 
ATOM   846  O O   . VAL B 1 11 ? 9.701   10.456  -3.080  1.00 21.38 ? 11  VAL B O   1 
ATOM   847  C CB  . VAL B 1 11 ? 10.267  8.036   -5.298  1.00 24.40 ? 11  VAL B CB  1 
ATOM   848  C CG1 . VAL B 1 11 ? 10.654  6.582   -5.519  1.00 29.57 ? 11  VAL B CG1 1 
ATOM   849  C CG2 . VAL B 1 11 ? 8.753   8.203   -5.308  1.00 25.99 ? 11  VAL B CG2 1 
ATOM   850  N N   . THR B 1 12 ? 11.323  10.827  -4.590  1.00 22.45 ? 12  THR B N   1 
ATOM   851  C CA  . THR B 1 12 ? 11.100  12.259  -4.564  1.00 23.54 ? 12  THR B CA  1 
ATOM   852  C C   . THR B 1 12 ? 10.186  12.601  -5.733  1.00 26.16 ? 12  THR B C   1 
ATOM   853  O O   . THR B 1 12 ? 10.382  12.118  -6.847  1.00 27.69 ? 12  THR B O   1 
ATOM   854  C CB  . THR B 1 12 ? 12.413  13.049  -4.713  1.00 28.65 ? 12  THR B CB  1 
ATOM   855  O OG1 . THR B 1 12 ? 13.303  12.722  -3.640  1.00 32.93 ? 12  THR B OG1 1 
ATOM   856  C CG2 . THR B 1 12 ? 12.126  14.543  -4.665  1.00 32.70 ? 12  THR B CG2 1 
ATOM   857  N N   . ILE B 1 13 ? 9.177   13.422  -5.478  1.00 21.83 ? 13  ILE B N   1 
ATOM   858  C CA  . ILE B 1 13 ? 8.265   13.822  -6.531  1.00 23.64 ? 13  ILE B CA  1 
ATOM   859  C C   . ILE B 1 13 ? 8.205   15.340  -6.591  1.00 23.46 ? 13  ILE B C   1 
ATOM   860  O O   . ILE B 1 13 ? 8.518   16.026  -5.611  1.00 24.92 ? 13  ILE B O   1 
ATOM   861  C CB  . ILE B 1 13 ? 6.828   13.324  -6.266  1.00 25.12 ? 13  ILE B CB  1 
ATOM   862  C CG1 . ILE B 1 13 ? 6.269   14.023  -5.027  1.00 25.21 ? 13  ILE B CG1 1 
ATOM   863  C CG2 . ILE B 1 13 ? 6.820   11.814  -6.056  1.00 25.99 ? 13  ILE B CG2 1 
ATOM   864  C CD1 . ILE B 1 13 ? 4.828   13.715  -4.744  1.00 25.47 ? 13  ILE B CD1 1 
ATOM   865  N N   . LYS B 1 14 ? 7.833   15.864  -7.750  1.00 23.89 ? 14  LYS B N   1 
ATOM   866  C CA  . LYS B 1 14 ? 7.669   17.305  -7.889  1.00 23.19 ? 14  LYS B CA  1 
ATOM   867  C C   . LYS B 1 14 ? 6.246   17.492  -8.370  1.00 23.82 ? 14  LYS B C   1 
ATOM   868  O O   . LYS B 1 14 ? 5.840   16.907  -9.375  1.00 25.51 ? 14  LYS B O   1 
ATOM   869  C CB  . LYS B 1 14 ? 8.634   17.910  -8.905  1.00 24.45 ? 14  LYS B CB  1 
ATOM   870  C CG  . LYS B 1 14 ? 8.458   19.428  -9.022  1.00 24.77 ? 14  LYS B CG  1 
ATOM   871  C CD  . LYS B 1 14 ? 9.406   20.042  -10.040 1.00 31.65 ? 14  LYS B CD  1 
ATOM   872  C CE  . LYS B 1 14 ? 9.269   21.566  -10.061 1.00 33.45 ? 14  LYS B CE  1 
ATOM   873  N NZ  . LYS B 1 14 ? 10.261  22.189  -10.987 1.00 32.28 ? 14  LYS B NZ  1 
ATOM   874  N N   . ILE B 1 15 ? 5.484   18.291  -7.634  1.00 22.63 ? 15  ILE B N   1 
ATOM   875  C CA  . ILE B 1 15 ? 4.097   18.545  -7.979  1.00 22.50 ? 15  ILE B CA  1 
ATOM   876  C C   . ILE B 1 15 ? 3.721   19.953  -7.528  1.00 26.64 ? 15  ILE B C   1 
ATOM   877  O O   . ILE B 1 15 ? 4.077   20.378  -6.426  1.00 27.35 ? 15  ILE B O   1 
ATOM   878  C CB  . ILE B 1 15 ? 3.181   17.522  -7.285  1.00 22.59 ? 15  ILE B CB  1 
ATOM   879  C CG1 . ILE B 1 15 ? 1.714   17.811  -7.626  1.00 28.54 ? 15  ILE B CG1 1 
ATOM   880  C CG2 . ILE B 1 15 ? 3.443   17.545  -5.787  1.00 21.01 ? 15  ILE B CG2 1 
ATOM   881  C CD1 . ILE B 1 15 ? 0.737   16.853  -6.954  1.00 27.35 ? 15  ILE B CD1 1 
ATOM   882  N N   . GLY B 1 16 ? 3.008   20.674  -8.385  1.00 29.08 ? 16  GLY B N   1 
ATOM   883  C CA  . GLY B 1 16 ? 2.598   22.026  -8.043  1.00 30.35 ? 16  GLY B CA  1 
ATOM   884  C C   . GLY B 1 16 ? 3.790   22.907  -7.733  1.00 29.29 ? 16  GLY B C   1 
ATOM   885  O O   . GLY B 1 16 ? 3.694   23.821  -6.913  1.00 31.79 ? 16  GLY B O   1 
ATOM   886  N N   . GLY B 1 17 ? 4.913   22.614  -8.383  1.00 27.27 ? 17  GLY B N   1 
ATOM   887  C CA  . GLY B 1 17 ? 6.134   23.379  -8.187  1.00 28.44 ? 17  GLY B CA  1 
ATOM   888  C C   . GLY B 1 17 ? 6.849   23.112  -6.876  1.00 25.52 ? 17  GLY B C   1 
ATOM   889  O O   . GLY B 1 17 ? 7.827   23.785  -6.566  1.00 26.30 ? 17  GLY B O   1 
ATOM   890  N N   . GLN B 1 18 ? 6.375   22.125  -6.116  1.00 22.99 ? 18  GLN B N   1 
ATOM   891  C CA  . GLN B 1 18 ? 6.957   21.786  -4.814  1.00 24.37 ? 18  GLN B CA  1 
ATOM   892  C C   . GLN B 1 18 ? 7.567   20.389  -4.777  1.00 23.36 ? 18  GLN B C   1 
ATOM   893  O O   . GLN B 1 18 ? 7.127   19.489  -5.492  1.00 20.64 ? 18  GLN B O   1 
ATOM   894  C CB  . GLN B 1 18 ? 5.883   21.872  -3.733  1.00 26.62 ? 18  GLN B CB  1 
ATOM   895  C CG  . GLN B 1 18 ? 5.220   23.228  -3.630  1.00 27.73 ? 18  GLN B CG  1 
ATOM   896  C CD  . GLN B 1 18 ? 3.835   23.126  -3.042  1.00 31.08 ? 18  GLN B CD  1 
ATOM   897  O OE1 . GLN B 1 18 ? 3.671   22.747  -1.888  1.00 33.89 ? 18  GLN B OE1 1 
ATOM   898  N NE2 . GLN B 1 18 ? 2.824   23.448  -3.845  1.00 29.06 ? 18  GLN B NE2 1 
ATOM   899  N N   . LEU B 1 19 ? 8.562   20.213  -3.914  1.00 21.36 ? 19  LEU B N   1 
ATOM   900  C CA  . LEU B 1 19 ? 9.237   18.928  -3.784  1.00 21.39 ? 19  LEU B CA  1 
ATOM   901  C C   . LEU B 1 19 ? 8.738   18.174  -2.567  1.00 24.11 ? 19  LEU B C   1 
ATOM   902  O O   . LEU B 1 19 ? 8.656   18.725  -1.473  1.00 23.66 ? 19  LEU B O   1 
ATOM   903  C CB  . LEU B 1 19 ? 10.746  19.135  -3.661  1.00 21.58 ? 19  LEU B CB  1 
ATOM   904  C CG  . LEU B 1 19 ? 11.346  20.050  -4.724  1.00 21.83 ? 19  LEU B CG  1 
ATOM   905  C CD1 . LEU B 1 19 ? 12.863  20.126  -4.526  1.00 26.56 ? 19  LEU B CD1 1 
ATOM   906  C CD2 . LEU B 1 19 ? 11.005  19.521  -6.111  1.00 25.25 ? 19  LEU B CD2 1 
ATOM   907  N N   . LYS B 1 20 ? 8.413   16.903  -2.760  1.00 21.22 ? 20  LYS B N   1 
ATOM   908  C CA  . LYS B 1 20 ? 7.927   16.088  -1.661  1.00 21.33 ? 20  LYS B CA  1 
ATOM   909  C C   . LYS B 1 20 ? 8.437   14.671  -1.780  1.00 20.48 ? 20  LYS B C   1 
ATOM   910  O O   . LYS B 1 20 ? 8.906   14.256  -2.844  1.00 24.68 ? 20  LYS B O   1 
ATOM   911  C CB  . LYS B 1 20 ? 6.396   16.085  -1.632  1.00 24.86 ? 20  LYS B CB  1 
ATOM   912  C CG  . LYS B 1 20 ? 5.789   17.423  -1.241  1.00 31.05 ? 20  LYS B CG  1 
ATOM   913  C CD  . LYS B 1 20 ? 4.298   17.300  -0.994  1.00 39.98 ? 20  LYS B CD  1 
ATOM   914  C CE  . LYS B 1 20 ? 3.742   18.555  -0.331  1.00 40.22 ? 20  LYS B CE  1 
ATOM   915  N NZ  . LYS B 1 20 ? 3.973   19.765  -1.164  1.00 46.97 ? 20  LYS B NZ  1 
ATOM   916  N N   . GLU B 1 21 ? 8.371   13.943  -0.673  1.00 19.60 ? 21  GLU B N   1 
ATOM   917  C CA  . GLU B 1 21 ? 8.795   12.552  -0.660  1.00 22.15 ? 21  GLU B CA  1 
ATOM   918  C C   . GLU B 1 21 ? 7.490   11.766  -0.584  1.00 21.77 ? 21  GLU B C   1 
ATOM   919  O O   . GLU B 1 21 ? 6.590   12.125  0.172   1.00 20.45 ? 21  GLU B O   1 
ATOM   920  C CB  . GLU B 1 21 ? 9.669   12.285  0.560   1.00 26.64 ? 21  GLU B CB  1 
ATOM   921  C CG  . GLU B 1 21 ? 10.525  11.048  0.444   1.00 34.89 ? 21  GLU B CG  1 
ATOM   922  C CD  . GLU B 1 21 ? 11.756  11.128  1.330   1.00 39.74 ? 21  GLU B CD  1 
ATOM   923  O OE1 . GLU B 1 21 ? 11.594  11.270  2.558   1.00 43.21 ? 21  GLU B OE1 1 
ATOM   924  O OE2 . GLU B 1 21 ? 12.882  11.058  0.798   1.00 42.90 ? 21  GLU B OE2 1 
ATOM   925  N N   . ALA B 1 22 ? 7.376   10.716  -1.384  1.00 19.72 ? 22  ALA B N   1 
ATOM   926  C CA  . ALA B 1 22 ? 6.155   9.927   -1.403  1.00 18.18 ? 22  ALA B CA  1 
ATOM   927  C C   . ALA B 1 22 ? 6.426   8.427   -1.485  1.00 20.16 ? 22  ALA B C   1 
ATOM   928  O O   . ALA B 1 22 ? 7.435   7.976   -2.035  1.00 20.42 ? 22  ALA B O   1 
ATOM   929  C CB  . ALA B 1 22 ? 5.280   10.373  -2.568  1.00 19.39 ? 22  ALA B CB  1 
ATOM   930  N N   . LEU B 1 23 ? 5.495   7.666   -0.932  1.00 20.68 ? 23  LEU B N   1 
ATOM   931  C CA  . LEU B 1 23 ? 5.572   6.217   -0.880  1.00 20.08 ? 23  LEU B CA  1 
ATOM   932  C C   . LEU B 1 23 ? 5.026   5.540   -2.149  1.00 22.87 ? 23  LEU B C   1 
ATOM   933  O O   . LEU B 1 23 ? 3.891   5.804   -2.546  1.00 24.29 ? 23  LEU B O   1 
ATOM   934  C CB  . LEU B 1 23 ? 4.760   5.765   0.336   1.00 27.10 ? 23  LEU B CB  1 
ATOM   935  C CG  . LEU B 1 23 ? 4.886   4.378   0.952   1.00 32.79 ? 23  LEU B CG  1 
ATOM   936  C CD1 . LEU B 1 23 ? 6.203   4.264   1.707   1.00 32.77 ? 23  LEU B CD1 1 
ATOM   937  C CD2 . LEU B 1 23 ? 3.709   4.168   1.909   1.00 33.15 ? 23  LEU B CD2 1 
ATOM   938  N N   . LEU B 1 24 ? 5.825   4.692   -2.799  1.00 18.93 ? 24  LEU B N   1 
ATOM   939  C CA  . LEU B 1 24 ? 5.335   3.953   -3.971  1.00 20.98 ? 24  LEU B CA  1 
ATOM   940  C C   . LEU B 1 24 ? 4.467   2.865   -3.329  1.00 22.18 ? 24  LEU B C   1 
ATOM   941  O O   . LEU B 1 24 ? 4.982   1.925   -2.724  1.00 25.42 ? 24  LEU B O   1 
ATOM   942  C CB  . LEU B 1 24 ? 6.492   3.324   -4.743  1.00 24.51 ? 24  LEU B CB  1 
ATOM   943  C CG  . LEU B 1 24 ? 7.451   4.335   -5.374  1.00 26.56 ? 24  LEU B CG  1 
ATOM   944  C CD1 . LEU B 1 24 ? 8.566   3.605   -6.099  1.00 29.40 ? 24  LEU B CD1 1 
ATOM   945  C CD2 . LEU B 1 24 ? 6.684   5.228   -6.324  1.00 25.20 ? 24  LEU B CD2 1 
ATOM   946  N N   . ASP B 1 25 ? 3.155   2.995   -3.478  1.00 18.55 ? 25  ASP B N   1 
ATOM   947  C CA  . ASP B 1 25 ? 2.211   2.098   -2.813  1.00 18.39 ? 25  ASP B CA  1 
ATOM   948  C C   . ASP B 1 25 ? 1.327   1.237   -3.732  1.00 18.63 ? 25  ASP B C   1 
ATOM   949  O O   . ASP B 1 25 ? 0.273   1.681   -4.185  1.00 19.20 ? 25  ASP B O   1 
ATOM   950  C CB  . ASP B 1 25 ? 1.346   2.983   -1.909  1.00 19.92 ? 25  ASP B CB  1 
ATOM   951  C CG  . ASP B 1 25 ? 0.428   2.202   -1.012  1.00 27.92 ? 25  ASP B CG  1 
ATOM   952  O OD1 . ASP B 1 25 ? 0.176   1.014   -1.287  1.00 23.68 ? 25  ASP B OD1 1 
ATOM   953  O OD2 . ASP B 1 25 ? -0.055  2.806   -0.034  1.00 29.24 ? 25  ASP B OD2 1 
ATOM   954  N N   . THR B 1 26 ? 1.742   -0.008  -3.964  1.00 19.71 ? 26  THR B N   1 
ATOM   955  C CA  . THR B 1 26 ? 1.005   -0.924  -4.842  1.00 17.49 ? 26  THR B CA  1 
ATOM   956  C C   . THR B 1 26 ? -0.380  -1.296  -4.330  1.00 21.52 ? 26  THR B C   1 
ATOM   957  O O   . THR B 1 26 ? -1.231  -1.753  -5.097  1.00 21.96 ? 26  THR B O   1 
ATOM   958  C CB  . THR B 1 26 ? 1.807   -2.235  -5.083  1.00 18.68 ? 26  THR B CB  1 
ATOM   959  O OG1 . THR B 1 26 ? 2.120   -2.855  -3.825  1.00 17.59 ? 26  THR B OG1 1 
ATOM   960  C CG2 . THR B 1 26 ? 3.108   -1.928  -5.829  1.00 17.50 ? 26  THR B CG2 1 
ATOM   961  N N   . GLY B 1 27 ? -0.607  -1.100  -3.035  1.00 22.30 ? 27  GLY B N   1 
ATOM   962  C CA  . GLY B 1 27 ? -1.895  -1.436  -2.464  1.00 20.14 ? 27  GLY B CA  1 
ATOM   963  C C   . GLY B 1 27 ? -2.952  -0.354  -2.583  1.00 24.08 ? 27  GLY B C   1 
ATOM   964  O O   . GLY B 1 27 ? -4.122  -0.612  -2.311  1.00 25.28 ? 27  GLY B O   1 
ATOM   965  N N   . ALA B 1 28 ? -2.559  0.848   -3.002  1.00 23.01 ? 28  ALA B N   1 
ATOM   966  C CA  . ALA B 1 28 ? -3.495  1.964   -3.110  1.00 21.38 ? 28  ALA B CA  1 
ATOM   967  C C   . ALA B 1 28 ? -4.031  2.206   -4.519  1.00 21.86 ? 28  ALA B C   1 
ATOM   968  O O   . ALA B 1 28 ? -3.259  2.324   -5.468  1.00 20.34 ? 28  ALA B O   1 
ATOM   969  C CB  . ALA B 1 28 ? -2.830  3.239   -2.585  1.00 22.85 ? 28  ALA B CB  1 
ATOM   970  N N   . ASP B 1 29 ? -5.355  2.274   -4.655  1.00 24.22 ? 29  ASP B N   1 
ATOM   971  C CA  . ASP B 1 29 ? -5.958  2.532   -5.960  1.00 23.19 ? 29  ASP B CA  1 
ATOM   972  C C   . ASP B 1 29 ? -5.632  3.959   -6.368  1.00 24.64 ? 29  ASP B C   1 
ATOM   973  O O   . ASP B 1 29 ? -5.356  4.232   -7.536  1.00 26.28 ? 29  ASP B O   1 
ATOM   974  C CB  . ASP B 1 29 ? -7.489  2.419   -5.919  1.00 25.40 ? 29  ASP B CB  1 
ATOM   975  C CG  . ASP B 1 29 ? -7.990  0.984   -5.811  1.00 25.63 ? 29  ASP B CG  1 
ATOM   976  O OD1 . ASP B 1 29 ? -7.179  0.039   -5.817  1.00 25.01 ? 29  ASP B OD1 1 
ATOM   977  O OD2 . ASP B 1 29 ? -9.225  0.813   -5.718  1.00 25.29 ? 29  ASP B OD2 1 
ATOM   978  N N   . ASP B 1 30 ? -5.675  4.862   -5.389  1.00 23.92 ? 30  ASP B N   1 
ATOM   979  C CA  . ASP B 1 30 ? -5.447  6.284   -5.627  1.00 25.68 ? 30  ASP B CA  1 
ATOM   980  C C   . ASP B 1 30 ? -4.162  6.859   -5.045  1.00 24.19 ? 30  ASP B C   1 
ATOM   981  O O   . ASP B 1 30 ? -3.487  6.232   -4.234  1.00 25.85 ? 30  ASP B O   1 
ATOM   982  C CB  . ASP B 1 30 ? -6.614  7.098   -5.062  1.00 26.86 ? 30  ASP B CB  1 
ATOM   983  C CG  . ASP B 1 30 ? -7.961  6.542   -5.457  1.00 31.93 ? 30  ASP B CG  1 
ATOM   984  O OD1 . ASP B 1 30 ? -8.170  6.303   -6.661  1.00 34.04 ? 30  ASP B OD1 1 
ATOM   985  O OD2 . ASP B 1 30 ? -8.812  6.355   -4.565  1.00 34.88 ? 30  ASP B OD2 1 
ATOM   986  N N   . THR B 1 31 ? -3.860  8.083   -5.473  1.00 25.98 ? 31  THR B N   1 
ATOM   987  C CA  . THR B 1 31 ? -2.694  8.830   -5.016  1.00 25.06 ? 31  THR B CA  1 
ATOM   988  C C   . THR B 1 31 ? -3.220  9.913   -4.070  1.00 26.90 ? 31  THR B C   1 
ATOM   989  O O   . THR B 1 31 ? -4.101  10.689  -4.443  1.00 29.60 ? 31  THR B O   1 
ATOM   990  C CB  . THR B 1 31 ? -1.968  9.479   -6.223  1.00 25.22 ? 31  THR B CB  1 
ATOM   991  O OG1 . THR B 1 31 ? -1.330  8.454   -6.994  1.00 23.68 ? 31  THR B OG1 1 
ATOM   992  C CG2 . THR B 1 31 ? -0.929  10.501  -5.764  1.00 25.06 ? 31  THR B CG2 1 
ATOM   993  N N   . VAL B 1 32 ? -2.702  9.949   -2.846  1.00 25.40 ? 32  VAL B N   1 
ATOM   994  C CA  . VAL B 1 32 ? -3.137  10.939  -1.865  1.00 27.28 ? 32  VAL B CA  1 
ATOM   995  C C   . VAL B 1 32 ? -1.939  11.612  -1.201  1.00 27.16 ? 32  VAL B C   1 
ATOM   996  O O   . VAL B 1 32 ? -1.034  10.942  -0.699  1.00 25.75 ? 32  VAL B O   1 
ATOM   997  C CB  . VAL B 1 32 ? -4.030  10.302  -0.761  1.00 29.18 ? 32  VAL B CB  1 
ATOM   998  C CG1 . VAL B 1 32 ? -3.257  9.260   0.007   1.00 34.13 ? 32  VAL B CG1 1 
ATOM   999  C CG2 . VAL B 1 32 ? -4.528  11.380  0.188   1.00 29.82 ? 32  VAL B CG2 1 
ATOM   1000 N N   . LEU B 1 33 ? -1.944  12.940  -1.200  1.00 26.37 ? 33  LEU B N   1 
ATOM   1001 C CA  . LEU B 1 33 ? -0.855  13.716  -0.618  1.00 28.39 ? 33  LEU B CA  1 
ATOM   1002 C C   . LEU B 1 33 ? -1.320  14.527  0.582   1.00 29.76 ? 33  LEU B C   1 
ATOM   1003 O O   . LEU B 1 33 ? -2.478  14.947  0.639   1.00 29.22 ? 33  LEU B O   1 
ATOM   1004 C CB  . LEU B 1 33 ? -0.283  14.675  -1.665  1.00 31.01 ? 33  LEU B CB  1 
ATOM   1005 C CG  . LEU B 1 33 ? 0.214   14.090  -2.993  1.00 32.81 ? 33  LEU B CG  1 
ATOM   1006 C CD1 . LEU B 1 33 ? 0.686   15.220  -3.890  1.00 33.38 ? 33  LEU B CD1 1 
ATOM   1007 C CD2 . LEU B 1 33 ? 1.340   13.100  -2.742  1.00 34.14 ? 33  LEU B CD2 1 
ATOM   1008 N N   . GLU B 1 34 ? -0.412  14.754  1.529   1.00 26.15 ? 34  GLU B N   1 
ATOM   1009 C CA  . GLU B 1 34 ? -0.728  15.541  2.716   1.00 30.44 ? 34  GLU B CA  1 
ATOM   1010 C C   . GLU B 1 34 ? -1.186  16.917  2.247   1.00 31.38 ? 34  GLU B C   1 
ATOM   1011 O O   . GLU B 1 34 ? -0.937  17.308  1.102   1.00 29.94 ? 34  GLU B O   1 
ATOM   1012 C CB  . GLU B 1 34 ? 0.505   15.698  3.609   1.00 32.98 ? 34  GLU B CB  1 
ATOM   1013 C CG  . GLU B 1 34 ? 1.208   14.399  3.948   1.00 41.10 ? 34  GLU B CG  1 
ATOM   1014 C CD  . GLU B 1 34 ? 2.414   14.608  4.850   1.00 47.36 ? 34  GLU B CD  1 
ATOM   1015 O OE1 . GLU B 1 34 ? 2.218   14.998  6.022   1.00 48.05 ? 34  GLU B OE1 1 
ATOM   1016 O OE2 . GLU B 1 34 ? 3.557   14.386  4.386   1.00 49.79 ? 34  GLU B OE2 1 
ATOM   1017 N N   . GLU B 1 35 ? -1.851  17.653  3.130   1.00 30.37 ? 35  GLU B N   1 
ATOM   1018 C CA  . GLU B 1 35 ? -2.341  18.975  2.781   1.00 32.83 ? 35  GLU B CA  1 
ATOM   1019 C C   . GLU B 1 35 ? -1.239  19.791  2.113   1.00 31.96 ? 35  GLU B C   1 
ATOM   1020 O O   . GLU B 1 35 ? -0.123  19.888  2.621   1.00 29.77 ? 35  GLU B O   1 
ATOM   1021 C CB  . GLU B 1 35 ? -2.856  19.705  4.025   1.00 37.34 ? 35  GLU B CB  1 
ATOM   1022 C CG  . GLU B 1 35 ? -3.576  21.002  3.700   1.00 42.88 ? 35  GLU B CG  1 
ATOM   1023 C CD  . GLU B 1 35 ? -4.692  20.800  2.693   1.00 46.38 ? 35  GLU B CD  1 
ATOM   1024 O OE1 . GLU B 1 35 ? -5.668  20.083  3.011   1.00 49.98 ? 35  GLU B OE1 1 
ATOM   1025 O OE2 . GLU B 1 35 ? -4.590  21.347  1.576   1.00 50.13 ? 35  GLU B OE2 1 
ATOM   1026 N N   . MET B 1 36 ? -1.560  20.363  0.961   1.00 31.42 ? 36  MET B N   1 
ATOM   1027 C CA  . MET B 1 36 ? -0.596  21.161  0.224   1.00 34.76 ? 36  MET B CA  1 
ATOM   1028 C C   . MET B 1 36 ? -1.312  22.143  -0.686  1.00 34.70 ? 36  MET B C   1 
ATOM   1029 O O   . MET B 1 36 ? -2.526  22.065  -0.866  1.00 35.03 ? 36  MET B O   1 
ATOM   1030 C CB  . MET B 1 36 ? 0.297   20.263  -0.627  1.00 32.47 ? 36  MET B CB  1 
ATOM   1031 C CG  . MET B 1 36 ? -0.455  19.552  -1.736  1.00 38.98 ? 36  MET B CG  1 
ATOM   1032 S SD  . MET B 1 36 ? 0.681   18.775  -2.874  1.00 39.58 ? 36  MET B SD  1 
ATOM   1033 C CE  . MET B 1 36 ? 1.221   20.214  -3.820  1.00 41.17 ? 36  MET B CE  1 
ATOM   1034 N N   . SER B 1 37 ? -0.538  23.053  -1.267  1.00 36.09 ? 37  SER B N   1 
ATOM   1035 C CA  . SER B 1 37 ? -1.068  24.068  -2.159  1.00 36.40 ? 37  SER B CA  1 
ATOM   1036 C C   . SER B 1 37 ? -1.079  23.654  -3.629  1.00 35.93 ? 37  SER B C   1 
ATOM   1037 O O   . SER B 1 37 ? -0.024  23.520  -4.252  1.00 34.41 ? 37  SER B O   1 
ATOM   1038 C CB  . SER B 1 37 ? -0.256  25.355  -2.005  1.00 39.80 ? 37  SER B CB  1 
ATOM   1039 O OG  . SER B 1 37 ? -0.557  26.275  -3.041  1.00 44.49 ? 37  SER B OG  1 
ATOM   1040 N N   . LEU B 1 38 ? -2.274  23.446  -4.175  1.00 35.38 ? 38  LEU B N   1 
ATOM   1041 C CA  . LEU B 1 38 ? -2.426  23.088  -5.583  1.00 37.64 ? 38  LEU B CA  1 
ATOM   1042 C C   . LEU B 1 38 ? -3.391  24.078  -6.225  1.00 39.09 ? 38  LEU B C   1 
ATOM   1043 O O   . LEU B 1 38 ? -4.347  24.521  -5.593  1.00 41.65 ? 38  LEU B O   1 
ATOM   1044 C CB  . LEU B 1 38 ? -2.978  21.671  -5.753  1.00 39.08 ? 38  LEU B CB  1 
ATOM   1045 C CG  . LEU B 1 38 ? -2.038  20.475  -5.603  1.00 39.52 ? 38  LEU B CG  1 
ATOM   1046 C CD1 . LEU B 1 38 ? -2.780  19.225  -6.072  1.00 39.33 ? 38  LEU B CD1 1 
ATOM   1047 C CD2 . LEU B 1 38 ? -0.778  20.674  -6.431  1.00 37.85 ? 38  LEU B CD2 1 
ATOM   1048 N N   . PRO B 1 39 ? -3.145  24.445  -7.491  1.00 40.88 ? 39  PRO B N   1 
ATOM   1049 C CA  . PRO B 1 39 ? -4.014  25.392  -8.190  1.00 42.87 ? 39  PRO B CA  1 
ATOM   1050 C C   . PRO B 1 39 ? -5.175  24.719  -8.916  1.00 44.73 ? 39  PRO B C   1 
ATOM   1051 O O   . PRO B 1 39 ? -5.113  23.533  -9.241  1.00 43.46 ? 39  PRO B O   1 
ATOM   1052 C CB  . PRO B 1 39 ? -3.060  26.052  -9.168  1.00 41.03 ? 39  PRO B CB  1 
ATOM   1053 C CG  . PRO B 1 39 ? -2.228  24.885  -9.598  1.00 38.54 ? 39  PRO B CG  1 
ATOM   1054 C CD  . PRO B 1 39 ? -1.930  24.177  -8.283  1.00 39.56 ? 39  PRO B CD  1 
ATOM   1055 N N   . GLY B 1 40 ? -6.230  25.489  -9.161  1.00 46.97 ? 40  GLY B N   1 
ATOM   1056 C CA  . GLY B 1 40 ? -7.367  24.963  -9.891  1.00 47.00 ? 40  GLY B CA  1 
ATOM   1057 C C   . GLY B 1 40 ? -8.565  24.484  -9.096  1.00 47.70 ? 40  GLY B C   1 
ATOM   1058 O O   . GLY B 1 40 ? -8.608  24.565  -7.866  1.00 45.77 ? 40  GLY B O   1 
ATOM   1059 N N   . LYS B 1 41 ? -9.546  23.981  -9.837  1.00 47.48 ? 41  LYS B N   1 
ATOM   1060 C CA  . LYS B 1 41 ? -10.778 23.463  -9.267  1.00 49.14 ? 41  LYS B CA  1 
ATOM   1061 C C   . LYS B 1 41 ? -10.530 22.090  -8.666  1.00 46.34 ? 41  LYS B C   1 
ATOM   1062 O O   . LYS B 1 41 ? -9.616  21.380  -9.075  1.00 43.38 ? 41  LYS B O   1 
ATOM   1063 C CB  . LYS B 1 41 ? -11.841 23.336  -10.357 1.00 51.94 ? 41  LYS B CB  1 
ATOM   1064 C CG  . LYS B 1 41 ? -12.071 24.602  -11.160 1.00 57.54 ? 41  LYS B CG  1 
ATOM   1065 C CD  . LYS B 1 41 ? -13.061 24.348  -12.282 1.00 59.54 ? 41  LYS B CD  1 
ATOM   1066 C CE  . LYS B 1 41 ? -13.288 25.599  -13.112 1.00 61.09 ? 41  LYS B CE  1 
ATOM   1067 N NZ  . LYS B 1 41 ? -14.259 25.341  -14.210 1.00 63.78 ? 41  LYS B NZ  1 
ATOM   1068 N N   . TRP B 1 42 ? -11.357 21.725  -7.695  1.00 46.74 ? 42  TRP B N   1 
ATOM   1069 C CA  . TRP B 1 42 ? -11.262 20.429  -7.041  1.00 47.80 ? 42  TRP B CA  1 
ATOM   1070 C C   . TRP B 1 42 ? -12.654 20.023  -6.595  1.00 49.94 ? 42  TRP B C   1 
ATOM   1071 O O   . TRP B 1 42 ? -13.536 20.868  -6.456  1.00 49.27 ? 42  TRP B O   1 
ATOM   1072 C CB  . TRP B 1 42 ? -10.341 20.495  -5.823  1.00 48.30 ? 42  TRP B CB  1 
ATOM   1073 C CG  . TRP B 1 42 ? -10.696 21.575  -4.859  1.00 52.22 ? 42  TRP B CG  1 
ATOM   1074 C CD1 . TRP B 1 42 ? -10.268 22.870  -4.889  1.00 52.57 ? 42  TRP B CD1 1 
ATOM   1075 C CD2 . TRP B 1 42 ? -11.556 21.463  -3.717  1.00 53.30 ? 42  TRP B CD2 1 
ATOM   1076 N NE1 . TRP B 1 42 ? -10.802 23.572  -3.836  1.00 54.50 ? 42  TRP B NE1 1 
ATOM   1077 C CE2 . TRP B 1 42 ? -11.598 22.734  -3.100  1.00 53.41 ? 42  TRP B CE2 1 
ATOM   1078 C CE3 . TRP B 1 42 ? -12.295 20.412  -3.156  1.00 54.76 ? 42  TRP B CE3 1 
ATOM   1079 C CZ2 . TRP B 1 42 ? -12.349 22.983  -1.946  1.00 52.40 ? 42  TRP B CZ2 1 
ATOM   1080 C CZ3 . TRP B 1 42 ? -13.043 20.661  -2.006  1.00 54.46 ? 42  TRP B CZ3 1 
ATOM   1081 C CH2 . TRP B 1 42 ? -13.062 21.939  -1.415  1.00 54.59 ? 42  TRP B CH2 1 
ATOM   1082 N N   . LYS B 1 43 ? -12.848 18.728  -6.377  1.00 50.82 ? 43  LYS B N   1 
ATOM   1083 C CA  . LYS B 1 43 ? -14.140 18.213  -5.941  1.00 51.75 ? 43  LYS B CA  1 
ATOM   1084 C C   . LYS B 1 43 ? -13.969 17.465  -4.628  1.00 51.37 ? 43  LYS B C   1 
ATOM   1085 O O   . LYS B 1 43 ? -13.039 16.670  -4.476  1.00 52.27 ? 43  LYS B O   1 
ATOM   1086 C CB  . LYS B 1 43 ? -14.717 17.264  -6.993  1.00 51.09 ? 43  LYS B CB  1 
ATOM   1087 C CG  . LYS B 1 43 ? -14.989 17.923  -8.331  1.00 57.27 ? 43  LYS B CG  1 
ATOM   1088 C CD  . LYS B 1 43 ? -15.463 16.911  -9.361  1.00 58.20 ? 43  LYS B CD  1 
ATOM   1089 C CE  . LYS B 1 43 ? -15.829 17.598  -10.672 1.00 60.96 ? 43  LYS B CE  1 
ATOM   1090 N NZ  . LYS B 1 43 ? -16.966 18.553  -10.503 1.00 61.62 ? 43  LYS B NZ  1 
ATOM   1091 N N   . PRO B 1 44 ? -14.850 17.725  -3.650  1.00 50.94 ? 44  PRO B N   1 
ATOM   1092 C CA  . PRO B 1 44 ? -14.738 17.030  -2.367  1.00 50.20 ? 44  PRO B CA  1 
ATOM   1093 C C   . PRO B 1 44 ? -15.016 15.546  -2.575  1.00 48.73 ? 44  PRO B C   1 
ATOM   1094 O O   . PRO B 1 44 ? -16.001 15.179  -3.210  1.00 48.53 ? 44  PRO B O   1 
ATOM   1095 C CB  . PRO B 1 44 ? -15.802 17.716  -1.515  1.00 50.17 ? 44  PRO B CB  1 
ATOM   1096 C CG  . PRO B 1 44 ? -16.841 18.075  -2.515  1.00 48.66 ? 44  PRO B CG  1 
ATOM   1097 C CD  . PRO B 1 44 ? -16.011 18.632  -3.648  1.00 50.81 ? 44  PRO B CD  1 
ATOM   1098 N N   . LYS B 1 45 ? -14.130 14.700  -2.059  1.00 48.00 ? 45  LYS B N   1 
ATOM   1099 C CA  . LYS B 1 45 ? -14.288 13.262  -2.201  1.00 45.70 ? 45  LYS B CA  1 
ATOM   1100 C C   . LYS B 1 45 ? -14.006 12.584  -0.872  1.00 44.04 ? 45  LYS B C   1 
ATOM   1101 O O   . LYS B 1 45 ? -13.426 13.185  0.032   1.00 43.58 ? 45  LYS B O   1 
ATOM   1102 C CB  . LYS B 1 45 ? -13.337 12.725  -3.277  1.00 48.93 ? 45  LYS B CB  1 
ATOM   1103 C CG  . LYS B 1 45 ? -13.507 11.239  -3.573  1.00 52.94 ? 45  LYS B CG  1 
ATOM   1104 C CD  . LYS B 1 45 ? -12.579 10.766  -4.683  1.00 54.71 ? 45  LYS B CD  1 
ATOM   1105 C CE  . LYS B 1 45 ? -12.801 9.288   -4.986  1.00 58.48 ? 45  LYS B CE  1 
ATOM   1106 N NZ  . LYS B 1 45 ? -11.932 8.788   -6.088  1.00 59.59 ? 45  LYS B NZ  1 
ATOM   1107 N N   . MET B 1 46 ? -14.423 11.329  -0.762  1.00 41.62 ? 46  MET B N   1 
ATOM   1108 C CA  . MET B 1 46 ? -14.226 10.562  0.457   1.00 38.70 ? 46  MET B CA  1 
ATOM   1109 C C   . MET B 1 46 ? -13.527 9.263   0.097   1.00 33.09 ? 46  MET B C   1 
ATOM   1110 O O   . MET B 1 46 ? -14.007 8.514   -0.748  1.00 37.09 ? 46  MET B O   1 
ATOM   1111 C CB  . MET B 1 46 ? -15.577 10.252  1.099   1.00 42.51 ? 46  MET B CB  1 
ATOM   1112 C CG  . MET B 1 46 ? -15.494 9.858   2.556   1.00 46.28 ? 46  MET B CG  1 
ATOM   1113 S SD  . MET B 1 46 ? -16.194 11.152  3.587   1.00 57.52 ? 46  MET B SD  1 
ATOM   1114 C CE  . MET B 1 46 ? -17.854 10.523  3.830   1.00 50.27 ? 46  MET B CE  1 
ATOM   1115 N N   . ILE B 1 47 ? -12.388 8.996   0.720   1.00 30.53 ? 47  ILE B N   1 
ATOM   1116 C CA  . ILE B 1 47 ? -11.666 7.762   0.436   1.00 31.21 ? 47  ILE B CA  1 
ATOM   1117 C C   . ILE B 1 47 ? -11.508 6.949   1.707   1.00 29.86 ? 47  ILE B C   1 
ATOM   1118 O O   . ILE B 1 47 ? -11.469 7.497   2.808   1.00 30.97 ? 47  ILE B O   1 
ATOM   1119 C CB  . ILE B 1 47 ? -10.262 8.029   -0.155  1.00 30.85 ? 47  ILE B CB  1 
ATOM   1120 C CG1 . ILE B 1 47 ? -9.451  8.900   0.803   1.00 33.91 ? 47  ILE B CG1 1 
ATOM   1121 C CG2 . ILE B 1 47 ? -10.388 8.684   -1.514  1.00 34.65 ? 47  ILE B CG2 1 
ATOM   1122 C CD1 . ILE B 1 47 ? -8.021  9.124   0.360   1.00 37.38 ? 47  ILE B CD1 1 
ATOM   1123 N N   . GLY B 1 48 ? -11.414 5.638   1.547   1.00 29.27 ? 48  GLY B N   1 
ATOM   1124 C CA  . GLY B 1 48 ? -11.270 4.780   2.703   1.00 31.60 ? 48  GLY B CA  1 
ATOM   1125 C C   . GLY B 1 48 ? -9.927  4.088   2.785   1.00 29.55 ? 48  GLY B C   1 
ATOM   1126 O O   . GLY B 1 48 ? -9.095  4.179   1.880   1.00 28.48 ? 48  GLY B O   1 
ATOM   1127 N N   . GLY B 1 49 ? -9.727  3.393   3.895   1.00 30.90 ? 49  GLY B N   1 
ATOM   1128 C CA  . GLY B 1 49 ? -8.500  2.662   4.126   1.00 32.72 ? 49  GLY B CA  1 
ATOM   1129 C C   . GLY B 1 49 ? -8.590  2.032   5.498   1.00 33.83 ? 49  GLY B C   1 
ATOM   1130 O O   . GLY B 1 49 ? -9.682  1.884   6.047   1.00 32.28 ? 49  GLY B O   1 
ATOM   1131 N N   . ILE B 1 50 ? -7.450  1.645   6.051   1.00 31.43 ? 50  ILE B N   1 
ATOM   1132 C CA  . ILE B 1 50 ? -7.427  1.062   7.376   1.00 33.32 ? 50  ILE B CA  1 
ATOM   1133 C C   . ILE B 1 50 ? -7.812  2.179   8.338   1.00 33.31 ? 50  ILE B C   1 
ATOM   1134 O O   . ILE B 1 50 ? -7.314  3.299   8.226   1.00 36.27 ? 50  ILE B O   1 
ATOM   1135 C CB  . ILE B 1 50 ? -6.011  0.552   7.733   1.00 34.99 ? 50  ILE B CB  1 
ATOM   1136 C CG1 . ILE B 1 50 ? -5.779  -0.823  7.104   1.00 38.80 ? 50  ILE B CG1 1 
ATOM   1137 C CG2 . ILE B 1 50 ? -5.830  0.504   9.239   1.00 37.32 ? 50  ILE B CG2 1 
ATOM   1138 C CD1 . ILE B 1 50 ? -6.725  -1.894  7.601   1.00 42.51 ? 50  ILE B CD1 1 
ATOM   1139 N N   . GLY B 1 51 ? -8.707  1.881   9.267   1.00 34.54 ? 51  GLY B N   1 
ATOM   1140 C CA  . GLY B 1 51 ? -9.114  2.888   10.232  1.00 31.61 ? 51  GLY B CA  1 
ATOM   1141 C C   . GLY B 1 51 ? -10.380 3.643   9.879   1.00 31.58 ? 51  GLY B C   1 
ATOM   1142 O O   . GLY B 1 51 ? -10.995 4.266   10.742  1.00 33.24 ? 51  GLY B O   1 
ATOM   1143 N N   . GLY B 1 52 ? -10.777 3.602   8.616   1.00 31.03 ? 52  GLY B N   1 
ATOM   1144 C CA  . GLY B 1 52 ? -11.980 4.309   8.223   1.00 29.13 ? 52  GLY B CA  1 
ATOM   1145 C C   . GLY B 1 52 ? -11.814 5.171   6.989   1.00 30.49 ? 52  GLY B C   1 
ATOM   1146 O O   . GLY B 1 52 ? -11.159 4.778   6.025   1.00 33.25 ? 52  GLY B O   1 
ATOM   1147 N N   . PHE B 1 53 ? -12.399 6.362   7.021   1.00 29.36 ? 53  PHE B N   1 
ATOM   1148 C CA  . PHE B 1 53 ? -12.335 7.257   5.874   1.00 32.43 ? 53  PHE B CA  1 
ATOM   1149 C C   . PHE B 1 53 ? -11.862 8.657   6.220   1.00 33.22 ? 53  PHE B C   1 
ATOM   1150 O O   . PHE B 1 53 ? -11.854 9.060   7.380   1.00 36.83 ? 53  PHE B O   1 
ATOM   1151 C CB  . PHE B 1 53 ? -13.718 7.385   5.246   1.00 34.75 ? 53  PHE B CB  1 
ATOM   1152 C CG  . PHE B 1 53 ? -14.692 8.145   6.097   1.00 40.49 ? 53  PHE B CG  1 
ATOM   1153 C CD1 . PHE B 1 53 ? -15.440 7.497   7.074   1.00 40.24 ? 53  PHE B CD1 1 
ATOM   1154 C CD2 . PHE B 1 53 ? -14.844 9.521   5.940   1.00 43.30 ? 53  PHE B CD2 1 
ATOM   1155 C CE1 . PHE B 1 53 ? -16.331 8.212   7.883   1.00 43.14 ? 53  PHE B CE1 1 
ATOM   1156 C CE2 . PHE B 1 53 ? -15.731 10.244  6.744   1.00 46.04 ? 53  PHE B CE2 1 
ATOM   1157 C CZ  . PHE B 1 53 ? -16.476 9.585   7.718   1.00 43.62 ? 53  PHE B CZ  1 
ATOM   1158 N N   . ILE B 1 54 ? -11.478 9.394   5.186   1.00 30.53 ? 54  ILE B N   1 
ATOM   1159 C CA  . ILE B 1 54 ? -11.052 10.775  5.338   1.00 31.30 ? 54  ILE B CA  1 
ATOM   1160 C C   . ILE B 1 54 ? -11.611 11.550  4.161   1.00 31.33 ? 54  ILE B C   1 
ATOM   1161 O O   . ILE B 1 54 ? -11.842 10.996  3.081   1.00 32.33 ? 54  ILE B O   1 
ATOM   1162 C CB  . ILE B 1 54 ? -9.516  10.941  5.339   1.00 30.49 ? 54  ILE B CB  1 
ATOM   1163 C CG1 . ILE B 1 54 ? -8.927  10.431  4.023   1.00 31.04 ? 54  ILE B CG1 1 
ATOM   1164 C CG2 . ILE B 1 54 ? -8.917  10.220  6.532   1.00 33.62 ? 54  ILE B CG2 1 
ATOM   1165 C CD1 . ILE B 1 54 ? -7.524  10.950  3.745   1.00 30.89 ? 54  ILE B CD1 1 
ATOM   1166 N N   . LYS B 1 55 ? -11.844 12.833  4.377   1.00 33.20 ? 55  LYS B N   1 
ATOM   1167 C CA  . LYS B 1 55 ? -12.364 13.685  3.327   1.00 37.77 ? 55  LYS B CA  1 
ATOM   1168 C C   . LYS B 1 55 ? -11.162 14.358  2.682   1.00 35.73 ? 55  LYS B C   1 
ATOM   1169 O O   . LYS B 1 55 ? -10.267 14.844  3.371   1.00 37.22 ? 55  LYS B O   1 
ATOM   1170 C CB  . LYS B 1 55 ? -13.319 14.724  3.922   1.00 38.90 ? 55  LYS B CB  1 
ATOM   1171 C CG  . LYS B 1 55 ? -14.519 14.101  4.620   1.00 42.68 ? 55  LYS B CG  1 
ATOM   1172 C CD  . LYS B 1 55 ? -14.873 14.833  5.913   1.00 49.33 ? 55  LYS B CD  1 
ATOM   1173 C CE  . LYS B 1 55 ? -15.311 16.266  5.659   1.00 49.76 ? 55  LYS B CE  1 
ATOM   1174 N NZ  . LYS B 1 55 ? -15.638 16.967  6.934   1.00 54.13 ? 55  LYS B NZ  1 
ATOM   1175 N N   . VAL B 1 56 ? -11.136 14.360  1.358   1.00 36.47 ? 56  VAL B N   1 
ATOM   1176 C CA  . VAL B 1 56 ? -10.035 14.967  0.628   1.00 38.03 ? 56  VAL B CA  1 
ATOM   1177 C C   . VAL B 1 56 ? -10.549 15.820  -0.521  1.00 38.53 ? 56  VAL B C   1 
ATOM   1178 O O   . VAL B 1 56 ? -11.740 15.804  -0.837  1.00 40.15 ? 56  VAL B O   1 
ATOM   1179 C CB  . VAL B 1 56 ? -9.100  13.882  0.047   1.00 36.79 ? 56  VAL B CB  1 
ATOM   1180 C CG1 . VAL B 1 56 ? -8.536  13.025  1.170   1.00 34.31 ? 56  VAL B CG1 1 
ATOM   1181 C CG2 . VAL B 1 56 ? -9.863  13.016  -0.958  1.00 34.57 ? 56  VAL B CG2 1 
ATOM   1182 N N   . ARG B 1 57 ? -9.643  16.575  -1.134  1.00 37.54 ? 57  ARG B N   1 
ATOM   1183 C CA  . ARG B 1 57 ? -9.990  17.404  -2.277  1.00 36.19 ? 57  ARG B CA  1 
ATOM   1184 C C   . ARG B 1 57 ? -9.458  16.662  -3.490  1.00 35.39 ? 57  ARG B C   1 
ATOM   1185 O O   . ARG B 1 57 ? -8.307  16.217  -3.499  1.00 38.83 ? 57  ARG B O   1 
ATOM   1186 C CB  . ARG B 1 57 ? -9.329  18.784  -2.180  1.00 37.13 ? 57  ARG B CB  1 
ATOM   1187 C CG  . ARG B 1 57 ? -9.654  19.555  -0.910  1.00 38.42 ? 57  ARG B CG  1 
ATOM   1188 C CD  . ARG B 1 57 ? -9.459  21.055  -1.113  1.00 42.54 ? 57  ARG B CD  1 
ATOM   1189 N NE  . ARG B 1 57 ? -8.108  21.397  -1.551  1.00 44.06 ? 57  ARG B NE  1 
ATOM   1190 C CZ  . ARG B 1 57 ? -7.035  21.366  -0.766  1.00 45.28 ? 57  ARG B CZ  1 
ATOM   1191 N NH1 . ARG B 1 57 ? -7.152  21.012  0.508   1.00 44.17 ? 57  ARG B NH1 1 
ATOM   1192 N NH2 . ARG B 1 57 ? -5.844  21.684  -1.255  1.00 43.47 ? 57  ARG B NH2 1 
ATOM   1193 N N   . GLN B 1 58 ? -10.290 16.512  -4.508  1.00 33.66 ? 58  GLN B N   1 
ATOM   1194 C CA  . GLN B 1 58 ? -9.861  15.815  -5.701  1.00 34.79 ? 58  GLN B CA  1 
ATOM   1195 C C   . GLN B 1 58 ? -9.469  16.760  -6.828  1.00 37.05 ? 58  GLN B C   1 
ATOM   1196 O O   . GLN B 1 58 ? -10.271 17.574  -7.281  1.00 35.68 ? 58  GLN B O   1 
ATOM   1197 C CB  . GLN B 1 58 ? -10.955 14.878  -6.196  1.00 34.19 ? 58  GLN B CB  1 
ATOM   1198 C CG  . GLN B 1 58 ? -10.528 14.055  -7.389  1.00 38.33 ? 58  GLN B CG  1 
ATOM   1199 C CD  . GLN B 1 58 ? -11.645 13.212  -7.952  1.00 37.53 ? 58  GLN B CD  1 
ATOM   1200 O OE1 . GLN B 1 58 ? -12.284 12.453  -7.231  1.00 41.22 ? 58  GLN B OE1 1 
ATOM   1201 N NE2 . GLN B 1 58 ? -11.885 13.338  -9.251  1.00 40.47 ? 58  GLN B NE2 1 
ATOM   1202 N N   . TYR B 1 59 ? -8.221  16.644  -7.266  1.00 36.40 ? 59  TYR B N   1 
ATOM   1203 C CA  . TYR B 1 59 ? -7.702  17.449  -8.367  1.00 35.14 ? 59  TYR B CA  1 
ATOM   1204 C C   . TYR B 1 59 ? -7.441  16.482  -9.504  1.00 35.54 ? 59  TYR B C   1 
ATOM   1205 O O   . TYR B 1 59 ? -6.772  15.462  -9.316  1.00 35.48 ? 59  TYR B O   1 
ATOM   1206 C CB  . TYR B 1 59 ? -6.388  18.118  -7.973  1.00 33.51 ? 59  TYR B CB  1 
ATOM   1207 C CG  . TYR B 1 59 ? -6.512  19.178  -6.911  1.00 32.99 ? 59  TYR B CG  1 
ATOM   1208 C CD1 . TYR B 1 59 ? -6.702  20.521  -7.251  1.00 34.14 ? 59  TYR B CD1 1 
ATOM   1209 C CD2 . TYR B 1 59 ? -6.409  18.848  -5.560  1.00 28.12 ? 59  TYR B CD2 1 
ATOM   1210 C CE1 . TYR B 1 59 ? -6.782  21.508  -6.266  1.00 29.87 ? 59  TYR B CE1 1 
ATOM   1211 C CE2 . TYR B 1 59 ? -6.486  19.824  -4.571  1.00 31.18 ? 59  TYR B CE2 1 
ATOM   1212 C CZ  . TYR B 1 59 ? -6.672  21.150  -4.931  1.00 33.56 ? 59  TYR B CZ  1 
ATOM   1213 O OH  . TYR B 1 59 ? -6.740  22.104  -3.944  1.00 35.69 ? 59  TYR B OH  1 
ATOM   1214 N N   . ASP B 1 60 ? -7.975  16.778  -10.681 1.00 36.75 ? 60  ASP B N   1 
ATOM   1215 C CA  . ASP B 1 60 ? -7.770  15.902  -11.823 1.00 39.05 ? 60  ASP B CA  1 
ATOM   1216 C C   . ASP B 1 60 ? -6.808  16.523  -12.820 1.00 38.99 ? 60  ASP B C   1 
ATOM   1217 O O   . ASP B 1 60 ? -6.561  17.731  -12.790 1.00 39.22 ? 60  ASP B O   1 
ATOM   1218 C CB  . ASP B 1 60 ? -9.107  15.585  -12.489 1.00 44.58 ? 60  ASP B CB  1 
ATOM   1219 C CG  . ASP B 1 60 ? -10.032 14.806  -11.574 1.00 50.35 ? 60  ASP B CG  1 
ATOM   1220 O OD1 . ASP B 1 60 ? -10.306 15.290  -10.457 1.00 54.59 ? 60  ASP B OD1 1 
ATOM   1221 O OD2 . ASP B 1 60 ? -10.479 13.708  -11.960 1.00 53.84 ? 60  ASP B OD2 1 
ATOM   1222 N N   . GLN B 1 61 ? -6.249  15.682  -13.684 1.00 38.83 ? 61  GLN B N   1 
ATOM   1223 C CA  . GLN B 1 61 ? -5.305  16.122  -14.701 1.00 38.86 ? 61  GLN B CA  1 
ATOM   1224 C C   . GLN B 1 61 ? -4.156  16.907  -14.080 1.00 38.24 ? 61  GLN B C   1 
ATOM   1225 O O   . GLN B 1 61 ? -3.781  17.974  -14.571 1.00 39.98 ? 61  GLN B O   1 
ATOM   1226 C CB  . GLN B 1 61 ? -6.025  16.977  -15.746 1.00 45.73 ? 61  GLN B CB  1 
ATOM   1227 C CG  . GLN B 1 61 ? -7.132  16.235  -16.480 1.00 54.76 ? 61  GLN B CG  1 
ATOM   1228 C CD  . GLN B 1 61 ? -8.036  17.157  -17.279 1.00 60.53 ? 61  GLN B CD  1 
ATOM   1229 O OE1 . GLN B 1 61 ? -7.581  17.884  -18.169 1.00 64.08 ? 61  GLN B OE1 1 
ATOM   1230 N NE2 . GLN B 1 61 ? -9.328  17.135  -16.965 1.00 61.83 ? 61  GLN B NE2 1 
ATOM   1231 N N   . ILE B 1 62 ? -3.599  16.376  -12.998 1.00 31.06 ? 62  ILE B N   1 
ATOM   1232 C CA  . ILE B 1 62 ? -2.487  17.030  -12.319 1.00 31.30 ? 62  ILE B CA  1 
ATOM   1233 C C   . ILE B 1 62 ? -1.154  16.462  -12.786 1.00 31.64 ? 62  ILE B C   1 
ATOM   1234 O O   . ILE B 1 62 ? -0.969  15.245  -12.821 1.00 27.88 ? 62  ILE B O   1 
ATOM   1235 C CB  . ILE B 1 62 ? -2.567  16.853  -10.792 1.00 30.54 ? 62  ILE B CB  1 
ATOM   1236 C CG1 . ILE B 1 62 ? -3.759  17.627  -10.233 1.00 34.64 ? 62  ILE B CG1 1 
ATOM   1237 C CG2 . ILE B 1 62 ? -1.271  17.337  -10.148 1.00 30.54 ? 62  ILE B CG2 1 
ATOM   1238 C CD1 . ILE B 1 62 ? -3.611  19.133  -10.341 1.00 40.87 ? 62  ILE B CD1 1 
ATOM   1239 N N   . LEU B 1 63 ? -0.230  17.348  -13.141 1.00 32.04 ? 63  LEU B N   1 
ATOM   1240 C CA  . LEU B 1 63 ? 1.085   16.930  -13.596 1.00 28.19 ? 63  LEU B CA  1 
ATOM   1241 C C   . LEU B 1 63 ? 1.955   16.622  -12.398 1.00 28.42 ? 63  LEU B C   1 
ATOM   1242 O O   . LEU B 1 63 ? 2.077   17.428  -11.479 1.00 29.37 ? 63  LEU B O   1 
ATOM   1243 C CB  . LEU B 1 63 ? 1.752   18.028  -14.425 1.00 29.17 ? 63  LEU B CB  1 
ATOM   1244 C CG  . LEU B 1 63 ? 3.219   17.728  -14.745 1.00 27.83 ? 63  LEU B CG  1 
ATOM   1245 C CD1 . LEU B 1 63 ? 3.311   16.465  -15.589 1.00 30.83 ? 63  LEU B CD1 1 
ATOM   1246 C CD2 . LEU B 1 63 ? 3.846   18.903  -15.472 1.00 31.72 ? 63  LEU B CD2 1 
ATOM   1247 N N   . ILE B 1 64 ? 2.572   15.452  -12.418 1.00 27.98 ? 64  ILE B N   1 
ATOM   1248 C CA  . ILE B 1 64 ? 3.430   15.038  -11.329 1.00 30.06 ? 64  ILE B CA  1 
ATOM   1249 C C   . ILE B 1 64 ? 4.684   14.381  -11.896 1.00 30.24 ? 64  ILE B C   1 
ATOM   1250 O O   . ILE B 1 64 ? 4.622   13.653  -12.887 1.00 30.29 ? 64  ILE B O   1 
ATOM   1251 C CB  . ILE B 1 64 ? 2.666   14.060  -10.393 1.00 31.25 ? 64  ILE B CB  1 
ATOM   1252 C CG1 . ILE B 1 64 ? 3.514   13.719  -9.174  1.00 34.95 ? 64  ILE B CG1 1 
ATOM   1253 C CG2 . ILE B 1 64 ? 2.282   12.799  -11.157 1.00 36.36 ? 64  ILE B CG2 1 
ATOM   1254 C CD1 . ILE B 1 64 ? 2.726   13.043  -8.059  1.00 39.50 ? 64  ILE B CD1 1 
ATOM   1255 N N   . GLU B 1 65 ? 5.830   14.671  -11.299 1.00 26.45 ? 65  GLU B N   1 
ATOM   1256 C CA  . GLU B 1 65 ? 7.056   14.061  -11.763 1.00 33.60 ? 65  GLU B CA  1 
ATOM   1257 C C   . GLU B 1 65 ? 7.608   13.227  -10.621 1.00 36.53 ? 65  GLU B C   1 
ATOM   1258 O O   . GLU B 1 65 ? 8.077   13.760  -9.613  1.00 34.35 ? 65  GLU B O   1 
ATOM   1259 C CB  . GLU B 1 65 ? 8.063   15.115  -12.214 1.00 36.24 ? 65  GLU B CB  1 
ATOM   1260 C CG  . GLU B 1 65 ? 9.267   14.493  -12.891 1.00 45.95 ? 65  GLU B CG  1 
ATOM   1261 C CD  . GLU B 1 65 ? 9.965   15.436  -13.844 1.00 51.98 ? 65  GLU B CD  1 
ATOM   1262 O OE1 . GLU B 1 65 ? 10.908  14.982  -14.532 1.00 52.57 ? 65  GLU B OE1 1 
ATOM   1263 O OE2 . GLU B 1 65 ? 9.573   16.622  -13.905 1.00 55.00 ? 65  GLU B OE2 1 
ATOM   1264 N N   . ILE B 1 66 ? 7.516   11.911  -10.793 1.00 39.37 ? 66  ILE B N   1 
ATOM   1265 C CA  . ILE B 1 66 ? 7.954   10.929  -9.805  1.00 40.37 ? 66  ILE B CA  1 
ATOM   1266 C C   . ILE B 1 66 ? 9.310   10.351  -10.172 1.00 41.95 ? 66  ILE B C   1 
ATOM   1267 O O   . ILE B 1 66 ? 9.454   9.690   -11.202 1.00 41.85 ? 66  ILE B O   1 
ATOM   1268 C CB  . ILE B 1 66 ? 6.947   9.764   -9.716  1.00 43.17 ? 66  ILE B CB  1 
ATOM   1269 C CG1 . ILE B 1 66 ? 5.549   10.306  -9.412  1.00 46.46 ? 66  ILE B CG1 1 
ATOM   1270 C CG2 . ILE B 1 66 ? 7.380   8.774   -8.652  1.00 44.60 ? 66  ILE B CG2 1 
ATOM   1271 C CD1 . ILE B 1 66 ? 4.452   9.267   -9.543  1.00 45.70 ? 66  ILE B CD1 1 
ATOM   1272 N N   . CYS B 1 67 ? 10.296  10.596  -9.318  1.00 44.98 ? 67  CYS B N   1 
ATOM   1273 C CA  . CYS B 1 67 ? 11.652  10.109  -9.532  1.00 47.71 ? 67  CYS B CA  1 
ATOM   1274 C C   . CYS B 1 67 ? 12.105  10.263  -10.989 1.00 48.78 ? 67  CYS B C   1 
ATOM   1275 O O   . CYS B 1 67 ? 12.731  9.362   -11.548 1.00 50.25 ? 67  CYS B O   1 
ATOM   1276 C CB  . CYS B 1 67 ? 11.756  8.639   -9.099  1.00 50.64 ? 67  CYS B CB  1 
ATOM   1277 S SG  . CYS B 1 67 ? 13.451  7.966   -9.027  1.00 56.03 ? 67  CYS B SG  1 
ATOM   1278 N N   . GLY B 1 68 ? 11.777  11.399  -11.602 1.00 47.07 ? 68  GLY B N   1 
ATOM   1279 C CA  . GLY B 1 68 ? 12.195  11.641  -12.974 1.00 48.33 ? 68  GLY B CA  1 
ATOM   1280 C C   . GLY B 1 68 ? 11.242  11.210  -14.074 1.00 48.37 ? 68  GLY B C   1 
ATOM   1281 O O   . GLY B 1 68 ? 11.557  11.344  -15.258 1.00 50.18 ? 68  GLY B O   1 
ATOM   1282 N N   . HIS B 1 69 ? 10.080  10.687  -13.703 1.00 44.78 ? 69  HIS B N   1 
ATOM   1283 C CA  . HIS B 1 69 ? 9.106   10.256  -14.699 1.00 40.40 ? 69  HIS B CA  1 
ATOM   1284 C C   . HIS B 1 69 ? 7.860   11.116  -14.596 1.00 38.91 ? 69  HIS B C   1 
ATOM   1285 O O   . HIS B 1 69 ? 7.264   11.236  -13.522 1.00 40.24 ? 69  HIS B O   1 
ATOM   1286 C CB  . HIS B 1 69 ? 8.733   8.789   -14.483 1.00 38.42 ? 69  HIS B CB  1 
ATOM   1287 C CG  . HIS B 1 69 ? 9.882   7.846   -14.631 1.00 38.88 ? 69  HIS B CG  1 
ATOM   1288 N ND1 . HIS B 1 69 ? 11.014  7.923   -13.848 1.00 40.61 ? 69  HIS B ND1 1 
ATOM   1289 C CD2 . HIS B 1 69 ? 10.070  6.791   -15.461 1.00 38.09 ? 69  HIS B CD2 1 
ATOM   1290 C CE1 . HIS B 1 69 ? 11.849  6.955   -14.188 1.00 38.90 ? 69  HIS B CE1 1 
ATOM   1291 N NE2 . HIS B 1 69 ? 11.299  6.256   -15.164 1.00 41.85 ? 69  HIS B NE2 1 
ATOM   1292 N N   . LYS B 1 70 ? 7.467   11.710  -15.714 1.00 35.39 ? 70  LYS B N   1 
ATOM   1293 C CA  . LYS B 1 70 ? 6.293   12.559  -15.741 1.00 32.00 ? 70  LYS B CA  1 
ATOM   1294 C C   . LYS B 1 70 ? 5.033   11.721  -15.894 1.00 32.97 ? 70  LYS B C   1 
ATOM   1295 O O   . LYS B 1 70 ? 5.045   10.662  -16.517 1.00 31.20 ? 70  LYS B O   1 
ATOM   1296 C CB  . LYS B 1 70 ? 6.399   13.564  -16.890 1.00 32.76 ? 70  LYS B CB  1 
ATOM   1297 C CG  . LYS B 1 70 ? 7.557   14.538  -16.744 1.00 37.01 ? 70  LYS B CG  1 
ATOM   1298 C CD  . LYS B 1 70 ? 7.669   15.446  -17.961 1.00 41.55 ? 70  LYS B CD  1 
ATOM   1299 C CE  . LYS B 1 70 ? 8.909   16.329  -17.896 1.00 42.57 ? 70  LYS B CE  1 
ATOM   1300 N NZ  . LYS B 1 70 ? 8.883   17.238  -16.715 1.00 45.08 ? 70  LYS B NZ  1 
ATOM   1301 N N   . ALA B 1 71 ? 3.952   12.202  -15.303 1.00 30.84 ? 71  ALA B N   1 
ATOM   1302 C CA  . ALA B 1 71 ? 2.670   11.524  -15.371 1.00 30.39 ? 71  ALA B CA  1 
ATOM   1303 C C   . ALA B 1 71 ? 1.589   12.547  -15.060 1.00 30.21 ? 71  ALA B C   1 
ATOM   1304 O O   . ALA B 1 71 ? 1.819   13.489  -14.303 1.00 28.96 ? 71  ALA B O   1 
ATOM   1305 C CB  . ALA B 1 71 ? 2.627   10.379  -14.360 1.00 31.17 ? 71  ALA B CB  1 
ATOM   1306 N N   . ILE B 1 72 ? 0.421   12.378  -15.672 1.00 29.82 ? 72  ILE B N   1 
ATOM   1307 C CA  . ILE B 1 72 ? -0.705  13.273  -15.440 1.00 28.89 ? 72  ILE B CA  1 
ATOM   1308 C C   . ILE B 1 72 ? -1.844  12.413  -14.937 1.00 30.18 ? 72  ILE B C   1 
ATOM   1309 O O   . ILE B 1 72 ? -2.148  11.378  -15.523 1.00 28.37 ? 72  ILE B O   1 
ATOM   1310 C CB  . ILE B 1 72 ? -1.193  13.979  -16.726 1.00 31.72 ? 72  ILE B CB  1 
ATOM   1311 C CG1 . ILE B 1 72 ? -0.129  14.935  -17.258 1.00 35.99 ? 72  ILE B CG1 1 
ATOM   1312 C CG2 . ILE B 1 72 ? -2.464  14.769  -16.423 1.00 30.31 ? 72  ILE B CG2 1 
ATOM   1313 C CD1 . ILE B 1 72 ? -0.575  15.709  -18.486 1.00 37.86 ? 72  ILE B CD1 1 
ATOM   1314 N N   . GLY B 1 73 ? -2.470  12.832  -13.848 1.00 29.02 ? 73  GLY B N   1 
ATOM   1315 C CA  . GLY B 1 73 ? -3.567  12.056  -13.317 1.00 29.48 ? 73  GLY B CA  1 
ATOM   1316 C C   . GLY B 1 73 ? -4.255  12.730  -12.157 1.00 31.36 ? 73  GLY B C   1 
ATOM   1317 O O   . GLY B 1 73 ? -3.992  13.892  -11.838 1.00 28.30 ? 73  GLY B O   1 
ATOM   1318 N N   . THR B 1 74 ? -5.149  11.986  -11.520 1.00 29.38 ? 74  THR B N   1 
ATOM   1319 C CA  . THR B 1 74 ? -5.897  12.498  -10.391 1.00 28.27 ? 74  THR B CA  1 
ATOM   1320 C C   . THR B 1 74 ? -5.077  12.402  -9.117  1.00 28.76 ? 74  THR B C   1 
ATOM   1321 O O   . THR B 1 74 ? -4.461  11.375  -8.833  1.00 28.45 ? 74  THR B O   1 
ATOM   1322 C CB  . THR B 1 74 ? -7.206  11.708  -10.211 1.00 33.05 ? 74  THR B CB  1 
ATOM   1323 O OG1 . THR B 1 74 ? -8.003  11.859  -11.390 1.00 33.29 ? 74  THR B OG1 1 
ATOM   1324 C CG2 . THR B 1 74 ? -7.978  12.204  -8.998  1.00 30.22 ? 74  THR B CG2 1 
ATOM   1325 N N   . VAL B 1 75 ? -5.076  13.483  -8.355  1.00 24.17 ? 75  VAL B N   1 
ATOM   1326 C CA  . VAL B 1 75 ? -4.347  13.525  -7.107  1.00 29.10 ? 75  VAL B CA  1 
ATOM   1327 C C   . VAL B 1 75 ? -5.285  14.007  -6.021  1.00 28.97 ? 75  VAL B C   1 
ATOM   1328 O O   . VAL B 1 75 ? -5.975  15.021  -6.183  1.00 33.42 ? 75  VAL B O   1 
ATOM   1329 C CB  . VAL B 1 75 ? -3.132  14.472  -7.199  1.00 29.02 ? 75  VAL B CB  1 
ATOM   1330 C CG1 . VAL B 1 75 ? -2.514  14.662  -5.827  1.00 28.42 ? 75  VAL B CG1 1 
ATOM   1331 C CG2 . VAL B 1 75 ? -2.103  13.889  -8.162  1.00 27.23 ? 75  VAL B CG2 1 
ATOM   1332 N N   . LEU B 1 76 ? -5.320  13.271  -4.918  1.00 26.89 ? 76  LEU B N   1 
ATOM   1333 C CA  . LEU B 1 76 ? -6.171  13.624  -3.800  1.00 24.58 ? 76  LEU B CA  1 
ATOM   1334 C C   . LEU B 1 76 ? -5.335  14.297  -2.722  1.00 26.47 ? 76  LEU B C   1 
ATOM   1335 O O   . LEU B 1 76 ? -4.199  13.898  -2.459  1.00 28.50 ? 76  LEU B O   1 
ATOM   1336 C CB  . LEU B 1 76 ? -6.856  12.369  -3.250  1.00 27.38 ? 76  LEU B CB  1 
ATOM   1337 C CG  . LEU B 1 76 ? -7.558  11.503  -4.308  1.00 24.75 ? 76  LEU B CG  1 
ATOM   1338 C CD1 . LEU B 1 76 ? -8.143  10.250  -3.653  1.00 24.54 ? 76  LEU B CD1 1 
ATOM   1339 C CD2 . LEU B 1 76 ? -8.655  12.309  -4.983  1.00 30.06 ? 76  LEU B CD2 1 
ATOM   1340 N N   . VAL B 1 77 ? -5.893  15.332  -2.110  1.00 23.44 ? 77  VAL B N   1 
ATOM   1341 C CA  . VAL B 1 77 ? -5.190  16.060  -1.063  1.00 26.50 ? 77  VAL B CA  1 
ATOM   1342 C C   . VAL B 1 77 ? -6.042  16.103  0.196   1.00 27.89 ? 77  VAL B C   1 
ATOM   1343 O O   . VAL B 1 77 ? -7.208  16.502  0.158   1.00 31.62 ? 77  VAL B O   1 
ATOM   1344 C CB  . VAL B 1 77 ? -4.882  17.512  -1.500  1.00 29.07 ? 77  VAL B CB  1 
ATOM   1345 C CG1 . VAL B 1 77 ? -3.999  18.180  -0.469  1.00 29.77 ? 77  VAL B CG1 1 
ATOM   1346 C CG2 . VAL B 1 77 ? -4.220  17.520  -2.870  1.00 32.13 ? 77  VAL B CG2 1 
ATOM   1347 N N   . GLY B 1 78 ? -5.465  15.690  1.313   1.00 29.56 ? 78  GLY B N   1 
ATOM   1348 C CA  . GLY B 1 78 ? -6.224  15.699  2.546   1.00 33.05 ? 78  GLY B CA  1 
ATOM   1349 C C   . GLY B 1 78 ? -5.400  15.283  3.741   1.00 34.84 ? 78  GLY B C   1 
ATOM   1350 O O   . GLY B 1 78 ? -4.175  15.206  3.655   1.00 36.01 ? 78  GLY B O   1 
ATOM   1351 N N   . PRO B 1 79 ? -6.056  14.985  4.873   1.00 37.47 ? 79  PRO B N   1 
ATOM   1352 C CA  . PRO B 1 79 ? -5.419  14.570  6.124   1.00 36.02 ? 79  PRO B CA  1 
ATOM   1353 C C   . PRO B 1 79 ? -4.795  13.173  6.141   1.00 37.47 ? 79  PRO B C   1 
ATOM   1354 O O   . PRO B 1 79 ? -5.010  12.406  7.077   1.00 38.29 ? 79  PRO B O   1 
ATOM   1355 C CB  . PRO B 1 79 ? -6.549  14.713  7.139   1.00 38.86 ? 79  PRO B CB  1 
ATOM   1356 C CG  . PRO B 1 79 ? -7.743  14.327  6.342   1.00 39.33 ? 79  PRO B CG  1 
ATOM   1357 C CD  . PRO B 1 79 ? -7.519  15.078  5.040   1.00 38.33 ? 79  PRO B CD  1 
ATOM   1358 N N   . THR B 1 80 ? -4.025  12.839  5.109   1.00 37.37 ? 80  THR B N   1 
ATOM   1359 C CA  . THR B 1 80 ? -3.359  11.544  5.066   1.00 36.37 ? 80  THR B CA  1 
ATOM   1360 C C   . THR B 1 80 ? -2.085  11.655  5.894   1.00 35.44 ? 80  THR B C   1 
ATOM   1361 O O   . THR B 1 80 ? -1.439  12.694  5.894   1.00 35.79 ? 80  THR B O   1 
ATOM   1362 C CB  . THR B 1 80 ? -2.957  11.144  3.636   1.00 35.53 ? 80  THR B CB  1 
ATOM   1363 O OG1 . THR B 1 80 ? -2.211  9.920   3.679   1.00 35.47 ? 80  THR B OG1 1 
ATOM   1364 C CG2 . THR B 1 80 ? -2.089  12.225  3.007   1.00 32.61 ? 80  THR B CG2 1 
ATOM   1365 N N   . PRO B 1 81 ? -1.714  10.586  6.617   1.00 37.76 ? 81  PRO B N   1 
ATOM   1366 C CA  . PRO B 1 81 ? -0.499  10.605  7.440   1.00 38.23 ? 81  PRO B CA  1 
ATOM   1367 C C   . PRO B 1 81 ? 0.784   10.627  6.600   1.00 38.66 ? 81  PRO B C   1 
ATOM   1368 O O   . PRO B 1 81 ? 1.858   10.943  7.106   1.00 38.74 ? 81  PRO B O   1 
ATOM   1369 C CB  . PRO B 1 81 ? -0.614  9.321   8.261   1.00 38.34 ? 81  PRO B CB  1 
ATOM   1370 C CG  . PRO B 1 81 ? -2.095  9.077   8.321   1.00 40.16 ? 81  PRO B CG  1 
ATOM   1371 C CD  . PRO B 1 81 ? -2.524  9.393   6.916   1.00 38.17 ? 81  PRO B CD  1 
ATOM   1372 N N   . ALA B 1 82 ? 0.673   10.285  5.319   1.00 36.24 ? 82  ALA B N   1 
ATOM   1373 C CA  . ALA B 1 82 ? 1.844   10.269  4.446   1.00 32.24 ? 82  ALA B CA  1 
ATOM   1374 C C   . ALA B 1 82 ? 1.469   10.387  2.978   1.00 28.51 ? 82  ALA B C   1 
ATOM   1375 O O   . ALA B 1 82 ? 0.358   10.029  2.585   1.00 26.43 ? 82  ALA B O   1 
ATOM   1376 C CB  . ALA B 1 82 ? 2.636   8.990   4.670   1.00 34.64 ? 82  ALA B CB  1 
ATOM   1377 N N   . ASN B 1 83 ? 2.400   10.894  2.172   1.00 26.08 ? 83  ASN B N   1 
ATOM   1378 C CA  . ASN B 1 83 ? 2.168   11.036  0.741   1.00 22.41 ? 83  ASN B CA  1 
ATOM   1379 C C   . ASN B 1 83 ? 2.208   9.651   0.114   1.00 20.48 ? 83  ASN B C   1 
ATOM   1380 O O   . ASN B 1 83 ? 3.186   8.921   0.264   1.00 20.33 ? 83  ASN B O   1 
ATOM   1381 C CB  . ASN B 1 83 ? 3.229   11.935  0.103   1.00 25.13 ? 83  ASN B CB  1 
ATOM   1382 C CG  . ASN B 1 83 ? 3.237   13.335  0.692   1.00 30.15 ? 83  ASN B CG  1 
ATOM   1383 O OD1 . ASN B 1 83 ? 2.187   13.967  0.845   1.00 29.52 ? 83  ASN B OD1 1 
ATOM   1384 N ND2 . ASN B 1 83 ? 4.425   13.830  1.018   1.00 23.66 ? 83  ASN B ND2 1 
ATOM   1385 N N   . ILE B 1 84 ? 1.137   9.304   -0.589  1.00 20.87 ? 84  ILE B N   1 
ATOM   1386 C CA  . ILE B 1 84 ? 1.005   7.995   -1.230  1.00 20.03 ? 84  ILE B CA  1 
ATOM   1387 C C   . ILE B 1 84 ? 0.850   8.074   -2.748  1.00 18.02 ? 84  ILE B C   1 
ATOM   1388 O O   . ILE B 1 84 ? -0.029  8.773   -3.246  1.00 20.00 ? 84  ILE B O   1 
ATOM   1389 C CB  . ILE B 1 84 ? -0.246  7.260   -0.678  1.00 21.99 ? 84  ILE B CB  1 
ATOM   1390 C CG1 . ILE B 1 84 ? -0.066  6.990   0.813   1.00 27.91 ? 84  ILE B CG1 1 
ATOM   1391 C CG2 . ILE B 1 84 ? -0.498  5.971   -1.463  1.00 23.36 ? 84  ILE B CG2 1 
ATOM   1392 C CD1 . ILE B 1 84 ? -1.356  6.713   1.531   1.00 34.16 ? 84  ILE B CD1 1 
ATOM   1393 N N   . ILE B 1 85 ? 1.693   7.354   -3.483  1.00 18.33 ? 85  ILE B N   1 
ATOM   1394 C CA  . ILE B 1 85 ? 1.576   7.314   -4.943  1.00 18.92 ? 85  ILE B CA  1 
ATOM   1395 C C   . ILE B 1 85 ? 0.896   5.978   -5.225  1.00 20.46 ? 85  ILE B C   1 
ATOM   1396 O O   . ILE B 1 85 ? 1.507   4.919   -5.042  1.00 20.02 ? 85  ILE B O   1 
ATOM   1397 C CB  . ILE B 1 85 ? 2.949   7.328   -5.653  1.00 22.94 ? 85  ILE B CB  1 
ATOM   1398 C CG1 . ILE B 1 85 ? 3.750   8.558   -5.218  1.00 25.64 ? 85  ILE B CG1 1 
ATOM   1399 C CG2 . ILE B 1 85 ? 2.750   7.319   -7.177  1.00 20.70 ? 85  ILE B CG2 1 
ATOM   1400 C CD1 . ILE B 1 85 ? 3.031   9.875   -5.450  1.00 29.52 ? 85  ILE B CD1 1 
ATOM   1401 N N   . GLY B 1 86 ? -0.368  6.034   -5.648  1.00 20.78 ? 86  GLY B N   1 
ATOM   1402 C CA  . GLY B 1 86 ? -1.126  4.825   -5.928  1.00 19.91 ? 86  GLY B CA  1 
ATOM   1403 C C   . GLY B 1 86 ? -1.020  4.312   -7.354  1.00 23.10 ? 86  GLY B C   1 
ATOM   1404 O O   . GLY B 1 86 ? -0.362  4.918   -8.200  1.00 22.11 ? 86  GLY B O   1 
ATOM   1405 N N   . ARG B 1 87 ? -1.695  3.198   -7.627  1.00 22.33 ? 87  ARG B N   1 
ATOM   1406 C CA  . ARG B 1 87 ? -1.646  2.571   -8.945  1.00 22.84 ? 87  ARG B CA  1 
ATOM   1407 C C   . ARG B 1 87 ? -2.062  3.445   -10.124 1.00 22.98 ? 87  ARG B C   1 
ATOM   1408 O O   . ARG B 1 87 ? -1.587  3.234   -11.243 1.00 22.94 ? 87  ARG B O   1 
ATOM   1409 C CB  . ARG B 1 87 ? -2.475  1.276   -8.946  1.00 23.07 ? 87  ARG B CB  1 
ATOM   1410 C CG  . ARG B 1 87 ? -1.904  0.170   -8.048  1.00 20.36 ? 87  ARG B CG  1 
ATOM   1411 C CD  . ARG B 1 87 ? -2.655  -1.168  -8.211  1.00 23.11 ? 87  ARG B CD  1 
ATOM   1412 N NE  . ARG B 1 87 ? -4.086  -1.043  -7.932  1.00 21.01 ? 87  ARG B NE  1 
ATOM   1413 C CZ  . ARG B 1 87 ? -5.021  -0.867  -8.861  1.00 25.77 ? 87  ARG B CZ  1 
ATOM   1414 N NH1 . ARG B 1 87 ? -4.692  -0.804  -10.145 1.00 23.62 ? 87  ARG B NH1 1 
ATOM   1415 N NH2 . ARG B 1 87 ? -6.288  -0.726  -8.503  1.00 25.26 ? 87  ARG B NH2 1 
ATOM   1416 N N   . ASN B 1 88 ? -2.929  4.425   -9.895  1.00 22.23 ? 88  ASN B N   1 
ATOM   1417 C CA  . ASN B 1 88 ? -3.359  5.272   -11.001 1.00 24.56 ? 88  ASN B CA  1 
ATOM   1418 C C   . ASN B 1 88 ? -2.169  5.987   -11.636 1.00 25.94 ? 88  ASN B C   1 
ATOM   1419 O O   . ASN B 1 88 ? -2.194  6.304   -12.828 1.00 26.09 ? 88  ASN B O   1 
ATOM   1420 C CB  . ASN B 1 88 ? -4.418  6.286   -10.540 1.00 23.65 ? 88  ASN B CB  1 
ATOM   1421 C CG  . ASN B 1 88 ? -3.849  7.377   -9.662  1.00 26.59 ? 88  ASN B CG  1 
ATOM   1422 O OD1 . ASN B 1 88 ? -3.202  7.108   -8.649  1.00 27.64 ? 88  ASN B OD1 1 
ATOM   1423 N ND2 . ASN B 1 88 ? -4.097  8.622   -10.041 1.00 25.60 ? 88  ASN B ND2 1 
ATOM   1424 N N   . LEU B 1 89 ? -1.118  6.217   -10.848 1.00 24.14 ? 89  LEU B N   1 
ATOM   1425 C CA  . LEU B 1 89 ? 0.081   6.880   -11.358 1.00 21.92 ? 89  LEU B CA  1 
ATOM   1426 C C   . LEU B 1 89 ? 1.230   5.898   -11.559 1.00 22.27 ? 89  LEU B C   1 
ATOM   1427 O O   . LEU B 1 89 ? 2.047   6.069   -12.462 1.00 23.85 ? 89  LEU B O   1 
ATOM   1428 C CB  . LEU B 1 89 ? 0.527   8.002   -10.408 1.00 20.34 ? 89  LEU B CB  1 
ATOM   1429 C CG  . LEU B 1 89 ? -0.475  9.146   -10.227 1.00 28.34 ? 89  LEU B CG  1 
ATOM   1430 C CD1 . LEU B 1 89 ? 0.154   10.245  -9.375  1.00 28.66 ? 89  LEU B CD1 1 
ATOM   1431 C CD2 . LEU B 1 89 ? -0.883  9.698   -11.589 1.00 29.69 ? 89  LEU B CD2 1 
ATOM   1432 N N   . LEU B 1 90 ? 1.302   4.874   -10.718 1.00 19.72 ? 90  LEU B N   1 
ATOM   1433 C CA  . LEU B 1 90 ? 2.370   3.882   -10.848 1.00 21.22 ? 90  LEU B CA  1 
ATOM   1434 C C   . LEU B 1 90 ? 2.365   3.248   -12.240 1.00 21.42 ? 90  LEU B C   1 
ATOM   1435 O O   . LEU B 1 90 ? 3.424   2.965   -12.804 1.00 22.87 ? 90  LEU B O   1 
ATOM   1436 C CB  . LEU B 1 90 ? 2.227   2.793   -9.777  1.00 21.15 ? 90  LEU B CB  1 
ATOM   1437 C CG  . LEU B 1 90 ? 2.434   3.259   -8.333  1.00 20.39 ? 90  LEU B CG  1 
ATOM   1438 C CD1 . LEU B 1 90 ? 2.344   2.054   -7.399  1.00 21.97 ? 90  LEU B CD1 1 
ATOM   1439 C CD2 . LEU B 1 90 ? 3.805   3.947   -8.191  1.00 20.52 ? 90  LEU B CD2 1 
ATOM   1440 N N   . THR B 1 91 ? 1.178   3.035   -12.797 1.00 23.52 ? 91  THR B N   1 
ATOM   1441 C CA  . THR B 1 91 ? 1.082   2.437   -14.126 1.00 22.20 ? 91  THR B CA  1 
ATOM   1442 C C   . THR B 1 91 ? 1.707   3.354   -15.174 1.00 25.32 ? 91  THR B C   1 
ATOM   1443 O O   . THR B 1 91 ? 2.323   2.881   -16.126 1.00 24.26 ? 91  THR B O   1 
ATOM   1444 C CB  . THR B 1 91 ? -0.387  2.162   -14.527 1.00 25.82 ? 91  THR B CB  1 
ATOM   1445 O OG1 . THR B 1 91 ? -1.179  3.338   -14.306 1.00 26.18 ? 91  THR B OG1 1 
ATOM   1446 C CG2 . THR B 1 91 ? -0.954  0.999   -13.715 1.00 21.52 ? 91  THR B CG2 1 
ATOM   1447 N N   . GLN B 1 92 ? 1.557   4.663   -14.986 1.00 26.92 ? 92  GLN B N   1 
ATOM   1448 C CA  . GLN B 1 92 ? 2.103   5.637   -15.931 1.00 30.86 ? 92  GLN B CA  1 
ATOM   1449 C C   . GLN B 1 92 ? 3.624   5.713   -15.971 1.00 31.39 ? 92  GLN B C   1 
ATOM   1450 O O   . GLN B 1 92 ? 4.202   6.110   -16.985 1.00 33.40 ? 92  GLN B O   1 
ATOM   1451 C CB  . GLN B 1 92 ? 1.546   7.026   -15.647 1.00 30.07 ? 92  GLN B CB  1 
ATOM   1452 C CG  . GLN B 1 92 ? 0.078   7.174   -15.980 1.00 37.02 ? 92  GLN B CG  1 
ATOM   1453 C CD  . GLN B 1 92 ? -0.359  8.621   -15.962 1.00 42.06 ? 92  GLN B CD  1 
ATOM   1454 O OE1 . GLN B 1 92 ? 0.162   9.451   -16.717 1.00 38.59 ? 92  GLN B OE1 1 
ATOM   1455 N NE2 . GLN B 1 92 ? -1.315  8.937   -15.097 1.00 43.32 ? 92  GLN B NE2 1 
ATOM   1456 N N   . ILE B 1 93 ? 4.280   5.345   -14.880 1.00 29.86 ? 93  ILE B N   1 
ATOM   1457 C CA  . ILE B 1 93 ? 5.729   5.387   -14.872 1.00 32.01 ? 93  ILE B CA  1 
ATOM   1458 C C   . ILE B 1 93 ? 6.302   3.997   -15.144 1.00 33.25 ? 93  ILE B C   1 
ATOM   1459 O O   . ILE B 1 93 ? 7.506   3.772   -15.000 1.00 35.07 ? 93  ILE B O   1 
ATOM   1460 C CB  . ILE B 1 93 ? 6.267   5.945   -13.537 1.00 32.69 ? 93  ILE B CB  1 
ATOM   1461 C CG1 . ILE B 1 93 ? 6.043   4.941   -12.406 1.00 32.38 ? 93  ILE B CG1 1 
ATOM   1462 C CG2 . ILE B 1 93 ? 5.570   7.260   -13.226 1.00 32.07 ? 93  ILE B CG2 1 
ATOM   1463 C CD1 . ILE B 1 93 ? 6.589   5.403   -11.074 1.00 35.17 ? 93  ILE B CD1 1 
ATOM   1464 N N   . GLY B 1 94 ? 5.421   3.078   -15.543 1.00 32.62 ? 94  GLY B N   1 
ATOM   1465 C CA  . GLY B 1 94 ? 5.822   1.716   -15.863 1.00 29.59 ? 94  GLY B CA  1 
ATOM   1466 C C   . GLY B 1 94 ? 6.316   0.898   -14.686 1.00 32.92 ? 94  GLY B C   1 
ATOM   1467 O O   . GLY B 1 94 ? 7.176   0.031   -14.840 1.00 33.32 ? 94  GLY B O   1 
ATOM   1468 N N   . CYS B 1 95 ? 5.766   1.154   -13.505 1.00 31.81 ? 95  CYS B N   1 
ATOM   1469 C CA  . CYS B 1 95 ? 6.184   0.433   -12.315 1.00 29.81 ? 95  CYS B CA  1 
ATOM   1470 C C   . CYS B 1 95 ? 5.555   -0.956  -12.226 1.00 29.16 ? 95  CYS B C   1 
ATOM   1471 O O   . CYS B 1 95 ? 4.354   -1.115  -12.450 1.00 27.64 ? 95  CYS B O   1 
ATOM   1472 C CB  . CYS B 1 95 ? 5.829   1.251   -11.072 1.00 32.71 ? 95  CYS B CB  1 
ATOM   1473 S SG  . CYS B 1 95 ? 6.452   0.564   -9.532  1.00 38.50 ? 95  CYS B SG  1 
ATOM   1474 N N   . THR B 1 96 ? 6.372   -1.956  -11.904 1.00 28.25 ? 96  THR B N   1 
ATOM   1475 C CA  . THR B 1 96 ? 5.895   -3.334  -11.762 1.00 28.06 ? 96  THR B CA  1 
ATOM   1476 C C   . THR B 1 96 ? 6.466   -3.984  -10.492 1.00 27.64 ? 96  THR B C   1 
ATOM   1477 O O   . THR B 1 96 ? 7.456   -3.510  -9.929  1.00 30.61 ? 96  THR B O   1 
ATOM   1478 C CB  . THR B 1 96 ? 6.314   -4.214  -12.973 1.00 30.51 ? 96  THR B CB  1 
ATOM   1479 O OG1 . THR B 1 96 ? 7.744   -4.294  -13.031 1.00 30.25 ? 96  THR B OG1 1 
ATOM   1480 C CG2 . THR B 1 96 ? 5.787   -3.631  -14.278 1.00 31.62 ? 96  THR B CG2 1 
ATOM   1481 N N   . LEU B 1 97 ? 5.823   -5.058  -10.038 1.00 24.90 ? 97  LEU B N   1 
ATOM   1482 C CA  . LEU B 1 97 ? 6.280   -5.809  -8.871  1.00 26.12 ? 97  LEU B CA  1 
ATOM   1483 C C   . LEU B 1 97 ? 6.937   -7.054  -9.440  1.00 27.82 ? 97  LEU B C   1 
ATOM   1484 O O   . LEU B 1 97 ? 6.490   -7.574  -10.457 1.00 31.31 ? 97  LEU B O   1 
ATOM   1485 C CB  . LEU B 1 97 ? 5.104   -6.233  -7.986  1.00 28.20 ? 97  LEU B CB  1 
ATOM   1486 C CG  . LEU B 1 97 ? 4.467   -5.207  -7.056  1.00 29.07 ? 97  LEU B CG  1 
ATOM   1487 C CD1 . LEU B 1 97 ? 3.186   -5.789  -6.449  1.00 28.61 ? 97  LEU B CD1 1 
ATOM   1488 C CD2 . LEU B 1 97 ? 5.462   -4.840  -5.967  1.00 30.32 ? 97  LEU B CD2 1 
ATOM   1489 N N   . ASN B 1 98 ? 7.984   -7.541  -8.789  1.00 28.93 ? 98  ASN B N   1 
ATOM   1490 C CA  . ASN B 1 98 ? 8.676   -8.714  -9.290  1.00 33.43 ? 98  ASN B CA  1 
ATOM   1491 C C   . ASN B 1 98 ? 9.120   -9.650  -8.176  1.00 33.96 ? 98  ASN B C   1 
ATOM   1492 O O   . ASN B 1 98 ? 9.638   -9.207  -7.155  1.00 33.84 ? 98  ASN B O   1 
ATOM   1493 C CB  . ASN B 1 98 ? 9.907   -8.282  -10.087 1.00 36.14 ? 98  ASN B CB  1 
ATOM   1494 C CG  . ASN B 1 98 ? 9.575   -7.299  -11.191 1.00 41.73 ? 98  ASN B CG  1 
ATOM   1495 O OD1 . ASN B 1 98 ? 9.250   -7.688  -12.312 1.00 44.38 ? 98  ASN B OD1 1 
ATOM   1496 N ND2 . ASN B 1 98 ? 9.642   -6.012  -10.872 1.00 44.42 ? 98  ASN B ND2 1 
ATOM   1497 N N   . PHE B 1 99 ? 8.911   -10.948 -8.371  1.00 34.93 ? 99  PHE B N   1 
ATOM   1498 C CA  . PHE B 1 99 ? 9.342   -11.934 -7.386  1.00 38.06 ? 99  PHE B CA  1 
ATOM   1499 C C   . PHE B 1 99 ? 9.366   -13.352 -7.955  1.00 40.77 ? 99  PHE B C   1 
ATOM   1500 O O   . PHE B 1 99 ? 8.983   -13.518 -9.130  1.00 40.08 ? 99  PHE B O   1 
ATOM   1501 C CB  . PHE B 1 99 ? 8.461   -11.887 -6.128  1.00 36.75 ? 99  PHE B CB  1 
ATOM   1502 C CG  . PHE B 1 99 ? 7.058   -12.376 -6.337  1.00 40.23 ? 99  PHE B CG  1 
ATOM   1503 C CD1 . PHE B 1 99 ? 6.111   -11.576 -6.958  1.00 40.56 ? 99  PHE B CD1 1 
ATOM   1504 C CD2 . PHE B 1 99 ? 6.678   -13.637 -5.885  1.00 41.42 ? 99  PHE B CD2 1 
ATOM   1505 C CE1 . PHE B 1 99 ? 4.804   -12.021 -7.127  1.00 41.37 ? 99  PHE B CE1 1 
ATOM   1506 C CE2 . PHE B 1 99 ? 5.375   -14.091 -6.049  1.00 41.26 ? 99  PHE B CE2 1 
ATOM   1507 C CZ  . PHE B 1 99 ? 4.435   -13.280 -6.671  1.00 41.80 ? 99  PHE B CZ  1 
ATOM   1508 O OXT . PHE B 1 99 ? 9.779   -14.274 -7.219  1.00 43.68 ? 99  PHE B OXT 1 
HETATM 1509 C C1  . GOL C 2 .  ? 12.295  -5.214  6.551   1.00 60.65 ? 300 GOL A C1  1 
HETATM 1510 O O1  . GOL C 2 .  ? 13.515  -4.547  6.876   1.00 60.15 ? 300 GOL A O1  1 
HETATM 1511 C C2  . GOL C 2 .  ? 11.161  -4.632  7.390   1.00 60.31 ? 300 GOL A C2  1 
HETATM 1512 O O2  . GOL C 2 .  ? 11.030  -3.236  7.120   1.00 60.73 ? 300 GOL A O2  1 
HETATM 1513 C C3  . GOL C 2 .  ? 9.858   -5.336  7.054   1.00 60.09 ? 300 GOL A C3  1 
HETATM 1514 O O3  . GOL C 2 .  ? 8.796   -4.789  7.845   1.00 60.91 ? 300 GOL A O3  1 
HETATM 1515 C C4  A AI  D 3 .  ? 4.497   3.962   5.439   0.50 43.63 ? 845 AI  B C4  1 
HETATM 1516 C C4  B AI  D 3 .  ? -7.078  -2.476  -2.613  0.50 33.89 ? 845 AI  B C4  1 
HETATM 1517 C C14 A AI  D 3 .  ? -1.391  1.688   3.752   0.50 30.00 ? 845 AI  B C14 1 
HETATM 1518 C C14 B AI  D 3 .  ? -3.818  1.074   1.682   0.50 24.43 ? 845 AI  B C14 1 
HETATM 1519 C C5  A AI  D 3 .  ? 4.767   5.331   5.731   0.50 42.62 ? 845 AI  B C5  1 
HETATM 1520 C C5  B AI  D 3 .  ? -7.978  -3.521  -2.256  0.50 33.20 ? 845 AI  B C5  1 
HETATM 1521 C C6  A AI  D 3 .  ? 4.556   5.815   7.066   0.50 43.01 ? 845 AI  B C6  1 
HETATM 1522 C C6  B AI  D 3 .  ? -9.345  -3.197  -1.969  0.50 34.33 ? 845 AI  B C6  1 
HETATM 1523 C C11 A AI  D 3 .  ? -0.437  -1.718  8.953   0.50 34.58 ? 845 AI  B C11 1 
HETATM 1524 C C11 B AI  D 3 .  ? -7.019  5.687   -1.180  0.50 28.22 ? 845 AI  B C11 1 
HETATM 1525 C C7  A AI  D 3 .  ? 4.080   4.961   8.117   0.50 42.05 ? 845 AI  B C7  1 
HETATM 1526 C C7  B AI  D 3 .  ? -9.835  -1.849  -2.030  0.50 33.17 ? 845 AI  B C7  1 
HETATM 1527 C C8  A AI  D 3 .  ? 0.953   3.208   9.571   0.50 37.79 ? 845 AI  B C8  1 
HETATM 1528 C C8  B AI  D 3 .  ? -9.900  1.544   -0.184  0.50 28.08 ? 845 AI  B C8  1 
HETATM 1529 C C9  A AI  D 3 .  ? -0.535  0.045   7.055   0.50 32.93 ? 845 AI  B C9  1 
HETATM 1530 C C9  B AI  D 3 .  ? -6.082  3.517   -0.121  0.50 24.45 ? 845 AI  B C9  1 
HETATM 1531 C C10 A AI  D 3 .  ? -1.324  -1.023  7.894   0.50 33.73 ? 845 AI  B C10 1 
HETATM 1532 C C10 B AI  D 3 .  ? -6.251  5.072   0.012   0.50 24.85 ? 845 AI  B C10 1 
HETATM 1533 C C12 A AI  D 3 .  ? -1.913  -2.148  6.997   0.50 33.10 ? 845 AI  B C12 1 
HETATM 1534 C C12 B AI  D 3 .  ? -4.878  5.800   0.082   0.50 27.00 ? 845 AI  B C12 1 
HETATM 1535 C C13 A AI  D 3 .  ? -1.349  0.773   5.986   0.50 31.71 ? 845 AI  B C13 1 
HETATM 1536 C C13 B AI  D 3 .  ? -5.327  2.829   1.020   0.50 23.48 ? 845 AI  B C13 1 
HETATM 1537 N N1  A AI  D 3 .  ? 1.863   2.364   8.768   0.50 38.21 ? 845 AI  B N1  1 
HETATM 1538 N N1  B AI  D 3 .  ? -8.951  1.435   -1.313  0.50 27.82 ? 845 AI  B N1  1 
HETATM 1539 N N2  A AI  D 3 .  ? 4.024   3.113   6.482   0.50 43.02 ? 845 AI  B N2  1 
HETATM 1540 N N2  B AI  D 3 .  ? -7.561  -1.140  -2.674  0.50 34.70 ? 845 AI  B N2  1 
HETATM 1541 C C3  A AI  D 3 .  ? 3.813   3.593   7.811   0.50 42.26 ? 845 AI  B C3  1 
HETATM 1542 C C3  B AI  D 3 .  ? -8.921  -0.813  -2.389  0.50 33.72 ? 845 AI  B C3  1 
HETATM 1543 N N3  A AI  D 3 .  ? 0.037   1.120   7.899   0.50 34.22 ? 845 AI  B N3  1 
HETATM 1544 N N3  B AI  D 3 .  ? -7.379  2.815   -0.197  0.50 23.34 ? 845 AI  B N3  1 
HETATM 1545 O O1  A AI  D 3 .  ? 2.166   0.642   7.287   0.50 36.06 ? 845 AI  B O1  1 
HETATM 1546 O O1  B AI  D 3 .  ? -6.930  1.972   -2.246  0.50 21.85 ? 845 AI  B O1  1 
HETATM 1547 C C1  A AI  D 3 .  ? 1.386   1.352   7.961   0.50 36.72 ? 845 AI  B C1  1 
HETATM 1548 C C1  B AI  D 3 .  ? -7.726  2.069   -1.288  0.50 25.96 ? 845 AI  B C1  1 
HETATM 1549 C C2  A AI  D 3 .  ? 3.311   2.660   8.884   0.50 39.38 ? 845 AI  B C2  1 
HETATM 1550 C C2  B AI  D 3 .  ? -9.389  0.618   -2.466  0.50 29.40 ? 845 AI  B C2  1 
HETATM 1551 O O2  A AI  D 3 .  ? -2.539  1.091   6.205   0.50 31.90 ? 845 AI  B O2  1 
HETATM 1552 O O2  B AI  D 3 .  ? -5.419  3.262   2.189   0.50 22.79 ? 845 AI  B O2  1 
HETATM 1553 N N4  A AI  D 3 .  ? -0.686  1.014   4.836   0.50 31.10 ? 845 AI  B N4  1 
HETATM 1554 N N4  B AI  D 3 .  ? -4.582  1.767   0.651   0.50 24.19 ? 845 AI  B N4  1 
HETATM 1555 C C15 A AI  D 3 .  ? -0.645  3.020   3.344   0.50 32.64 ? 845 AI  B C15 1 
HETATM 1556 C C15 B AI  D 3 .  ? -4.164  -0.468  1.692   0.50 29.38 ? 845 AI  B C15 1 
HETATM 1557 C C16 A AI  D 3 .  ? -0.552  4.058   4.447   0.50 33.53 ? 845 AI  B C16 1 
HETATM 1558 C C16 B AI  D 3 .  ? -5.616  -0.787  1.998   0.50 33.31 ? 845 AI  B C16 1 
HETATM 1559 C C17 A AI  D 3 .  ? -1.691  4.882   4.766   0.50 34.20 ? 845 AI  B C17 1 
HETATM 1560 C C17 B AI  D 3 .  ? -6.114  -0.691  3.345   0.50 33.31 ? 845 AI  B C17 1 
HETATM 1561 C C18 A AI  D 3 .  ? -1.592  5.859   5.810   0.50 35.56 ? 845 AI  B C18 1 
HETATM 1562 C C18 B AI  D 3 .  ? -7.489  -0.996  3.617   0.50 36.49 ? 845 AI  B C18 1 
HETATM 1563 C C19 A AI  D 3 .  ? -0.366  6.015   6.534   0.50 34.30 ? 845 AI  B C19 1 
HETATM 1564 C C19 B AI  D 3 .  ? -8.362  -1.392  2.553   0.50 35.68 ? 845 AI  B C19 1 
HETATM 1565 C C20 A AI  D 3 .  ? 0.765   5.192   6.212   0.50 34.54 ? 845 AI  B C20 1 
HETATM 1566 C C20 B AI  D 3 .  ? -7.858  -1.486  1.212   0.50 35.79 ? 845 AI  B C20 1 
HETATM 1567 C C21 A AI  D 3 .  ? 0.684   4.208   5.171   0.50 34.65 ? 845 AI  B C21 1 
HETATM 1568 C C21 B AI  D 3 .  ? -6.487  -1.185  0.923   0.50 34.69 ? 845 AI  B C21 1 
HETATM 1569 C C22 A AI  D 3 .  ? -1.487  0.621   2.604   0.50 30.20 ? 845 AI  B C22 1 
HETATM 1570 C C22 B AI  D 3 .  ? -2.316  1.398   1.358   0.50 23.60 ? 845 AI  B C22 1 
HETATM 1571 O O3  A AI  D 3 .  ? -0.136  0.286   2.226   0.50 31.97 ? 845 AI  B O3  1 
HETATM 1572 O O3  B AI  D 3 .  ? -2.048  0.846   0.056   0.50 27.06 ? 845 AI  B O3  1 
HETATM 1573 C C23 A AI  D 3 .  ? -2.248  1.107   1.341   0.50 28.97 ? 845 AI  B C23 1 
HETATM 1574 C C23 B AI  D 3 .  ? -1.292  0.811   2.358   0.50 22.85 ? 845 AI  B C23 1 
HETATM 1575 O O4  A AI  D 3 .  ? -1.904  0.329   0.188   0.50 27.50 ? 845 AI  B O4  1 
HETATM 1576 O O4  B AI  D 3 .  ? 0.018   0.722   1.781   0.50 19.16 ? 845 AI  B O4  1 
HETATM 1577 C C24 A AI  D 3 .  ? -3.784  0.975   1.623   0.50 28.78 ? 845 AI  B C24 1 
HETATM 1578 C C24 B AI  D 3 .  ? -1.256  1.754   3.611   0.50 20.22 ? 845 AI  B C24 1 
HETATM 1579 C C25 A AI  D 3 .  ? -4.295  -0.478  1.484   0.50 31.95 ? 845 AI  B C25 1 
HETATM 1580 C C25 B AI  D 3 .  ? -0.417  3.035   3.390   0.50 26.13 ? 845 AI  B C25 1 
HETATM 1581 C C26 A AI  D 3 .  ? -5.785  -0.666  1.755   0.50 34.40 ? 845 AI  B C26 1 
HETATM 1582 C C26 B AI  D 3 .  ? -0.369  3.977   4.590   0.50 29.46 ? 845 AI  B C26 1 
HETATM 1583 C C27 A AI  D 3 .  ? -6.361  -1.931  1.027   0.50 35.43 ? 845 AI  B C27 1 
HETATM 1584 C C27 B AI  D 3 .  ? 0.946   4.833   4.626   0.50 31.79 ? 845 AI  B C27 1 
HETATM 1585 C C28 A AI  D 3 .  ? -7.840  -2.294  1.434   0.50 36.45 ? 845 AI  B C28 1 
HETATM 1586 C C28 B AI  D 3 .  ? 0.949   5.972   5.719   0.50 32.75 ? 845 AI  B C28 1 
HETATM 1587 C C29 A AI  D 3 .  ? -8.517  -1.180  2.293   0.50 36.58 ? 845 AI  B C29 1 
HETATM 1588 C C29 B AI  D 3 .  ? -0.238  5.841   6.728   0.50 32.57 ? 845 AI  B C29 1 
HETATM 1589 C C30 A AI  D 3 .  ? -7.652  -0.822  3.557   0.50 36.90 ? 845 AI  B C30 1 
HETATM 1590 C C30 B AI  D 3 .  ? -1.624  5.768   5.986   0.50 33.39 ? 845 AI  B C30 1 
HETATM 1591 C C31 A AI  D 3 .  ? -6.100  -0.757  3.286   0.50 34.08 ? 845 AI  B C31 1 
HETATM 1592 C C31 B AI  D 3 .  ? -1.607  4.931   4.653   0.50 30.89 ? 845 AI  B C31 1 
HETATM 1593 N N5  A AI  D 3 .  ? -4.515  1.854   0.701   0.50 29.36 ? 845 AI  B N5  1 
HETATM 1594 N N5  B AI  D 3 .  ? -0.723  1.008   4.746   0.50 20.50 ? 845 AI  B N5  1 
HETATM 1595 C C32 A AI  D 3 .  ? -5.308  2.844   1.160   0.50 29.30 ? 845 AI  B C32 1 
HETATM 1596 C C32 B AI  D 3 .  ? -1.441  0.843   5.867   0.50 18.02 ? 845 AI  B C32 1 
HETATM 1597 O O5  A AI  D 3 .  ? -5.513  3.125   2.355   0.50 27.45 ? 845 AI  B O5  1 
HETATM 1598 O O5  B AI  D 3 .  ? -2.591  1.279   6.081   0.50 15.79 ? 845 AI  B O5  1 
HETATM 1599 C C33 A AI  D 3 .  ? -5.998  3.655   0.043   0.50 30.93 ? 845 AI  B C33 1 
HETATM 1600 C C33 B AI  D 3 .  ? -0.699  0.038   6.944   0.50 20.50 ? 845 AI  B C33 1 
HETATM 1601 C C34 A AI  D 3 .  ? -6.143  5.192   0.323   0.50 31.70 ? 845 AI  B C34 1 
HETATM 1602 C C34 B AI  D 3 .  ? -1.594  -0.945  7.774   0.50 22.12 ? 845 AI  B C34 1 
HETATM 1603 C C35 A AI  D 3 .  ? -6.839  5.905   -0.827  0.50 33.85 ? 845 AI  B C35 1 
HETATM 1604 C C35 B AI  D 3 .  ? -0.776  -1.695  8.818   0.50 25.18 ? 845 AI  B C35 1 
HETATM 1605 C C36 A AI  D 3 .  ? -4.775  5.861   0.492   0.50 34.29 ? 845 AI  B C36 1 
HETATM 1606 C C36 B AI  D 3 .  ? -2.239  -2.004  6.871   0.50 21.36 ? 845 AI  B C36 1 
HETATM 1607 N N6  A AI  D 3 .  ? -7.309  2.988   -0.125  0.50 30.69 ? 845 AI  B N6  1 
HETATM 1608 N N6  B AI  D 3 .  ? -0.054  1.075   7.781   0.50 20.48 ? 845 AI  B N6  1 
HETATM 1609 C C37 A AI  D 3 .  ? -7.660  2.274   -1.234  0.50 33.41 ? 845 AI  B C37 1 
HETATM 1610 C C37 B AI  D 3 .  ? 1.297   1.262   7.834   0.50 24.13 ? 845 AI  B C37 1 
HETATM 1611 O O6  A AI  D 3 .  ? -6.857  2.154   -2.182  0.50 30.62 ? 845 AI  B O6  1 
HETATM 1612 O O6  B AI  D 3 .  ? 2.054   0.540   7.156   0.50 18.93 ? 845 AI  B O6  1 
HETATM 1613 N N7  A AI  D 3 .  ? -8.915  1.690   -1.282  0.50 36.42 ? 845 AI  B N7  1 
HETATM 1614 N N7  B AI  D 3 .  ? 1.805   2.254   8.651   0.50 26.84 ? 845 AI  B N7  1 
HETATM 1615 C C38 A AI  D 3 .  ? -9.892  1.810   -0.179  0.50 36.32 ? 845 AI  B C38 1 
HETATM 1616 C C38 B AI  D 3 .  ? 0.942   3.129   9.472   0.50 27.59 ? 845 AI  B C38 1 
HETATM 1617 C C39 A AI  D 3 .  ? -9.364  0.903   -2.461  0.50 36.84 ? 845 AI  B C39 1 
HETATM 1618 C C39 B AI  D 3 .  ? 3.268   2.495   8.760   0.50 27.69 ? 845 AI  B C39 1 
HETATM 1619 C C40 A AI  D 3 .  ? -8.859  -0.522  -2.422  0.50 40.17 ? 845 AI  B C40 1 
HETATM 1620 C C40 B AI  D 3 .  ? 3.782   3.465   7.724   0.50 33.07 ? 845 AI  B C40 1 
HETATM 1621 C C41 A AI  D 3 .  ? -9.743  -1.575  -2.036  0.50 40.16 ? 845 AI  B C41 1 
HETATM 1622 C C41 B AI  D 3 .  ? 4.017   4.826   8.090   0.50 32.97 ? 845 AI  B C41 1 
HETATM 1623 N N8  A AI  D 3 .  ? -7.506  -0.816  -2.769  0.50 40.94 ? 845 AI  B N8  1 
HETATM 1624 N N8  B AI  D 3 .  ? 4.035   3.028   6.390   0.50 33.83 ? 845 AI  B N8  1 
HETATM 1625 C C42 A AI  D 3 .  ? -6.993  -2.145  -2.746  0.50 40.36 ? 845 AI  B C42 1 
HETATM 1626 C C42 B AI  D 3 .  ? 4.524   3.917   5.390   0.50 35.56 ? 845 AI  B C42 1 
HETATM 1627 C C43 A AI  D 3 .  ? -7.857  -3.210  -2.364  0.50 39.95 ? 845 AI  B C43 1 
HETATM 1628 C C43 B AI  D 3 .  ? 4.765   5.280   5.733   0.50 34.35 ? 845 AI  B C43 1 
HETATM 1629 C C44 A AI  D 3 .  ? -9.222  -2.917  -2.014  0.50 41.88 ? 845 AI  B C44 1 
HETATM 1630 C C44 B AI  D 3 .  ? 4.510   5.721   7.078   0.50 35.33 ? 845 AI  B C44 1 
HETATM 1631 O O   . HOH E 4 .  ? -8.300  -4.631  -9.813  1.00 32.87 ? 301 HOH A O   1 
HETATM 1632 O O   . HOH E 4 .  ? 2.710   -8.036  10.266  1.00 23.55 ? 302 HOH A O   1 
HETATM 1633 O O   . HOH E 4 .  ? 12.512  -6.693  -1.243  1.00 27.98 ? 303 HOH A O   1 
HETATM 1634 O O   . HOH E 4 .  ? 6.134   0.584   3.379   1.00 32.98 ? 304 HOH A O   1 
HETATM 1635 O O   . HOH E 4 .  ? -9.697  -22.219 2.675   1.00 36.89 ? 305 HOH A O   1 
HETATM 1636 O O   . HOH E 4 .  ? -5.753  -22.015 11.217  1.00 33.24 ? 306 HOH A O   1 
HETATM 1637 O O   . HOH E 4 .  ? -11.658 -22.859 13.227  1.00 38.09 ? 307 HOH A O   1 
HETATM 1638 O O   . HOH E 4 .  ? -1.135  -23.410 6.192   1.00 30.99 ? 308 HOH A O   1 
HETATM 1639 O O   . HOH E 4 .  ? 0.054   -21.017 8.745   1.00 30.69 ? 309 HOH A O   1 
HETATM 1640 O O   . HOH E 4 .  ? -10.547 -13.239 3.940   1.00 42.30 ? 310 HOH A O   1 
HETATM 1641 O O   . HOH E 4 .  ? 1.299   -11.123 -13.959 1.00 36.34 ? 311 HOH A O   1 
HETATM 1642 O O   . HOH E 4 .  ? 7.505   -10.338 10.510  1.00 31.10 ? 312 HOH A O   1 
HETATM 1643 O O   . HOH E 4 .  ? 7.134   -13.112 13.594  1.00 36.20 ? 313 HOH A O   1 
HETATM 1644 O O   . HOH E 4 .  ? -2.162  -5.626  -13.946 1.00 39.54 ? 314 HOH A O   1 
HETATM 1645 O O   . HOH E 4 .  ? 14.035  -9.215  -0.756  1.00 45.14 ? 315 HOH A O   1 
HETATM 1646 O O   . HOH E 4 .  ? -9.919  -14.258 0.415   1.00 31.75 ? 316 HOH A O   1 
HETATM 1647 O O   . HOH E 4 .  ? -12.312 7.261   10.214  1.00 44.11 ? 317 HOH A O   1 
HETATM 1648 O O   . HOH E 4 .  ? -11.082 -18.548 9.520   1.00 32.44 ? 318 HOH A O   1 
HETATM 1649 O O   . HOH E 4 .  ? 2.013   -21.214 11.169  1.00 35.61 ? 319 HOH A O   1 
HETATM 1650 O O   . HOH E 4 .  ? 2.233   -23.656 3.305   1.00 43.78 ? 320 HOH A O   1 
HETATM 1651 O O   . HOH E 4 .  ? 4.810   -7.439  20.804  1.00 44.58 ? 321 HOH A O   1 
HETATM 1652 O O   . HOH E 4 .  ? 0.803   1.096   12.420  1.00 38.74 ? 322 HOH A O   1 
HETATM 1653 O O   . HOH E 4 .  ? -1.764  -6.261  -10.611 1.00 38.42 ? 323 HOH A O   1 
HETATM 1654 O O   . HOH E 4 .  ? 0.130   -8.533  -14.250 1.00 35.57 ? 324 HOH A O   1 
HETATM 1655 O O   . HOH E 4 .  ? 5.254   0.333   11.526  1.00 35.53 ? 325 HOH A O   1 
HETATM 1656 O O   . HOH E 4 .  ? -3.305  7.023   11.331  1.00 43.99 ? 326 HOH A O   1 
HETATM 1657 O O   . HOH E 4 .  ? -10.197 -6.635  -5.386  1.00 50.27 ? 327 HOH A O   1 
HETATM 1658 O O   . HOH E 4 .  ? -6.051  -17.664 18.006  1.00 41.26 ? 328 HOH A O   1 
HETATM 1659 O O   . HOH E 4 .  ? -11.639 -16.250 7.567   1.00 52.48 ? 329 HOH A O   1 
HETATM 1660 O O   . HOH E 4 .  ? 11.553  -0.907  8.153   1.00 57.36 ? 330 HOH A O   1 
HETATM 1661 O O   . HOH E 4 .  ? -11.225 -19.241 5.967   1.00 46.91 ? 331 HOH A O   1 
HETATM 1662 O O   . HOH E 4 .  ? 14.070  3.812   -15.470 1.00 54.37 ? 332 HOH A O   1 
HETATM 1663 O O   . HOH E 4 .  ? -0.040  1.192   18.983  1.00 42.70 ? 333 HOH A O   1 
HETATM 1664 O O   . HOH E 4 .  ? 9.540   2.751   -16.334 1.00 40.73 ? 334 HOH A O   1 
HETATM 1665 O O   . HOH E 4 .  ? -2.111  -27.038 7.219   1.00 56.04 ? 335 HOH A O   1 
HETATM 1666 O O   . HOH E 4 .  ? -14.451 -6.701  4.001   1.00 50.83 ? 336 HOH A O   1 
HETATM 1667 O O   . HOH E 4 .  ? -0.724  5.938   10.783  1.00 45.40 ? 337 HOH A O   1 
HETATM 1668 O O   . HOH E 4 .  ? -10.644 -18.840 3.579   1.00 52.70 ? 338 HOH A O   1 
HETATM 1669 O O   . HOH F 4 .  ? -4.933  2.581   5.061   1.00 24.54 ? 846 HOH B O   1 
HETATM 1670 O O   . HOH F 4 .  ? 1.127   24.546  -6.338  1.00 32.27 ? 847 HOH B O   1 
HETATM 1671 O O   . HOH F 4 .  ? -5.739  9.711   -7.076  1.00 24.16 ? 848 HOH B O   1 
HETATM 1672 O O   . HOH F 4 .  ? 11.989  2.587   6.175   1.00 35.40 ? 849 HOH B O   1 
HETATM 1673 O O   . HOH F 4 .  ? 2.201   -1.343  -14.125 1.00 30.57 ? 850 HOH B O   1 
HETATM 1674 O O   . HOH F 4 .  ? -7.102  13.091  -13.564 1.00 32.65 ? 851 HOH B O   1 
HETATM 1675 O O   . HOH F 4 .  ? -5.568  9.277   -12.595 1.00 32.07 ? 852 HOH B O   1 
HETATM 1676 O O   . HOH F 4 .  ? 2.009   19.982  -11.000 1.00 32.51 ? 853 HOH B O   1 
HETATM 1677 O O   . HOH F 4 .  ? 15.110  -1.423  0.620   1.00 38.16 ? 854 HOH B O   1 
HETATM 1678 O O   . HOH F 4 .  ? 7.724   15.455  1.699   1.00 34.55 ? 855 HOH B O   1 
HETATM 1679 O O   . HOH F 4 .  ? 4.391   16.682  2.428   1.00 42.78 ? 856 HOH B O   1 
HETATM 1680 O O   . HOH F 4 .  ? 5.401   20.909  -10.675 1.00 29.52 ? 857 HOH B O   1 
HETATM 1681 O O   . HOH F 4 .  ? -10.327 4.884   13.359  1.00 40.85 ? 858 HOH B O   1 
HETATM 1682 O O   . HOH F 4 .  ? -6.483  2.928   -9.737  1.00 34.52 ? 859 HOH B O   1 
HETATM 1683 O O   . HOH F 4 .  ? 9.134   22.410  -2.103  1.00 33.67 ? 860 HOH B O   1 
HETATM 1684 O O   . HOH F 4 .  ? -4.353  -1.581  -5.349  1.00 32.05 ? 861 HOH B O   1 
HETATM 1685 O O   . HOH F 4 .  ? 12.345  -9.461  -7.621  1.00 45.85 ? 862 HOH B O   1 
HETATM 1686 O O   . HOH F 4 .  ? 5.764   18.682  -11.753 1.00 35.77 ? 863 HOH B O   1 
HETATM 1687 O O   . HOH F 4 .  ? 17.265  1.181   -5.247  1.00 36.06 ? 864 HOH B O   1 
HETATM 1688 O O   . HOH F 4 .  ? -6.742  24.509  -4.818  1.00 38.79 ? 865 HOH B O   1 
HETATM 1689 O O   . HOH F 4 .  ? 7.533   18.447  -13.524 1.00 43.48 ? 866 HOH B O   1 
HETATM 1690 O O   . HOH F 4 .  ? 2.014   23.528  0.079   1.00 29.03 ? 867 HOH B O   1 
HETATM 1691 O O   . HOH F 4 .  ? -6.295  18.549  5.052   1.00 45.03 ? 868 HOH B O   1 
HETATM 1692 O O   . HOH F 4 .  ? 12.428  0.605   -0.490  1.00 33.24 ? 869 HOH B O   1 
HETATM 1693 O O   . HOH F 4 .  ? 12.890  4.654   3.031   1.00 40.24 ? 870 HOH B O   1 
HETATM 1694 O O   . HOH F 4 .  ? 9.232   7.189   6.232   1.00 44.75 ? 871 HOH B O   1 
HETATM 1695 O O   . HOH F 4 .  ? -0.410  20.300  -12.980 1.00 41.96 ? 872 HOH B O   1 
HETATM 1696 O O   . HOH F 4 .  ? 4.994   11.553  3.411   1.00 40.35 ? 873 HOH B O   1 
HETATM 1697 O O   . HOH F 4 .  ? -12.645 1.690   5.050   1.00 45.40 ? 874 HOH B O   1 
HETATM 1698 O O   . HOH F 4 .  ? 11.123  14.051  -9.721  1.00 53.88 ? 875 HOH B O   1 
HETATM 1699 O O   . HOH F 4 .  ? 13.527  9.920   -16.500 1.00 59.59 ? 876 HOH B O   1 
HETATM 1700 O O   . HOH F 4 .  ? -7.431  19.980  -19.910 1.00 51.88 ? 877 HOH B O   1 
HETATM 1701 O O   . HOH F 4 .  ? 9.064   -2.450  -14.480 1.00 40.87 ? 878 HOH B O   1 
HETATM 1702 O O   . HOH F 4 .  ? 9.555   -16.476 -9.182  1.00 53.76 ? 879 HOH B O   1 
HETATM 1703 O O   . HOH F 4 .  ? -10.190 5.226   -8.032  1.00 48.38 ? 880 HOH B O   1 
HETATM 1704 O O   . HOH F 4 .  ? 2.512   21.103  1.747   1.00 49.22 ? 881 HOH B O   1 
HETATM 1705 O O   . HOH F 4 .  ? 5.084   4.097   12.801  1.00 53.58 ? 882 HOH B O   1 
HETATM 1706 O O   . HOH F 4 .  ? 14.085  2.553   -1.045  1.00 37.56 ? 883 HOH B O   1 
HETATM 1707 O O   . HOH F 4 .  ? -4.573  17.916  6.838   1.00 38.66 ? 884 HOH B O   1 
# 
loop_
_pdbx_poly_seq_scheme.asym_id 
_pdbx_poly_seq_scheme.entity_id 
_pdbx_poly_seq_scheme.seq_id 
_pdbx_poly_seq_scheme.mon_id 
_pdbx_poly_seq_scheme.ndb_seq_num 
_pdbx_poly_seq_scheme.pdb_seq_num 
_pdbx_poly_seq_scheme.auth_seq_num 
_pdbx_poly_seq_scheme.pdb_mon_id 
_pdbx_poly_seq_scheme.auth_mon_id 
_pdbx_poly_seq_scheme.pdb_strand_id 
_pdbx_poly_seq_scheme.pdb_ins_code 
_pdbx_poly_seq_scheme.hetero 
A 1 1  PRO 1  1  1  PRO PRO A . n 
A 1 2  GLN 2  2  2  GLN GLN A . n 
A 1 3  ILE 3  3  3  ILE ILE A . n 
A 1 4  THR 4  4  4  THR THR A . n 
A 1 5  LEU 5  5  5  LEU LEU A . n 
A 1 6  TRP 6  6  6  TRP TRP A . n 
A 1 7  GLN 7  7  7  GLN GLN A . n 
A 1 8  ARG 8  8  8  ARG ARG A . n 
A 1 9  PRO 9  9  9  PRO PRO A . n 
A 1 10 LEU 10 10 10 LEU LEU A . n 
A 1 11 VAL 11 11 11 VAL VAL A . n 
A 1 12 THR 12 12 12 THR THR A . n 
A 1 13 ILE 13 13 13 ILE ILE A . n 
A 1 14 LYS 14 14 14 LYS LYS A . n 
A 1 15 ILE 15 15 15 ILE ILE A . n 
A 1 16 GLY 16 16 16 GLY GLY A . n 
A 1 17 GLY 17 17 17 GLY GLY A . n 
A 1 18 GLN 18 18 18 GLN GLN A . n 
A 1 19 LEU 19 19 19 LEU LEU A . n 
A 1 20 LYS 20 20 20 LYS LYS A . n 
A 1 21 GLU 21 21 21 GLU GLU A . n 
A 1 22 ALA 22 22 22 ALA ALA A . n 
A 1 23 LEU 23 23 23 LEU LEU A . n 
A 1 24 LEU 24 24 24 LEU LEU A . n 
A 1 25 ASP 25 25 25 ASP ASP A . n 
A 1 26 THR 26 26 26 THR THR A . n 
A 1 27 GLY 27 27 27 GLY GLY A . n 
A 1 28 ALA 28 28 28 ALA ALA A . n 
A 1 29 ASP 29 29 29 ASP ASP A . n 
A 1 30 ASP 30 30 30 ASP ASP A . n 
A 1 31 THR 31 31 31 THR THR A . n 
A 1 32 VAL 32 32 32 VAL VAL A . n 
A 1 33 LEU 33 33 33 LEU LEU A . n 
A 1 34 GLU 34 34 34 GLU GLU A . n 
A 1 35 GLU 35 35 35 GLU GLU A . n 
A 1 36 MET 36 36 36 MET MET A . n 
A 1 37 SER 37 37 37 SER SER A . n 
A 1 38 LEU 38 38 38 LEU LEU A . n 
A 1 39 PRO 39 39 39 PRO PRO A . n 
A 1 40 GLY 40 40 40 GLY GLY A . n 
A 1 41 LYS 41 41 41 LYS LYS A . n 
A 1 42 TRP 42 42 42 TRP TRP A . n 
A 1 43 LYS 43 43 43 LYS LYS A . n 
A 1 44 PRO 44 44 44 PRO PRO A . n 
A 1 45 LYS 45 45 45 LYS LYS A . n 
A 1 46 MET 46 46 46 MET MET A . n 
A 1 47 ILE 47 47 47 ILE ILE A . n 
A 1 48 GLY 48 48 48 GLY GLY A . n 
A 1 49 GLY 49 49 49 GLY GLY A . n 
A 1 50 ILE 50 50 50 ILE ILE A . n 
A 1 51 GLY 51 51 51 GLY GLY A . n 
A 1 52 GLY 52 52 52 GLY GLY A . n 
A 1 53 PHE 53 53 53 PHE PHE A . n 
A 1 54 ILE 54 54 54 ILE ILE A . n 
A 1 55 LYS 55 55 55 LYS LYS A . n 
A 1 56 VAL 56 56 56 VAL VAL A . n 
A 1 57 ARG 57 57 57 ARG ARG A . n 
A 1 58 GLN 58 58 58 GLN GLN A . n 
A 1 59 TYR 59 59 59 TYR TYR A . n 
A 1 60 ASP 60 60 60 ASP ASP A . n 
A 1 61 GLN 61 61 61 GLN GLN A . n 
A 1 62 ILE 62 62 62 ILE ILE A . n 
A 1 63 LEU 63 63 63 LEU LEU A . n 
A 1 64 ILE 64 64 64 ILE ILE A . n 
A 1 65 GLU 65 65 65 GLU GLU A . n 
A 1 66 ILE 66 66 66 ILE ILE A . n 
A 1 67 CYS 67 67 67 CYS CYS A . n 
A 1 68 GLY 68 68 68 GLY GLY A . n 
A 1 69 HIS 69 69 69 HIS HIS A . n 
A 1 70 LYS 70 70 70 LYS LYS A . n 
A 1 71 ALA 71 71 71 ALA ALA A . n 
A 1 72 ILE 72 72 72 ILE ILE A . n 
A 1 73 GLY 73 73 73 GLY GLY A . n 
A 1 74 THR 74 74 74 THR THR A . n 
A 1 75 VAL 75 75 75 VAL VAL A . n 
A 1 76 LEU 76 76 76 LEU LEU A . n 
A 1 77 VAL 77 77 77 VAL VAL A . n 
A 1 78 GLY 78 78 78 GLY GLY A . n 
A 1 79 PRO 79 79 79 PRO PRO A . n 
A 1 80 THR 80 80 80 THR THR A . n 
A 1 81 PRO 81 81 81 PRO PRO A . n 
A 1 82 ALA 82 82 82 ALA ALA A . n 
A 1 83 ASN 83 83 83 ASN ASN A . n 
A 1 84 ILE 84 84 84 ILE ILE A . n 
A 1 85 ILE 85 85 85 ILE ILE A . n 
A 1 86 GLY 86 86 86 GLY GLY A . n 
A 1 87 ARG 87 87 87 ARG ARG A . n 
A 1 88 ASN 88 88 88 ASN ASN A . n 
A 1 89 LEU 89 89 89 LEU LEU A . n 
A 1 90 LEU 90 90 90 LEU LEU A . n 
A 1 91 THR 91 91 91 THR THR A . n 
A 1 92 GLN 92 92 92 GLN GLN A . n 
A 1 93 ILE 93 93 93 ILE ILE A . n 
A 1 94 GLY 94 94 94 GLY GLY A . n 
A 1 95 CYS 95 95 95 CYS CYS A . n 
A 1 96 THR 96 96 96 THR THR A . n 
A 1 97 LEU 97 97 97 LEU LEU A . n 
A 1 98 ASN 98 98 98 ASN ASN A . n 
A 1 99 PHE 99 99 99 PHE PHE A . n 
B 1 1  PRO 1  1  1  PRO PRO B . n 
B 1 2  GLN 2  2  2  GLN GLN B . n 
B 1 3  ILE 3  3  3  ILE ILE B . n 
B 1 4  THR 4  4  4  THR THR B . n 
B 1 5  LEU 5  5  5  LEU LEU B . n 
B 1 6  TRP 6  6  6  TRP TRP B . n 
B 1 7  GLN 7  7  7  GLN GLN B . n 
B 1 8  ARG 8  8  8  ARG ARG B . n 
B 1 9  PRO 9  9  9  PRO PRO B . n 
B 1 10 LEU 10 10 10 LEU LEU B . n 
B 1 11 VAL 11 11 11 VAL VAL B . n 
B 1 12 THR 12 12 12 THR THR B . n 
B 1 13 ILE 13 13 13 ILE ILE B . n 
B 1 14 LYS 14 14 14 LYS LYS B . n 
B 1 15 ILE 15 15 15 ILE ILE B . n 
B 1 16 GLY 16 16 16 GLY GLY B . n 
B 1 17 GLY 17 17 17 GLY GLY B . n 
B 1 18 GLN 18 18 18 GLN GLN B . n 
B 1 19 LEU 19 19 19 LEU LEU B . n 
B 1 20 LYS 20 20 20 LYS LYS B . n 
B 1 21 GLU 21 21 21 GLU GLU B . n 
B 1 22 ALA 22 22 22 ALA ALA B . n 
B 1 23 LEU 23 23 23 LEU LEU B . n 
B 1 24 LEU 24 24 24 LEU LEU B . n 
B 1 25 ASP 25 25 25 ASP ASP B . n 
B 1 26 THR 26 26 26 THR THR B . n 
B 1 27 GLY 27 27 27 GLY GLY B . n 
B 1 28 ALA 28 28 28 ALA ALA B . n 
B 1 29 ASP 29 29 29 ASP ASP B . n 
B 1 30 ASP 30 30 30 ASP ASP B . n 
B 1 31 THR 31 31 31 THR THR B . n 
B 1 32 VAL 32 32 32 VAL VAL B . n 
B 1 33 LEU 33 33 33 LEU LEU B . n 
B 1 34 GLU 34 34 34 GLU GLU B . n 
B 1 35 GLU 35 35 35 GLU GLU B . n 
B 1 36 MET 36 36 36 MET MET B . n 
B 1 37 SER 37 37 37 SER SER B . n 
B 1 38 LEU 38 38 38 LEU LEU B . n 
B 1 39 PRO 39 39 39 PRO PRO B . n 
B 1 40 GLY 40 40 40 GLY GLY B . n 
B 1 41 LYS 41 41 41 LYS LYS B . n 
B 1 42 TRP 42 42 42 TRP TRP B . n 
B 1 43 LYS 43 43 43 LYS LYS B . n 
B 1 44 PRO 44 44 44 PRO PRO B . n 
B 1 45 LYS 45 45 45 LYS LYS B . n 
B 1 46 MET 46 46 46 MET MET B . n 
B 1 47 ILE 47 47 47 ILE ILE B . n 
B 1 48 GLY 48 48 48 GLY GLY B . n 
B 1 49 GLY 49 49 49 GLY GLY B . n 
B 1 50 ILE 50 50 50 ILE ILE B . n 
B 1 51 GLY 51 51 51 GLY GLY B . n 
B 1 52 GLY 52 52 52 GLY GLY B . n 
B 1 53 PHE 53 53 53 PHE PHE B . n 
B 1 54 ILE 54 54 54 ILE ILE B . n 
B 1 55 LYS 55 55 55 LYS LYS B . n 
B 1 56 VAL 56 56 56 VAL VAL B . n 
B 1 57 ARG 57 57 57 ARG ARG B . n 
B 1 58 GLN 58 58 58 GLN GLN B . n 
B 1 59 TYR 59 59 59 TYR TYR B . n 
B 1 60 ASP 60 60 60 ASP ASP B . n 
B 1 61 GLN 61 61 61 GLN GLN B . n 
B 1 62 ILE 62 62 62 ILE ILE B . n 
B 1 63 LEU 63 63 63 LEU LEU B . n 
B 1 64 ILE 64 64 64 ILE ILE B . n 
B 1 65 GLU 65 65 65 GLU GLU B . n 
B 1 66 ILE 66 66 66 ILE ILE B . n 
B 1 67 CYS 67 67 67 CYS CYS B . n 
B 1 68 GLY 68 68 68 GLY GLY B . n 
B 1 69 HIS 69 69 69 HIS HIS B . n 
B 1 70 LYS 70 70 70 LYS LYS B . n 
B 1 71 ALA 71 71 71 ALA ALA B . n 
B 1 72 ILE 72 72 72 ILE ILE B . n 
B 1 73 GLY 73 73 73 GLY GLY B . n 
B 1 74 THR 74 74 74 THR THR B . n 
B 1 75 VAL 75 75 75 VAL VAL B . n 
B 1 76 LEU 76 76 76 LEU LEU B . n 
B 1 77 VAL 77 77 77 VAL VAL B . n 
B 1 78 GLY 78 78 78 GLY GLY B . n 
B 1 79 PRO 79 79 79 PRO PRO B . n 
B 1 80 THR 80 80 80 THR THR B . n 
B 1 81 PRO 81 81 81 PRO PRO B . n 
B 1 82 ALA 82 82 82 ALA ALA B . n 
B 1 83 ASN 83 83 83 ASN ASN B . n 
B 1 84 ILE 84 84 84 ILE ILE B . n 
B 1 85 ILE 85 85 85 ILE ILE B . n 
B 1 86 GLY 86 86 86 GLY GLY B . n 
B 1 87 ARG 87 87 87 ARG ARG B . n 
B 1 88 ASN 88 88 88 ASN ASN B . n 
B 1 89 LEU 89 89 89 LEU LEU B . n 
B 1 90 LEU 90 90 90 LEU LEU B . n 
B 1 91 THR 91 91 91 THR THR B . n 
B 1 92 GLN 92 92 92 GLN GLN B . n 
B 1 93 ILE 93 93 93 ILE ILE B . n 
B 1 94 GLY 94 94 94 GLY GLY B . n 
B 1 95 CYS 95 95 95 CYS CYS B . n 
B 1 96 THR 96 96 96 THR THR B . n 
B 1 97 LEU 97 97 97 LEU LEU B . n 
B 1 98 ASN 98 98 98 ASN ASN B . n 
B 1 99 PHE 99 99 99 PHE PHE B . n 
# 
loop_
_pdbx_nonpoly_scheme.asym_id 
_pdbx_nonpoly_scheme.entity_id 
_pdbx_nonpoly_scheme.mon_id 
_pdbx_nonpoly_scheme.ndb_seq_num 
_pdbx_nonpoly_scheme.pdb_seq_num 
_pdbx_nonpoly_scheme.auth_seq_num 
_pdbx_nonpoly_scheme.pdb_mon_id 
_pdbx_nonpoly_scheme.auth_mon_id 
_pdbx_nonpoly_scheme.pdb_strand_id 
_pdbx_nonpoly_scheme.pdb_ins_code 
C 2 GOL 1  300 300 GOL GOL A . 
D 3 AI  1  845 845 AI  AI  B . 
E 4 HOH 1  301 1   HOH HOH A . 
E 4 HOH 2  302 3   HOH HOH A . 
E 4 HOH 3  303 4   HOH HOH A . 
E 4 HOH 4  304 10  HOH HOH A . 
E 4 HOH 5  305 11  HOH HOH A . 
E 4 HOH 6  306 13  HOH HOH A . 
E 4 HOH 7  307 14  HOH HOH A . 
E 4 HOH 8  308 16  HOH HOH A . 
E 4 HOH 9  309 18  HOH HOH A . 
E 4 HOH 10 310 19  HOH HOH A . 
E 4 HOH 11 311 20  HOH HOH A . 
E 4 HOH 12 312 24  HOH HOH A . 
E 4 HOH 13 313 25  HOH HOH A . 
E 4 HOH 14 314 26  HOH HOH A . 
E 4 HOH 15 315 30  HOH HOH A . 
E 4 HOH 16 316 32  HOH HOH A . 
E 4 HOH 17 317 34  HOH HOH A . 
E 4 HOH 18 318 35  HOH HOH A . 
E 4 HOH 19 319 40  HOH HOH A . 
E 4 HOH 20 320 43  HOH HOH A . 
E 4 HOH 21 321 44  HOH HOH A . 
E 4 HOH 22 322 45  HOH HOH A . 
E 4 HOH 23 323 46  HOH HOH A . 
E 4 HOH 24 324 50  HOH HOH A . 
E 4 HOH 25 325 51  HOH HOH A . 
E 4 HOH 26 326 52  HOH HOH A . 
E 4 HOH 27 327 55  HOH HOH A . 
E 4 HOH 28 328 58  HOH HOH A . 
E 4 HOH 29 329 70  HOH HOH A . 
E 4 HOH 30 330 74  HOH HOH A . 
E 4 HOH 31 331 76  HOH HOH A . 
E 4 HOH 32 332 78  HOH HOH A . 
E 4 HOH 33 333 80  HOH HOH A . 
E 4 HOH 34 334 81  HOH HOH A . 
E 4 HOH 35 335 82  HOH HOH A . 
E 4 HOH 36 336 83  HOH HOH A . 
E 4 HOH 37 337 85  HOH HOH A . 
E 4 HOH 38 338 89  HOH HOH A . 
F 4 HOH 1  846 2   HOH HOH B . 
F 4 HOH 2  847 5   HOH HOH B . 
F 4 HOH 3  848 6   HOH HOH B . 
F 4 HOH 4  849 7   HOH HOH B . 
F 4 HOH 5  850 8   HOH HOH B . 
F 4 HOH 6  851 9   HOH HOH B . 
F 4 HOH 7  852 12  HOH HOH B . 
F 4 HOH 8  853 15  HOH HOH B . 
F 4 HOH 9  854 17  HOH HOH B . 
F 4 HOH 10 855 21  HOH HOH B . 
F 4 HOH 11 856 22  HOH HOH B . 
F 4 HOH 12 857 23  HOH HOH B . 
F 4 HOH 13 858 27  HOH HOH B . 
F 4 HOH 14 859 28  HOH HOH B . 
F 4 HOH 15 860 29  HOH HOH B . 
F 4 HOH 16 861 31  HOH HOH B . 
F 4 HOH 17 862 33  HOH HOH B . 
F 4 HOH 18 863 36  HOH HOH B . 
F 4 HOH 19 864 37  HOH HOH B . 
F 4 HOH 20 865 38  HOH HOH B . 
F 4 HOH 21 866 41  HOH HOH B . 
F 4 HOH 22 867 42  HOH HOH B . 
F 4 HOH 23 868 47  HOH HOH B . 
F 4 HOH 24 869 48  HOH HOH B . 
F 4 HOH 25 870 49  HOH HOH B . 
F 4 HOH 26 871 53  HOH HOH B . 
F 4 HOH 27 872 56  HOH HOH B . 
F 4 HOH 28 873 57  HOH HOH B . 
F 4 HOH 29 874 59  HOH HOH B . 
F 4 HOH 30 875 60  HOH HOH B . 
F 4 HOH 31 876 71  HOH HOH B . 
F 4 HOH 32 877 72  HOH HOH B . 
F 4 HOH 33 878 73  HOH HOH B . 
F 4 HOH 34 879 75  HOH HOH B . 
F 4 HOH 35 880 77  HOH HOH B . 
F 4 HOH 36 881 79  HOH HOH B . 
F 4 HOH 37 882 84  HOH HOH B . 
F 4 HOH 38 883 87  HOH HOH B . 
F 4 HOH 39 884 88  HOH HOH B . 
# 
_pdbx_struct_assembly.id                   1 
_pdbx_struct_assembly.details              author_and_software_defined_assembly 
_pdbx_struct_assembly.method_details       PISA 
_pdbx_struct_assembly.oligomeric_details   dimeric 
_pdbx_struct_assembly.oligomeric_count     2 
# 
_pdbx_struct_assembly_gen.assembly_id       1 
_pdbx_struct_assembly_gen.oper_expression   1 
_pdbx_struct_assembly_gen.asym_id_list      A,B,C,D,E,F 
# 
loop_
_pdbx_struct_assembly_prop.biol_id 
_pdbx_struct_assembly_prop.type 
_pdbx_struct_assembly_prop.value 
_pdbx_struct_assembly_prop.details 
1 'ABSA (A^2)' 5630 ? 
1 MORE         -28  ? 
1 'SSA (A^2)'  9060 ? 
# 
_pdbx_struct_oper_list.id                   1 
_pdbx_struct_oper_list.type                 'identity operation' 
_pdbx_struct_oper_list.name                 1_555 
_pdbx_struct_oper_list.symmetry_operation   x,y,z 
_pdbx_struct_oper_list.matrix[1][1]         1.0000000000 
_pdbx_struct_oper_list.matrix[1][2]         0.0000000000 
_pdbx_struct_oper_list.matrix[1][3]         0.0000000000 
_pdbx_struct_oper_list.vector[1]            0.0000000000 
_pdbx_struct_oper_list.matrix[2][1]         0.0000000000 
_pdbx_struct_oper_list.matrix[2][2]         1.0000000000 
_pdbx_struct_oper_list.matrix[2][3]         0.0000000000 
_pdbx_struct_oper_list.vector[2]            0.0000000000 
_pdbx_struct_oper_list.matrix[3][1]         0.0000000000 
_pdbx_struct_oper_list.matrix[3][2]         0.0000000000 
_pdbx_struct_oper_list.matrix[3][3]         1.0000000000 
_pdbx_struct_oper_list.vector[3]            0.0000000000 
# 
loop_
_pdbx_audit_revision_history.ordinal 
_pdbx_audit_revision_history.data_content_type 
_pdbx_audit_revision_history.major_revision 
_pdbx_audit_revision_history.minor_revision 
_pdbx_audit_revision_history.revision_date 
1 'Structure model' 1 0 2007-01-16 
2 'Structure model' 1 1 2008-05-01 
3 'Structure model' 1 2 2011-07-13 
4 'Structure model' 1 3 2017-10-18 
5 'Structure model' 1 4 2021-10-20 
6 'Structure model' 1 5 2023-08-30 
# 
_pdbx_audit_revision_details.ordinal             1 
_pdbx_audit_revision_details.revision_ordinal    1 
_pdbx_audit_revision_details.data_content_type   'Structure model' 
_pdbx_audit_revision_details.provider            repository 
_pdbx_audit_revision_details.type                'Initial release' 
_pdbx_audit_revision_details.description         ? 
_pdbx_audit_revision_details.details             ? 
# 
loop_
_pdbx_audit_revision_group.ordinal 
_pdbx_audit_revision_group.revision_ordinal 
_pdbx_audit_revision_group.data_content_type 
_pdbx_audit_revision_group.group 
1 2 'Structure model' 'Version format compliance' 
2 3 'Structure model' 'Non-polymer description'   
3 3 'Structure model' 'Version format compliance' 
4 4 'Structure model' 'Refinement description'    
5 5 'Structure model' 'Database references'       
6 5 'Structure model' 'Derived calculations'      
7 6 'Structure model' 'Data collection'           
8 6 'Structure model' 'Refinement description'    
# 
loop_
_pdbx_audit_revision_category.ordinal 
_pdbx_audit_revision_category.revision_ordinal 
_pdbx_audit_revision_category.data_content_type 
_pdbx_audit_revision_category.category 
1 4 'Structure model' software                      
2 5 'Structure model' database_2                    
3 5 'Structure model' struct_ref_seq_dif            
4 5 'Structure model' struct_site                   
5 6 'Structure model' chem_comp_atom                
6 6 'Structure model' chem_comp_bond                
7 6 'Structure model' pdbx_initial_refinement_model 
# 
loop_
_pdbx_audit_revision_item.ordinal 
_pdbx_audit_revision_item.revision_ordinal 
_pdbx_audit_revision_item.data_content_type 
_pdbx_audit_revision_item.item 
1  4 'Structure model' '_software.classification'            
2  4 'Structure model' '_software.contact_author'            
3  4 'Structure model' '_software.contact_author_email'      
4  4 'Structure model' '_software.date'                      
5  4 'Structure model' '_software.language'                  
6  4 'Structure model' '_software.location'                  
7  4 'Structure model' '_software.name'                      
8  4 'Structure model' '_software.type'                      
9  4 'Structure model' '_software.version'                   
10 5 'Structure model' '_database_2.pdbx_DOI'                
11 5 'Structure model' '_database_2.pdbx_database_accession' 
12 5 'Structure model' '_struct_ref_seq_dif.details'         
13 5 'Structure model' '_struct_site.pdbx_auth_asym_id'      
14 5 'Structure model' '_struct_site.pdbx_auth_comp_id'      
15 5 'Structure model' '_struct_site.pdbx_auth_seq_id'       
# 
loop_
_software.name 
_software.version 
_software.date 
_software.type 
_software.contact_author 
_software.contact_author_email 
_software.classification 
_software.location 
_software.language 
_software.citation_id 
_software.pdbx_ordinal 
DENZO       .     ?               package 'Zbyszek Otwinowski' zbyszek@mix.swmed.edu    'data reduction'  
http://www.lnls.br/infra/linhasluz/denzo-hkl.htm ?          ? 1 
SCALEPACK   .     ?               package 'Zbyszek Otwinowski' zbyszek@mix.swmed.edu    'data scaling'    
http://www.lnls.br/infra/linhasluz/denzo-hkl.htm ?          ? 2 
CNS         1.1   ?               package 'Axel T. Brunger'    axel.brunger@yale.edu    refinement        
http://cns.csb.yale.edu/v1.1/                    Fortran_77 ? 3 
PDB_EXTRACT 1.701 'OCT. 28, 2005' package PDB                  sw-help@rcsb.rutgers.edu 'data extraction' 
http://pdb.rutgers.edu/software/                 C++        ? 4 
HKL-2000    .     ?               ?       ?                    ?                        'data reduction'  ? ?          ? 5 
CNS         .     ?               ?       ?                    ?                        phasing           ? ?          ? 6 
# 
loop_
_pdbx_validate_torsion.id 
_pdbx_validate_torsion.PDB_model_num 
_pdbx_validate_torsion.auth_comp_id 
_pdbx_validate_torsion.auth_asym_id 
_pdbx_validate_torsion.auth_seq_id 
_pdbx_validate_torsion.PDB_ins_code 
_pdbx_validate_torsion.label_alt_id 
_pdbx_validate_torsion.phi 
_pdbx_validate_torsion.psi 
1 1 PRO A 79 ? ? -73.13 44.57 
2 1 PRO B 79 ? ? -70.79 46.93 
# 
loop_
_chem_comp_atom.comp_id 
_chem_comp_atom.atom_id 
_chem_comp_atom.type_symbol 
_chem_comp_atom.pdbx_aromatic_flag 
_chem_comp_atom.pdbx_stereo_config 
_chem_comp_atom.pdbx_ordinal 
AI  C4   C Y N 1   
AI  C14  C N S 2   
AI  C5   C Y N 3   
AI  C6   C Y N 4   
AI  C11  C N N 5   
AI  C7   C Y N 6   
AI  C8   C N N 7   
AI  C9   C N S 8   
AI  C10  C N N 9   
AI  C12  C N N 10  
AI  C13  C N N 11  
AI  N1   N N N 12  
AI  N2   N Y N 13  
AI  C3   C Y N 14  
AI  N3   N N N 15  
AI  O1   O N N 16  
AI  C1   C N N 17  
AI  C2   C N N 18  
AI  O2   O N N 19  
AI  N4   N N N 20  
AI  C15  C N N 21  
AI  C16  C Y N 22  
AI  C17  C Y N 23  
AI  C18  C Y N 24  
AI  C19  C Y N 25  
AI  C20  C Y N 26  
AI  C21  C Y N 27  
AI  C22  C N S 28  
AI  O3   O N N 29  
AI  C23  C N S 30  
AI  O4   O N N 31  
AI  C24  C N S 32  
AI  C25  C N N 33  
AI  C26  C N N 34  
AI  C27  C N N 35  
AI  C28  C N N 36  
AI  C29  C N N 37  
AI  C30  C N N 38  
AI  C31  C N N 39  
AI  N5   N N N 40  
AI  C32  C N N 41  
AI  O5   O N N 42  
AI  C33  C N S 43  
AI  C34  C N N 44  
AI  C35  C N N 45  
AI  C36  C N N 46  
AI  N6   N N N 47  
AI  C37  C N N 48  
AI  O6   O N N 49  
AI  N7   N N N 50  
AI  C38  C N N 51  
AI  C39  C N N 52  
AI  C40  C Y N 53  
AI  C41  C Y N 54  
AI  N8   N Y N 55  
AI  C42  C Y N 56  
AI  C43  C Y N 57  
AI  C44  C Y N 58  
AI  H4   H N N 59  
AI  H14  H N N 60  
AI  H5   H N N 61  
AI  H6   H N N 62  
AI  H111 H N N 63  
AI  H112 H N N 64  
AI  H113 H N N 65  
AI  H7   H N N 66  
AI  H81  H N N 67  
AI  H82  H N N 68  
AI  H83  H N N 69  
AI  H9   H N N 70  
AI  H10  H N N 71  
AI  H121 H N N 72  
AI  H122 H N N 73  
AI  H123 H N N 74  
AI  HN3  H N N 75  
AI  H21A H N N 76  
AI  H22A H N N 77  
AI  HN4  H N N 78  
AI  H151 H N N 79  
AI  H152 H N N 80  
AI  H17  H N N 81  
AI  H18  H N N 82  
AI  H19  H N N 83  
AI  H20  H N N 84  
AI  H21  H N N 85  
AI  H22  H N N 86  
AI  HO3  H N N 87  
AI  H23  H N N 88  
AI  HO4  H N N 89  
AI  H24  H N N 90  
AI  H251 H N N 91  
AI  H252 H N N 92  
AI  H26  H N N 93  
AI  H271 H N N 94  
AI  H272 H N N 95  
AI  H281 H N N 96  
AI  H282 H N N 97  
AI  H291 H N N 98  
AI  H292 H N N 99  
AI  H301 H N N 100 
AI  H302 H N N 101 
AI  H311 H N N 102 
AI  H312 H N N 103 
AI  HN5  H N N 104 
AI  H33  H N N 105 
AI  H34  H N N 106 
AI  H351 H N N 107 
AI  H352 H N N 108 
AI  H353 H N N 109 
AI  H361 H N N 110 
AI  H362 H N N 111 
AI  H363 H N N 112 
AI  HN6  H N N 113 
AI  H381 H N N 114 
AI  H382 H N N 115 
AI  H383 H N N 116 
AI  H391 H N N 117 
AI  H392 H N N 118 
AI  H41  H N N 119 
AI  H42  H N N 120 
AI  H43  H N N 121 
AI  H44  H N N 122 
ALA N    N N N 123 
ALA CA   C N S 124 
ALA C    C N N 125 
ALA O    O N N 126 
ALA CB   C N N 127 
ALA OXT  O N N 128 
ALA H    H N N 129 
ALA H2   H N N 130 
ALA HA   H N N 131 
ALA HB1  H N N 132 
ALA HB2  H N N 133 
ALA HB3  H N N 134 
ALA HXT  H N N 135 
ARG N    N N N 136 
ARG CA   C N S 137 
ARG C    C N N 138 
ARG O    O N N 139 
ARG CB   C N N 140 
ARG CG   C N N 141 
ARG CD   C N N 142 
ARG NE   N N N 143 
ARG CZ   C N N 144 
ARG NH1  N N N 145 
ARG NH2  N N N 146 
ARG OXT  O N N 147 
ARG H    H N N 148 
ARG H2   H N N 149 
ARG HA   H N N 150 
ARG HB2  H N N 151 
ARG HB3  H N N 152 
ARG HG2  H N N 153 
ARG HG3  H N N 154 
ARG HD2  H N N 155 
ARG HD3  H N N 156 
ARG HE   H N N 157 
ARG HH11 H N N 158 
ARG HH12 H N N 159 
ARG HH21 H N N 160 
ARG HH22 H N N 161 
ARG HXT  H N N 162 
ASN N    N N N 163 
ASN CA   C N S 164 
ASN C    C N N 165 
ASN O    O N N 166 
ASN CB   C N N 167 
ASN CG   C N N 168 
ASN OD1  O N N 169 
ASN ND2  N N N 170 
ASN OXT  O N N 171 
ASN H    H N N 172 
ASN H2   H N N 173 
ASN HA   H N N 174 
ASN HB2  H N N 175 
ASN HB3  H N N 176 
ASN HD21 H N N 177 
ASN HD22 H N N 178 
ASN HXT  H N N 179 
ASP N    N N N 180 
ASP CA   C N S 181 
ASP C    C N N 182 
ASP O    O N N 183 
ASP CB   C N N 184 
ASP CG   C N N 185 
ASP OD1  O N N 186 
ASP OD2  O N N 187 
ASP OXT  O N N 188 
ASP H    H N N 189 
ASP H2   H N N 190 
ASP HA   H N N 191 
ASP HB2  H N N 192 
ASP HB3  H N N 193 
ASP HD2  H N N 194 
ASP HXT  H N N 195 
CYS N    N N N 196 
CYS CA   C N R 197 
CYS C    C N N 198 
CYS O    O N N 199 
CYS CB   C N N 200 
CYS SG   S N N 201 
CYS OXT  O N N 202 
CYS H    H N N 203 
CYS H2   H N N 204 
CYS HA   H N N 205 
CYS HB2  H N N 206 
CYS HB3  H N N 207 
CYS HG   H N N 208 
CYS HXT  H N N 209 
GLN N    N N N 210 
GLN CA   C N S 211 
GLN C    C N N 212 
GLN O    O N N 213 
GLN CB   C N N 214 
GLN CG   C N N 215 
GLN CD   C N N 216 
GLN OE1  O N N 217 
GLN NE2  N N N 218 
GLN OXT  O N N 219 
GLN H    H N N 220 
GLN H2   H N N 221 
GLN HA   H N N 222 
GLN HB2  H N N 223 
GLN HB3  H N N 224 
GLN HG2  H N N 225 
GLN HG3  H N N 226 
GLN HE21 H N N 227 
GLN HE22 H N N 228 
GLN HXT  H N N 229 
GLU N    N N N 230 
GLU CA   C N S 231 
GLU C    C N N 232 
GLU O    O N N 233 
GLU CB   C N N 234 
GLU CG   C N N 235 
GLU CD   C N N 236 
GLU OE1  O N N 237 
GLU OE2  O N N 238 
GLU OXT  O N N 239 
GLU H    H N N 240 
GLU H2   H N N 241 
GLU HA   H N N 242 
GLU HB2  H N N 243 
GLU HB3  H N N 244 
GLU HG2  H N N 245 
GLU HG3  H N N 246 
GLU HE2  H N N 247 
GLU HXT  H N N 248 
GLY N    N N N 249 
GLY CA   C N N 250 
GLY C    C N N 251 
GLY O    O N N 252 
GLY OXT  O N N 253 
GLY H    H N N 254 
GLY H2   H N N 255 
GLY HA2  H N N 256 
GLY HA3  H N N 257 
GLY HXT  H N N 258 
GOL C1   C N N 259 
GOL O1   O N N 260 
GOL C2   C N N 261 
GOL O2   O N N 262 
GOL C3   C N N 263 
GOL O3   O N N 264 
GOL H11  H N N 265 
GOL H12  H N N 266 
GOL HO1  H N N 267 
GOL H2   H N N 268 
GOL HO2  H N N 269 
GOL H31  H N N 270 
GOL H32  H N N 271 
GOL HO3  H N N 272 
HIS N    N N N 273 
HIS CA   C N S 274 
HIS C    C N N 275 
HIS O    O N N 276 
HIS CB   C N N 277 
HIS CG   C Y N 278 
HIS ND1  N Y N 279 
HIS CD2  C Y N 280 
HIS CE1  C Y N 281 
HIS NE2  N Y N 282 
HIS OXT  O N N 283 
HIS H    H N N 284 
HIS H2   H N N 285 
HIS HA   H N N 286 
HIS HB2  H N N 287 
HIS HB3  H N N 288 
HIS HD1  H N N 289 
HIS HD2  H N N 290 
HIS HE1  H N N 291 
HIS HE2  H N N 292 
HIS HXT  H N N 293 
HOH O    O N N 294 
HOH H1   H N N 295 
HOH H2   H N N 296 
ILE N    N N N 297 
ILE CA   C N S 298 
ILE C    C N N 299 
ILE O    O N N 300 
ILE CB   C N S 301 
ILE CG1  C N N 302 
ILE CG2  C N N 303 
ILE CD1  C N N 304 
ILE OXT  O N N 305 
ILE H    H N N 306 
ILE H2   H N N 307 
ILE HA   H N N 308 
ILE HB   H N N 309 
ILE HG12 H N N 310 
ILE HG13 H N N 311 
ILE HG21 H N N 312 
ILE HG22 H N N 313 
ILE HG23 H N N 314 
ILE HD11 H N N 315 
ILE HD12 H N N 316 
ILE HD13 H N N 317 
ILE HXT  H N N 318 
LEU N    N N N 319 
LEU CA   C N S 320 
LEU C    C N N 321 
LEU O    O N N 322 
LEU CB   C N N 323 
LEU CG   C N N 324 
LEU CD1  C N N 325 
LEU CD2  C N N 326 
LEU OXT  O N N 327 
LEU H    H N N 328 
LEU H2   H N N 329 
LEU HA   H N N 330 
LEU HB2  H N N 331 
LEU HB3  H N N 332 
LEU HG   H N N 333 
LEU HD11 H N N 334 
LEU HD12 H N N 335 
LEU HD13 H N N 336 
LEU HD21 H N N 337 
LEU HD22 H N N 338 
LEU HD23 H N N 339 
LEU HXT  H N N 340 
LYS N    N N N 341 
LYS CA   C N S 342 
LYS C    C N N 343 
LYS O    O N N 344 
LYS CB   C N N 345 
LYS CG   C N N 346 
LYS CD   C N N 347 
LYS CE   C N N 348 
LYS NZ   N N N 349 
LYS OXT  O N N 350 
LYS H    H N N 351 
LYS H2   H N N 352 
LYS HA   H N N 353 
LYS HB2  H N N 354 
LYS HB3  H N N 355 
LYS HG2  H N N 356 
LYS HG3  H N N 357 
LYS HD2  H N N 358 
LYS HD3  H N N 359 
LYS HE2  H N N 360 
LYS HE3  H N N 361 
LYS HZ1  H N N 362 
LYS HZ2  H N N 363 
LYS HZ3  H N N 364 
LYS HXT  H N N 365 
MET N    N N N 366 
MET CA   C N S 367 
MET C    C N N 368 
MET O    O N N 369 
MET CB   C N N 370 
MET CG   C N N 371 
MET SD   S N N 372 
MET CE   C N N 373 
MET OXT  O N N 374 
MET H    H N N 375 
MET H2   H N N 376 
MET HA   H N N 377 
MET HB2  H N N 378 
MET HB3  H N N 379 
MET HG2  H N N 380 
MET HG3  H N N 381 
MET HE1  H N N 382 
MET HE2  H N N 383 
MET HE3  H N N 384 
MET HXT  H N N 385 
PHE N    N N N 386 
PHE CA   C N S 387 
PHE C    C N N 388 
PHE O    O N N 389 
PHE CB   C N N 390 
PHE CG   C Y N 391 
PHE CD1  C Y N 392 
PHE CD2  C Y N 393 
PHE CE1  C Y N 394 
PHE CE2  C Y N 395 
PHE CZ   C Y N 396 
PHE OXT  O N N 397 
PHE H    H N N 398 
PHE H2   H N N 399 
PHE HA   H N N 400 
PHE HB2  H N N 401 
PHE HB3  H N N 402 
PHE HD1  H N N 403 
PHE HD2  H N N 404 
PHE HE1  H N N 405 
PHE HE2  H N N 406 
PHE HZ   H N N 407 
PHE HXT  H N N 408 
PRO N    N N N 409 
PRO CA   C N S 410 
PRO C    C N N 411 
PRO O    O N N 412 
PRO CB   C N N 413 
PRO CG   C N N 414 
PRO CD   C N N 415 
PRO OXT  O N N 416 
PRO H    H N N 417 
PRO HA   H N N 418 
PRO HB2  H N N 419 
PRO HB3  H N N 420 
PRO HG2  H N N 421 
PRO HG3  H N N 422 
PRO HD2  H N N 423 
PRO HD3  H N N 424 
PRO HXT  H N N 425 
SER N    N N N 426 
SER CA   C N S 427 
SER C    C N N 428 
SER O    O N N 429 
SER CB   C N N 430 
SER OG   O N N 431 
SER OXT  O N N 432 
SER H    H N N 433 
SER H2   H N N 434 
SER HA   H N N 435 
SER HB2  H N N 436 
SER HB3  H N N 437 
SER HG   H N N 438 
SER HXT  H N N 439 
THR N    N N N 440 
THR CA   C N S 441 
THR C    C N N 442 
THR O    O N N 443 
THR CB   C N R 444 
THR OG1  O N N 445 
THR CG2  C N N 446 
THR OXT  O N N 447 
THR H    H N N 448 
THR H2   H N N 449 
THR HA   H N N 450 
THR HB   H N N 451 
THR HG1  H N N 452 
THR HG21 H N N 453 
THR HG22 H N N 454 
THR HG23 H N N 455 
THR HXT  H N N 456 
TRP N    N N N 457 
TRP CA   C N S 458 
TRP C    C N N 459 
TRP O    O N N 460 
TRP CB   C N N 461 
TRP CG   C Y N 462 
TRP CD1  C Y N 463 
TRP CD2  C Y N 464 
TRP NE1  N Y N 465 
TRP CE2  C Y N 466 
TRP CE3  C Y N 467 
TRP CZ2  C Y N 468 
TRP CZ3  C Y N 469 
TRP CH2  C Y N 470 
TRP OXT  O N N 471 
TRP H    H N N 472 
TRP H2   H N N 473 
TRP HA   H N N 474 
TRP HB2  H N N 475 
TRP HB3  H N N 476 
TRP HD1  H N N 477 
TRP HE1  H N N 478 
TRP HE3  H N N 479 
TRP HZ2  H N N 480 
TRP HZ3  H N N 481 
TRP HH2  H N N 482 
TRP HXT  H N N 483 
TYR N    N N N 484 
TYR CA   C N S 485 
TYR C    C N N 486 
TYR O    O N N 487 
TYR CB   C N N 488 
TYR CG   C Y N 489 
TYR CD1  C Y N 490 
TYR CD2  C Y N 491 
TYR CE1  C Y N 492 
TYR CE2  C Y N 493 
TYR CZ   C Y N 494 
TYR OH   O N N 495 
TYR OXT  O N N 496 
TYR H    H N N 497 
TYR H2   H N N 498 
TYR HA   H N N 499 
TYR HB2  H N N 500 
TYR HB3  H N N 501 
TYR HD1  H N N 502 
TYR HD2  H N N 503 
TYR HE1  H N N 504 
TYR HE2  H N N 505 
TYR HH   H N N 506 
TYR HXT  H N N 507 
VAL N    N N N 508 
VAL CA   C N S 509 
VAL C    C N N 510 
VAL O    O N N 511 
VAL CB   C N N 512 
VAL CG1  C N N 513 
VAL CG2  C N N 514 
VAL OXT  O N N 515 
VAL H    H N N 516 
VAL H2   H N N 517 
VAL HA   H N N 518 
VAL HB   H N N 519 
VAL HG11 H N N 520 
VAL HG12 H N N 521 
VAL HG13 H N N 522 
VAL HG21 H N N 523 
VAL HG22 H N N 524 
VAL HG23 H N N 525 
VAL HXT  H N N 526 
# 
loop_
_chem_comp_bond.comp_id 
_chem_comp_bond.atom_id_1 
_chem_comp_bond.atom_id_2 
_chem_comp_bond.value_order 
_chem_comp_bond.pdbx_aromatic_flag 
_chem_comp_bond.pdbx_stereo_config 
_chem_comp_bond.pdbx_ordinal 
AI  C4  C5   sing Y N 1   
AI  C4  N2   doub Y N 2   
AI  C4  H4   sing N N 3   
AI  C14 N4   sing N N 4   
AI  C14 C15  sing N N 5   
AI  C14 C22  sing N N 6   
AI  C14 H14  sing N N 7   
AI  C5  C6   doub Y N 8   
AI  C5  H5   sing N N 9   
AI  C6  C7   sing Y N 10  
AI  C6  H6   sing N N 11  
AI  C11 C10  sing N N 12  
AI  C11 H111 sing N N 13  
AI  C11 H112 sing N N 14  
AI  C11 H113 sing N N 15  
AI  C7  C3   doub Y N 16  
AI  C7  H7   sing N N 17  
AI  C8  N1   sing N N 18  
AI  C8  H81  sing N N 19  
AI  C8  H82  sing N N 20  
AI  C8  H83  sing N N 21  
AI  C9  C10  sing N N 22  
AI  C9  C13  sing N N 23  
AI  C9  N3   sing N N 24  
AI  C9  H9   sing N N 25  
AI  C10 C12  sing N N 26  
AI  C10 H10  sing N N 27  
AI  C12 H121 sing N N 28  
AI  C12 H122 sing N N 29  
AI  C12 H123 sing N N 30  
AI  C13 O2   doub N N 31  
AI  C13 N4   sing N N 32  
AI  N1  C1   sing N N 33  
AI  N1  C2   sing N N 34  
AI  N2  C3   sing Y N 35  
AI  C3  C2   sing N N 36  
AI  N3  C1   sing N N 37  
AI  N3  HN3  sing N N 38  
AI  O1  C1   doub N N 39  
AI  C2  H21A sing N N 40  
AI  C2  H22A sing N N 41  
AI  N4  HN4  sing N N 42  
AI  C15 C16  sing N N 43  
AI  C15 H151 sing N N 44  
AI  C15 H152 sing N N 45  
AI  C16 C17  sing Y N 46  
AI  C16 C21  doub Y N 47  
AI  C17 C18  doub Y N 48  
AI  C17 H17  sing N N 49  
AI  C18 C19  sing Y N 50  
AI  C18 H18  sing N N 51  
AI  C19 C20  doub Y N 52  
AI  C19 H19  sing N N 53  
AI  C20 C21  sing Y N 54  
AI  C20 H20  sing N N 55  
AI  C21 H21  sing N N 56  
AI  C22 O3   sing N N 57  
AI  C22 C23  sing N N 58  
AI  C22 H22  sing N N 59  
AI  O3  HO3  sing N N 60  
AI  C23 O4   sing N N 61  
AI  C23 C24  sing N N 62  
AI  C23 H23  sing N N 63  
AI  O4  HO4  sing N N 64  
AI  C24 C25  sing N N 65  
AI  C24 N5   sing N N 66  
AI  C24 H24  sing N N 67  
AI  C25 C26  sing N N 68  
AI  C25 H251 sing N N 69  
AI  C25 H252 sing N N 70  
AI  C26 C27  sing N N 71  
AI  C26 C31  sing N N 72  
AI  C26 H26  sing N N 73  
AI  C27 C28  sing N N 74  
AI  C27 H271 sing N N 75  
AI  C27 H272 sing N N 76  
AI  C28 C29  sing N N 77  
AI  C28 H281 sing N N 78  
AI  C28 H282 sing N N 79  
AI  C29 C30  sing N N 80  
AI  C29 H291 sing N N 81  
AI  C29 H292 sing N N 82  
AI  C30 C31  sing N N 83  
AI  C30 H301 sing N N 84  
AI  C30 H302 sing N N 85  
AI  C31 H311 sing N N 86  
AI  C31 H312 sing N N 87  
AI  N5  C32  sing N N 88  
AI  N5  HN5  sing N N 89  
AI  C32 O5   doub N N 90  
AI  C32 C33  sing N N 91  
AI  C33 C34  sing N N 92  
AI  C33 N6   sing N N 93  
AI  C33 H33  sing N N 94  
AI  C34 C35  sing N N 95  
AI  C34 C36  sing N N 96  
AI  C34 H34  sing N N 97  
AI  C35 H351 sing N N 98  
AI  C35 H352 sing N N 99  
AI  C35 H353 sing N N 100 
AI  C36 H361 sing N N 101 
AI  C36 H362 sing N N 102 
AI  C36 H363 sing N N 103 
AI  N6  C37  sing N N 104 
AI  N6  HN6  sing N N 105 
AI  C37 O6   doub N N 106 
AI  C37 N7   sing N N 107 
AI  N7  C38  sing N N 108 
AI  N7  C39  sing N N 109 
AI  C38 H381 sing N N 110 
AI  C38 H382 sing N N 111 
AI  C38 H383 sing N N 112 
AI  C39 C40  sing N N 113 
AI  C39 H391 sing N N 114 
AI  C39 H392 sing N N 115 
AI  C40 C41  sing Y N 116 
AI  C40 N8   doub Y N 117 
AI  C41 C44  doub Y N 118 
AI  C41 H41  sing N N 119 
AI  N8  C42  sing Y N 120 
AI  C42 C43  doub Y N 121 
AI  C42 H42  sing N N 122 
AI  C43 C44  sing Y N 123 
AI  C43 H43  sing N N 124 
AI  C44 H44  sing N N 125 
ALA N   CA   sing N N 126 
ALA N   H    sing N N 127 
ALA N   H2   sing N N 128 
ALA CA  C    sing N N 129 
ALA CA  CB   sing N N 130 
ALA CA  HA   sing N N 131 
ALA C   O    doub N N 132 
ALA C   OXT  sing N N 133 
ALA CB  HB1  sing N N 134 
ALA CB  HB2  sing N N 135 
ALA CB  HB3  sing N N 136 
ALA OXT HXT  sing N N 137 
ARG N   CA   sing N N 138 
ARG N   H    sing N N 139 
ARG N   H2   sing N N 140 
ARG CA  C    sing N N 141 
ARG CA  CB   sing N N 142 
ARG CA  HA   sing N N 143 
ARG C   O    doub N N 144 
ARG C   OXT  sing N N 145 
ARG CB  CG   sing N N 146 
ARG CB  HB2  sing N N 147 
ARG CB  HB3  sing N N 148 
ARG CG  CD   sing N N 149 
ARG CG  HG2  sing N N 150 
ARG CG  HG3  sing N N 151 
ARG CD  NE   sing N N 152 
ARG CD  HD2  sing N N 153 
ARG CD  HD3  sing N N 154 
ARG NE  CZ   sing N N 155 
ARG NE  HE   sing N N 156 
ARG CZ  NH1  sing N N 157 
ARG CZ  NH2  doub N N 158 
ARG NH1 HH11 sing N N 159 
ARG NH1 HH12 sing N N 160 
ARG NH2 HH21 sing N N 161 
ARG NH2 HH22 sing N N 162 
ARG OXT HXT  sing N N 163 
ASN N   CA   sing N N 164 
ASN N   H    sing N N 165 
ASN N   H2   sing N N 166 
ASN CA  C    sing N N 167 
ASN CA  CB   sing N N 168 
ASN CA  HA   sing N N 169 
ASN C   O    doub N N 170 
ASN C   OXT  sing N N 171 
ASN CB  CG   sing N N 172 
ASN CB  HB2  sing N N 173 
ASN CB  HB3  sing N N 174 
ASN CG  OD1  doub N N 175 
ASN CG  ND2  sing N N 176 
ASN ND2 HD21 sing N N 177 
ASN ND2 HD22 sing N N 178 
ASN OXT HXT  sing N N 179 
ASP N   CA   sing N N 180 
ASP N   H    sing N N 181 
ASP N   H2   sing N N 182 
ASP CA  C    sing N N 183 
ASP CA  CB   sing N N 184 
ASP CA  HA   sing N N 185 
ASP C   O    doub N N 186 
ASP C   OXT  sing N N 187 
ASP CB  CG   sing N N 188 
ASP CB  HB2  sing N N 189 
ASP CB  HB3  sing N N 190 
ASP CG  OD1  doub N N 191 
ASP CG  OD2  sing N N 192 
ASP OD2 HD2  sing N N 193 
ASP OXT HXT  sing N N 194 
CYS N   CA   sing N N 195 
CYS N   H    sing N N 196 
CYS N   H2   sing N N 197 
CYS CA  C    sing N N 198 
CYS CA  CB   sing N N 199 
CYS CA  HA   sing N N 200 
CYS C   O    doub N N 201 
CYS C   OXT  sing N N 202 
CYS CB  SG   sing N N 203 
CYS CB  HB2  sing N N 204 
CYS CB  HB3  sing N N 205 
CYS SG  HG   sing N N 206 
CYS OXT HXT  sing N N 207 
GLN N   CA   sing N N 208 
GLN N   H    sing N N 209 
GLN N   H2   sing N N 210 
GLN CA  C    sing N N 211 
GLN CA  CB   sing N N 212 
GLN CA  HA   sing N N 213 
GLN C   O    doub N N 214 
GLN C   OXT  sing N N 215 
GLN CB  CG   sing N N 216 
GLN CB  HB2  sing N N 217 
GLN CB  HB3  sing N N 218 
GLN CG  CD   sing N N 219 
GLN CG  HG2  sing N N 220 
GLN CG  HG3  sing N N 221 
GLN CD  OE1  doub N N 222 
GLN CD  NE2  sing N N 223 
GLN NE2 HE21 sing N N 224 
GLN NE2 HE22 sing N N 225 
GLN OXT HXT  sing N N 226 
GLU N   CA   sing N N 227 
GLU N   H    sing N N 228 
GLU N   H2   sing N N 229 
GLU CA  C    sing N N 230 
GLU CA  CB   sing N N 231 
GLU CA  HA   sing N N 232 
GLU C   O    doub N N 233 
GLU C   OXT  sing N N 234 
GLU CB  CG   sing N N 235 
GLU CB  HB2  sing N N 236 
GLU CB  HB3  sing N N 237 
GLU CG  CD   sing N N 238 
GLU CG  HG2  sing N N 239 
GLU CG  HG3  sing N N 240 
GLU CD  OE1  doub N N 241 
GLU CD  OE2  sing N N 242 
GLU OE2 HE2  sing N N 243 
GLU OXT HXT  sing N N 244 
GLY N   CA   sing N N 245 
GLY N   H    sing N N 246 
GLY N   H2   sing N N 247 
GLY CA  C    sing N N 248 
GLY CA  HA2  sing N N 249 
GLY CA  HA3  sing N N 250 
GLY C   O    doub N N 251 
GLY C   OXT  sing N N 252 
GLY OXT HXT  sing N N 253 
GOL C1  O1   sing N N 254 
GOL C1  C2   sing N N 255 
GOL C1  H11  sing N N 256 
GOL C1  H12  sing N N 257 
GOL O1  HO1  sing N N 258 
GOL C2  O2   sing N N 259 
GOL C2  C3   sing N N 260 
GOL C2  H2   sing N N 261 
GOL O2  HO2  sing N N 262 
GOL C3  O3   sing N N 263 
GOL C3  H31  sing N N 264 
GOL C3  H32  sing N N 265 
GOL O3  HO3  sing N N 266 
HIS N   CA   sing N N 267 
HIS N   H    sing N N 268 
HIS N   H2   sing N N 269 
HIS CA  C    sing N N 270 
HIS CA  CB   sing N N 271 
HIS CA  HA   sing N N 272 
HIS C   O    doub N N 273 
HIS C   OXT  sing N N 274 
HIS CB  CG   sing N N 275 
HIS CB  HB2  sing N N 276 
HIS CB  HB3  sing N N 277 
HIS CG  ND1  sing Y N 278 
HIS CG  CD2  doub Y N 279 
HIS ND1 CE1  doub Y N 280 
HIS ND1 HD1  sing N N 281 
HIS CD2 NE2  sing Y N 282 
HIS CD2 HD2  sing N N 283 
HIS CE1 NE2  sing Y N 284 
HIS CE1 HE1  sing N N 285 
HIS NE2 HE2  sing N N 286 
HIS OXT HXT  sing N N 287 
HOH O   H1   sing N N 288 
HOH O   H2   sing N N 289 
ILE N   CA   sing N N 290 
ILE N   H    sing N N 291 
ILE N   H2   sing N N 292 
ILE CA  C    sing N N 293 
ILE CA  CB   sing N N 294 
ILE CA  HA   sing N N 295 
ILE C   O    doub N N 296 
ILE C   OXT  sing N N 297 
ILE CB  CG1  sing N N 298 
ILE CB  CG2  sing N N 299 
ILE CB  HB   sing N N 300 
ILE CG1 CD1  sing N N 301 
ILE CG1 HG12 sing N N 302 
ILE CG1 HG13 sing N N 303 
ILE CG2 HG21 sing N N 304 
ILE CG2 HG22 sing N N 305 
ILE CG2 HG23 sing N N 306 
ILE CD1 HD11 sing N N 307 
ILE CD1 HD12 sing N N 308 
ILE CD1 HD13 sing N N 309 
ILE OXT HXT  sing N N 310 
LEU N   CA   sing N N 311 
LEU N   H    sing N N 312 
LEU N   H2   sing N N 313 
LEU CA  C    sing N N 314 
LEU CA  CB   sing N N 315 
LEU CA  HA   sing N N 316 
LEU C   O    doub N N 317 
LEU C   OXT  sing N N 318 
LEU CB  CG   sing N N 319 
LEU CB  HB2  sing N N 320 
LEU CB  HB3  sing N N 321 
LEU CG  CD1  sing N N 322 
LEU CG  CD2  sing N N 323 
LEU CG  HG   sing N N 324 
LEU CD1 HD11 sing N N 325 
LEU CD1 HD12 sing N N 326 
LEU CD1 HD13 sing N N 327 
LEU CD2 HD21 sing N N 328 
LEU CD2 HD22 sing N N 329 
LEU CD2 HD23 sing N N 330 
LEU OXT HXT  sing N N 331 
LYS N   CA   sing N N 332 
LYS N   H    sing N N 333 
LYS N   H2   sing N N 334 
LYS CA  C    sing N N 335 
LYS CA  CB   sing N N 336 
LYS CA  HA   sing N N 337 
LYS C   O    doub N N 338 
LYS C   OXT  sing N N 339 
LYS CB  CG   sing N N 340 
LYS CB  HB2  sing N N 341 
LYS CB  HB3  sing N N 342 
LYS CG  CD   sing N N 343 
LYS CG  HG2  sing N N 344 
LYS CG  HG3  sing N N 345 
LYS CD  CE   sing N N 346 
LYS CD  HD2  sing N N 347 
LYS CD  HD3  sing N N 348 
LYS CE  NZ   sing N N 349 
LYS CE  HE2  sing N N 350 
LYS CE  HE3  sing N N 351 
LYS NZ  HZ1  sing N N 352 
LYS NZ  HZ2  sing N N 353 
LYS NZ  HZ3  sing N N 354 
LYS OXT HXT  sing N N 355 
MET N   CA   sing N N 356 
MET N   H    sing N N 357 
MET N   H2   sing N N 358 
MET CA  C    sing N N 359 
MET CA  CB   sing N N 360 
MET CA  HA   sing N N 361 
MET C   O    doub N N 362 
MET C   OXT  sing N N 363 
MET CB  CG   sing N N 364 
MET CB  HB2  sing N N 365 
MET CB  HB3  sing N N 366 
MET CG  SD   sing N N 367 
MET CG  HG2  sing N N 368 
MET CG  HG3  sing N N 369 
MET SD  CE   sing N N 370 
MET CE  HE1  sing N N 371 
MET CE  HE2  sing N N 372 
MET CE  HE3  sing N N 373 
MET OXT HXT  sing N N 374 
PHE N   CA   sing N N 375 
PHE N   H    sing N N 376 
PHE N   H2   sing N N 377 
PHE CA  C    sing N N 378 
PHE CA  CB   sing N N 379 
PHE CA  HA   sing N N 380 
PHE C   O    doub N N 381 
PHE C   OXT  sing N N 382 
PHE CB  CG   sing N N 383 
PHE CB  HB2  sing N N 384 
PHE CB  HB3  sing N N 385 
PHE CG  CD1  doub Y N 386 
PHE CG  CD2  sing Y N 387 
PHE CD1 CE1  sing Y N 388 
PHE CD1 HD1  sing N N 389 
PHE CD2 CE2  doub Y N 390 
PHE CD2 HD2  sing N N 391 
PHE CE1 CZ   doub Y N 392 
PHE CE1 HE1  sing N N 393 
PHE CE2 CZ   sing Y N 394 
PHE CE2 HE2  sing N N 395 
PHE CZ  HZ   sing N N 396 
PHE OXT HXT  sing N N 397 
PRO N   CA   sing N N 398 
PRO N   CD   sing N N 399 
PRO N   H    sing N N 400 
PRO CA  C    sing N N 401 
PRO CA  CB   sing N N 402 
PRO CA  HA   sing N N 403 
PRO C   O    doub N N 404 
PRO C   OXT  sing N N 405 
PRO CB  CG   sing N N 406 
PRO CB  HB2  sing N N 407 
PRO CB  HB3  sing N N 408 
PRO CG  CD   sing N N 409 
PRO CG  HG2  sing N N 410 
PRO CG  HG3  sing N N 411 
PRO CD  HD2  sing N N 412 
PRO CD  HD3  sing N N 413 
PRO OXT HXT  sing N N 414 
SER N   CA   sing N N 415 
SER N   H    sing N N 416 
SER N   H2   sing N N 417 
SER CA  C    sing N N 418 
SER CA  CB   sing N N 419 
SER CA  HA   sing N N 420 
SER C   O    doub N N 421 
SER C   OXT  sing N N 422 
SER CB  OG   sing N N 423 
SER CB  HB2  sing N N 424 
SER CB  HB3  sing N N 425 
SER OG  HG   sing N N 426 
SER OXT HXT  sing N N 427 
THR N   CA   sing N N 428 
THR N   H    sing N N 429 
THR N   H2   sing N N 430 
THR CA  C    sing N N 431 
THR CA  CB   sing N N 432 
THR CA  HA   sing N N 433 
THR C   O    doub N N 434 
THR C   OXT  sing N N 435 
THR CB  OG1  sing N N 436 
THR CB  CG2  sing N N 437 
THR CB  HB   sing N N 438 
THR OG1 HG1  sing N N 439 
THR CG2 HG21 sing N N 440 
THR CG2 HG22 sing N N 441 
THR CG2 HG23 sing N N 442 
THR OXT HXT  sing N N 443 
TRP N   CA   sing N N 444 
TRP N   H    sing N N 445 
TRP N   H2   sing N N 446 
TRP CA  C    sing N N 447 
TRP CA  CB   sing N N 448 
TRP CA  HA   sing N N 449 
TRP C   O    doub N N 450 
TRP C   OXT  sing N N 451 
TRP CB  CG   sing N N 452 
TRP CB  HB2  sing N N 453 
TRP CB  HB3  sing N N 454 
TRP CG  CD1  doub Y N 455 
TRP CG  CD2  sing Y N 456 
TRP CD1 NE1  sing Y N 457 
TRP CD1 HD1  sing N N 458 
TRP CD2 CE2  doub Y N 459 
TRP CD2 CE3  sing Y N 460 
TRP NE1 CE2  sing Y N 461 
TRP NE1 HE1  sing N N 462 
TRP CE2 CZ2  sing Y N 463 
TRP CE3 CZ3  doub Y N 464 
TRP CE3 HE3  sing N N 465 
TRP CZ2 CH2  doub Y N 466 
TRP CZ2 HZ2  sing N N 467 
TRP CZ3 CH2  sing Y N 468 
TRP CZ3 HZ3  sing N N 469 
TRP CH2 HH2  sing N N 470 
TRP OXT HXT  sing N N 471 
TYR N   CA   sing N N 472 
TYR N   H    sing N N 473 
TYR N   H2   sing N N 474 
TYR CA  C    sing N N 475 
TYR CA  CB   sing N N 476 
TYR CA  HA   sing N N 477 
TYR C   O    doub N N 478 
TYR C   OXT  sing N N 479 
TYR CB  CG   sing N N 480 
TYR CB  HB2  sing N N 481 
TYR CB  HB3  sing N N 482 
TYR CG  CD1  doub Y N 483 
TYR CG  CD2  sing Y N 484 
TYR CD1 CE1  sing Y N 485 
TYR CD1 HD1  sing N N 486 
TYR CD2 CE2  doub Y N 487 
TYR CD2 HD2  sing N N 488 
TYR CE1 CZ   doub Y N 489 
TYR CE1 HE1  sing N N 490 
TYR CE2 CZ   sing Y N 491 
TYR CE2 HE2  sing N N 492 
TYR CZ  OH   sing N N 493 
TYR OH  HH   sing N N 494 
TYR OXT HXT  sing N N 495 
VAL N   CA   sing N N 496 
VAL N   H    sing N N 497 
VAL N   H2   sing N N 498 
VAL CA  C    sing N N 499 
VAL CA  CB   sing N N 500 
VAL CA  HA   sing N N 501 
VAL C   O    doub N N 502 
VAL C   OXT  sing N N 503 
VAL CB  CG1  sing N N 504 
VAL CB  CG2  sing N N 505 
VAL CB  HB   sing N N 506 
VAL CG1 HG11 sing N N 507 
VAL CG1 HG12 sing N N 508 
VAL CG1 HG13 sing N N 509 
VAL CG2 HG21 sing N N 510 
VAL CG2 HG22 sing N N 511 
VAL CG2 HG23 sing N N 512 
VAL OXT HXT  sing N N 513 
# 
loop_
_pdbx_entity_nonpoly.entity_id 
_pdbx_entity_nonpoly.name 
_pdbx_entity_nonpoly.comp_id 
2 GLYCEROL GOL 
3 
;(2S,2'S)-N,N'-[(2S,3S,4S,5S)-1-CYCLOHEXYL-3,4-DIHYDROXY-6-PHENYLHEXANE-2,5-DIYL]BIS[3-METHYL-2-({[METHYL(PYRIDIN-2-YLMETHYL)AMINO]CARBONYL}AMINO)BUTANAMIDE]
;
AI  
4 water HOH 
# 
_pdbx_initial_refinement_model.id               1 
_pdbx_initial_refinement_model.entity_id_list   ? 
_pdbx_initial_refinement_model.type             'experimental model' 
_pdbx_initial_refinement_model.source_name      PDB 
_pdbx_initial_refinement_model.accession_code   1HXW 
_pdbx_initial_refinement_model.details          ? 
# 
